data_8TL3
#
_entry.id   8TL3
#
_cell.length_a   1.00
_cell.length_b   1.00
_cell.length_c   1.00
_cell.angle_alpha   90.00
_cell.angle_beta   90.00
_cell.angle_gamma   90.00
#
_symmetry.space_group_name_H-M   'P 1'
#
loop_
_entity.id
_entity.type
_entity.pdbx_description
1 polymer 'BG505 DS-SOSIP glycoprotein gp120'
2 polymer 'BG505 DS-SOSIP glycoprotein gp41'
3 polymer 'DJ85-d.01 FAB HEAVY CHAIN'
4 polymer 'DJ85-d.01 FAB LIGHT CHAIN'
5 branched 2-acetamido-2-deoxy-beta-D-glucopyranose-(1-4)-2-acetamido-2-deoxy-beta-D-glucopyranose
6 branched alpha-D-mannopyranose-(1-2)-alpha-D-mannopyranose-(1-3)-beta-D-mannopyranose-(1-4)-2-acetamido-2-deoxy-beta-D-glucopyranose-(1-4)-2-acetamido-2-deoxy-beta-D-glucopyranose
7 non-polymer 2-acetamido-2-deoxy-beta-D-glucopyranose
#
loop_
_entity_poly.entity_id
_entity_poly.type
_entity_poly.pdbx_seq_one_letter_code
_entity_poly.pdbx_strand_id
1 'polypeptide(L)'
;AENLWVTVYYGVPVWKDAETTLFCASDAKAYETEKHNVWATHACVPTDPNPQEIHLENVTEEFNMWKNNMVEQMHTDIIS
LWDQSLKPCVKLTPLCVTLQCTNVTNNITDDMRGELKNCSFNMTTELRDKKQKVYSLFYRLDVVQINENQGNRSNNSNKE
YRLINCNTSACTQACPKVSFEPIPIHYCAPAGFAILKCKDKKFNGTGPCPSVSTVQCTHGIKPVVSTQLLLNGSLAEEEV
MIRSENITNNAKNILVQFNTPVQINCTRPNNNTRKSIRIGPGQAFYATGDIIGDIRQAHCNVSKATWNETLGKVVKQLRK
HFGNNTIIRFANSSGGDLEVTTHSFNCGGEFFYCNTSGLFNSTWISNTSVQGSNSTGSNDSITLPCRIKQIINMWQRIGQ
CMYAPPIQGVIRCVSNITGLILTRDGGSTNSTTETFRPGGGDMRDNWRSELYKYKVVKIEPLGVAPTRCKRRVVGRRRRR
R
;
A,C,E
2 'polypeptide(L)'
;AVGIGAVFLGFLGAAGSTMGAASMTLTVQARNLLSGIVQQQSNLLRAPEAQQHLLKLTVWGIKQLQARVLAVERYLRDQQ
LLGIWGCSGKLICCTNVPWNSSWSNRNLSEIWDNMTWLQWDKEISNYTQIIYGLLEESQNQQEKNEQDLLALD
;
B,D,F
3 'polypeptide(L)'
;QVQLHESGPGLVKPSETLSLTCAVSGASISGNYYWNWIRQSPGRGLEWIGNIHGNGATTQYNPSLKSRVTISQDTSKNQV
FLNLNSMTAADTAIYYCATQFRTYVGSHLFSYSDFWGQGVLVTVSSASTKGPSVFPLAPSSRSTSESTAALGCLVKDYFP
EPVTVSWNSGSLTSGVHTFPAVLQSSGLYSLSSVVTVPSSSLGTQTYVCNVNHKPSNTKVDKRVEIKTCGGLEVLFQ
;
G,I,K
4 'polypeptide(L)'
;DIQMTQSPSSLSASVGDRVTMTCRASQDITTDLNWYQQKPGQPPKLLIYVASSLQNGVPSRFSGSGSGTEFTLTIRSLQP
EDFATYYCLQYDSYPWTFGQGTTVDFRRTVAAPSVFIFPPSEDQVKSGTVSVVCLLNNFYPREASVKWKVDGALKTGNSQ
ESVTEQDSKDNTYSLSSTLTLSSTEYQSHKVYACEVTHQGLSSPVTKSFNRGEC
;
H,J,L
#
# COMPACT_ATOMS: atom_id res chain seq x y z
N ALA A 1 23.53 41.69 -18.09
CA ALA A 1 23.11 42.22 -19.39
C ALA A 1 21.94 41.42 -19.93
N GLU A 2 21.96 40.11 -19.71
CA GLU A 2 20.87 39.26 -20.19
C GLU A 2 19.55 39.62 -19.50
N ASN A 3 19.60 39.91 -18.21
CA ASN A 3 18.42 40.27 -17.40
C ASN A 3 17.31 39.24 -17.54
N LEU A 4 17.66 37.98 -17.78
CA LEU A 4 16.73 36.87 -17.81
C LEU A 4 16.95 35.99 -16.58
N TRP A 5 15.86 35.40 -16.10
CA TRP A 5 15.85 34.67 -14.84
C TRP A 5 15.17 33.32 -15.02
N VAL A 6 15.52 32.38 -14.15
CA VAL A 6 14.95 31.04 -14.21
C VAL A 6 13.51 31.07 -13.73
N THR A 7 12.65 30.28 -14.37
CA THR A 7 11.27 30.11 -13.96
C THR A 7 10.92 28.63 -14.04
N VAL A 8 10.25 28.14 -13.01
CA VAL A 8 9.95 26.71 -12.85
C VAL A 8 8.51 26.45 -13.29
N TYR A 9 8.32 25.40 -14.06
CA TYR A 9 7.01 24.98 -14.54
C TYR A 9 6.77 23.53 -14.14
N TYR A 10 5.59 23.26 -13.58
CA TYR A 10 5.18 21.92 -13.19
C TYR A 10 4.03 21.48 -14.08
N GLY A 11 4.16 20.27 -14.62
CA GLY A 11 3.20 19.74 -15.57
C GLY A 11 3.63 19.85 -17.02
N VAL A 12 4.92 19.98 -17.29
CA VAL A 12 5.43 20.15 -18.64
C VAL A 12 5.24 18.84 -19.40
N PRO A 13 4.77 18.87 -20.67
CA PRO A 13 4.60 17.59 -21.41
C PRO A 13 5.91 17.06 -22.00
N VAL A 14 6.69 16.40 -21.16
CA VAL A 14 7.93 15.75 -21.56
C VAL A 14 7.95 14.36 -20.97
N TRP A 15 8.40 13.37 -21.76
CA TRP A 15 8.38 11.98 -21.36
C TRP A 15 9.74 11.34 -21.65
N LYS A 16 9.90 10.13 -21.13
CA LYS A 16 11.10 9.35 -21.37
C LYS A 16 10.76 7.86 -21.28
N ASP A 17 11.63 7.04 -21.86
CA ASP A 17 11.41 5.60 -21.84
C ASP A 17 11.42 5.07 -20.41
N ALA A 18 10.51 4.13 -20.13
CA ALA A 18 10.39 3.56 -18.80
C ALA A 18 9.67 2.22 -18.90
N GLU A 19 9.74 1.46 -17.81
CA GLU A 19 9.09 0.16 -17.71
C GLU A 19 8.14 0.17 -16.52
N THR A 20 6.96 -0.41 -16.70
CA THR A 20 5.95 -0.46 -15.66
C THR A 20 5.11 -1.72 -15.84
N THR A 21 4.01 -1.80 -15.09
CA THR A 21 3.10 -2.94 -15.12
C THR A 21 1.73 -2.46 -15.55
N LEU A 22 1.29 -2.86 -16.74
CA LEU A 22 -0.03 -2.51 -17.23
C LEU A 22 -1.08 -3.46 -16.64
N PHE A 23 -2.32 -2.98 -16.62
CA PHE A 23 -3.45 -3.72 -16.06
C PHE A 23 -4.46 -4.03 -17.15
N CYS A 24 -5.51 -4.75 -16.77
CA CYS A 24 -6.45 -5.32 -17.73
C CYS A 24 -7.46 -4.29 -18.23
N ALA A 25 -8.04 -4.60 -19.38
CA ALA A 25 -9.30 -4.01 -19.83
C ALA A 25 -9.86 -4.94 -20.90
N SER A 26 -11.05 -5.49 -20.64
CA SER A 26 -11.64 -6.46 -21.56
C SER A 26 -13.16 -6.39 -21.46
N ASP A 27 -13.82 -6.53 -22.60
CA ASP A 27 -15.28 -6.46 -22.67
C ASP A 27 -15.91 -7.56 -21.82
N HIS A 36 -17.43 -19.93 -19.04
CA HIS A 36 -16.11 -20.20 -18.47
C HIS A 36 -15.08 -20.36 -19.59
N ASN A 37 -13.89 -19.81 -19.38
CA ASN A 37 -12.81 -19.91 -20.35
C ASN A 37 -11.48 -19.84 -19.60
N VAL A 38 -10.43 -20.30 -20.28
CA VAL A 38 -9.11 -20.36 -19.66
C VAL A 38 -8.61 -18.95 -19.33
N TRP A 39 -8.80 -18.01 -20.25
CA TRP A 39 -8.30 -16.64 -20.07
C TRP A 39 -9.35 -15.88 -19.28
N ALA A 40 -9.21 -15.92 -17.95
CA ALA A 40 -10.22 -15.37 -17.06
C ALA A 40 -10.38 -13.87 -17.24
N THR A 41 -11.52 -13.44 -17.78
CA THR A 41 -11.86 -12.03 -17.86
C THR A 41 -12.52 -11.51 -16.59
N HIS A 42 -12.79 -12.38 -15.61
CA HIS A 42 -13.38 -11.93 -14.36
C HIS A 42 -12.46 -10.96 -13.62
N ALA A 43 -11.16 -11.25 -13.61
CA ALA A 43 -10.16 -10.39 -12.97
C ALA A 43 -9.64 -9.30 -13.91
N CYS A 44 -10.39 -8.97 -14.95
CA CYS A 44 -10.01 -7.95 -15.91
C CYS A 44 -11.14 -6.93 -16.06
N VAL A 45 -10.77 -5.66 -16.09
CA VAL A 45 -11.73 -4.55 -15.97
C VAL A 45 -12.57 -4.46 -17.25
N PRO A 46 -13.82 -4.00 -17.18
CA PRO A 46 -14.54 -3.69 -18.43
C PRO A 46 -13.82 -2.61 -19.24
N THR A 47 -13.93 -2.73 -20.55
CA THR A 47 -13.33 -1.76 -21.47
C THR A 47 -14.30 -0.63 -21.76
N ASP A 48 -13.73 0.55 -22.02
CA ASP A 48 -14.56 1.71 -22.33
C ASP A 48 -15.21 1.55 -23.70
N PRO A 49 -16.47 1.97 -23.87
CA PRO A 49 -17.11 1.81 -25.18
C PRO A 49 -16.46 2.62 -26.28
N ASN A 50 -15.89 3.79 -25.96
CA ASN A 50 -15.36 4.73 -26.94
C ASN A 50 -13.92 5.08 -26.55
N PRO A 51 -12.94 4.26 -26.94
CA PRO A 51 -11.55 4.60 -26.63
C PRO A 51 -11.11 5.88 -27.32
N GLN A 52 -10.20 6.60 -26.67
CA GLN A 52 -9.73 7.90 -27.14
C GLN A 52 -8.28 7.79 -27.60
N GLU A 53 -7.94 8.56 -28.64
CA GLU A 53 -6.60 8.60 -29.19
C GLU A 53 -6.28 10.02 -29.60
N ILE A 54 -5.05 10.46 -29.33
CA ILE A 54 -4.62 11.84 -29.60
C ILE A 54 -3.40 11.77 -30.51
N HIS A 55 -3.55 12.26 -31.74
CA HIS A 55 -2.45 12.27 -32.69
C HIS A 55 -1.51 13.44 -32.37
N LEU A 56 -0.22 13.13 -32.20
CA LEU A 56 0.76 14.14 -31.83
C LEU A 56 1.41 14.68 -33.10
N GLU A 57 1.39 16.01 -33.26
CA GLU A 57 1.95 16.66 -34.43
C GLU A 57 3.42 17.00 -34.19
N ASN A 58 4.24 16.80 -35.22
CA ASN A 58 5.67 17.08 -35.23
C ASN A 58 6.47 16.21 -34.27
N VAL A 59 5.85 15.17 -33.69
CA VAL A 59 6.54 14.31 -32.72
C VAL A 59 7.06 13.08 -33.46
N THR A 60 8.37 12.96 -33.55
CA THR A 60 9.04 11.81 -34.15
C THR A 60 9.69 11.01 -33.02
N GLU A 61 9.28 9.75 -32.87
CA GLU A 61 9.74 8.90 -31.78
C GLU A 61 10.68 7.84 -32.32
N GLU A 62 11.30 7.11 -31.38
CA GLU A 62 12.16 5.97 -31.70
C GLU A 62 11.48 4.70 -31.22
N PHE A 63 11.48 3.66 -32.08
CA PHE A 63 10.81 2.41 -31.79
C PHE A 63 11.74 1.25 -32.06
N ASN A 64 11.55 0.17 -31.28
CA ASN A 64 12.34 -1.04 -31.43
C ASN A 64 11.51 -2.19 -30.88
N MET A 65 11.02 -3.06 -31.78
CA MET A 65 10.11 -4.13 -31.36
C MET A 65 10.84 -5.27 -30.64
N TRP A 66 12.16 -5.37 -30.77
CA TRP A 66 12.90 -6.50 -30.24
C TRP A 66 13.35 -6.31 -28.80
N LYS A 67 13.03 -5.18 -28.17
CA LYS A 67 13.39 -4.91 -26.78
C LYS A 67 12.20 -4.31 -26.05
N ASN A 68 11.03 -4.94 -26.21
CA ASN A 68 9.78 -4.50 -25.61
C ASN A 68 9.45 -5.37 -24.40
N ASN A 69 9.26 -4.74 -23.25
CA ASN A 69 8.87 -5.46 -22.04
C ASN A 69 7.41 -5.90 -22.06
N MET A 70 6.59 -5.31 -22.94
CA MET A 70 5.19 -5.70 -23.03
C MET A 70 5.05 -7.16 -23.44
N VAL A 71 5.94 -7.64 -24.32
CA VAL A 71 5.89 -9.04 -24.74
C VAL A 71 6.15 -9.95 -23.54
N GLU A 72 7.16 -9.63 -22.74
CA GLU A 72 7.46 -10.43 -21.56
C GLU A 72 6.31 -10.41 -20.56
N GLN A 73 5.72 -9.23 -20.35
CA GLN A 73 4.60 -9.13 -19.42
C GLN A 73 3.41 -9.95 -19.91
N MET A 74 3.11 -9.89 -21.20
CA MET A 74 2.02 -10.68 -21.76
C MET A 74 2.30 -12.17 -21.62
N HIS A 75 3.53 -12.59 -21.88
CA HIS A 75 3.87 -14.01 -21.74
C HIS A 75 3.68 -14.47 -20.30
N THR A 76 4.18 -13.69 -19.35
CA THR A 76 4.04 -14.06 -17.94
C THR A 76 2.58 -14.11 -17.53
N ASP A 77 1.79 -13.11 -17.95
CA ASP A 77 0.38 -13.09 -17.59
C ASP A 77 -0.37 -14.28 -18.17
N ILE A 78 -0.08 -14.62 -19.44
CA ILE A 78 -0.74 -15.75 -20.07
C ILE A 78 -0.39 -17.05 -19.34
N ILE A 79 0.89 -17.23 -19.00
CA ILE A 79 1.29 -18.44 -18.29
C ILE A 79 0.62 -18.50 -16.93
N SER A 80 0.54 -17.36 -16.22
CA SER A 80 -0.09 -17.34 -14.91
C SER A 80 -1.57 -17.69 -15.02
N LEU A 81 -2.27 -17.13 -16.02
CA LEU A 81 -3.68 -17.45 -16.19
C LEU A 81 -3.87 -18.92 -16.51
N TRP A 82 -3.02 -19.48 -17.36
CA TRP A 82 -3.11 -20.91 -17.66
C TRP A 82 -2.91 -21.75 -16.41
N ASP A 83 -1.93 -21.37 -15.58
CA ASP A 83 -1.68 -22.12 -14.35
C ASP A 83 -2.88 -22.03 -13.40
N GLN A 84 -3.47 -20.85 -13.27
CA GLN A 84 -4.60 -20.69 -12.36
C GLN A 84 -5.84 -21.43 -12.87
N SER A 85 -6.00 -21.54 -14.19
CA SER A 85 -7.20 -22.16 -14.73
C SER A 85 -7.32 -23.63 -14.33
N LEU A 86 -6.20 -24.35 -14.35
CA LEU A 86 -6.22 -25.81 -14.20
C LEU A 86 -6.29 -26.27 -12.74
N LYS A 87 -6.37 -25.35 -11.77
CA LYS A 87 -6.27 -25.76 -10.38
C LYS A 87 -7.51 -26.52 -9.90
N PRO A 88 -8.72 -25.95 -9.91
CA PRO A 88 -9.82 -26.49 -9.11
C PRO A 88 -10.65 -27.56 -9.82
N CYS A 89 -10.03 -28.68 -10.16
CA CYS A 89 -10.72 -29.89 -10.59
C CYS A 89 -9.69 -31.02 -10.65
N VAL A 90 -10.10 -32.18 -11.19
CA VAL A 90 -9.49 -33.46 -10.84
C VAL A 90 -8.02 -33.55 -11.25
N LYS A 91 -7.25 -34.29 -10.46
CA LYS A 91 -5.90 -34.73 -10.78
C LYS A 91 -5.95 -36.22 -11.08
N LEU A 92 -5.29 -36.65 -12.15
CA LEU A 92 -5.34 -38.05 -12.61
C LEU A 92 -4.18 -38.86 -12.04
N THR A 93 -4.13 -38.92 -10.70
CA THR A 93 -3.12 -39.76 -10.06
C THR A 93 -3.30 -41.24 -10.32
N PRO A 94 -4.50 -41.84 -10.18
CA PRO A 94 -4.61 -43.30 -10.31
C PRO A 94 -4.48 -43.83 -11.73
N LEU A 95 -4.32 -42.96 -12.74
CA LEU A 95 -4.31 -43.43 -14.12
C LEU A 95 -3.07 -44.23 -14.49
N CYS A 96 -2.04 -44.23 -13.63
CA CYS A 96 -0.79 -44.94 -13.93
C CYS A 96 -0.94 -46.39 -13.50
N VAL A 97 -1.36 -47.23 -14.45
CA VAL A 97 -1.53 -48.66 -14.22
C VAL A 97 -1.11 -49.40 -15.49
N THR A 98 -0.97 -50.72 -15.35
CA THR A 98 -0.64 -51.58 -16.49
C THR A 98 -1.86 -51.76 -17.37
N LEU A 99 -1.74 -51.40 -18.64
CA LEU A 99 -2.85 -51.47 -19.59
C LEU A 99 -2.63 -52.64 -20.54
N GLN A 100 -3.68 -53.46 -20.70
CA GLN A 100 -3.66 -54.56 -21.65
C GLN A 100 -4.32 -54.06 -22.93
N CYS A 101 -3.52 -53.91 -23.99
CA CYS A 101 -3.95 -53.21 -25.20
C CYS A 101 -3.92 -54.12 -26.41
N THR A 102 -4.85 -53.86 -27.32
CA THR A 102 -4.95 -54.56 -28.60
C THR A 102 -5.14 -53.52 -29.70
N ASN A 103 -5.01 -53.98 -30.95
CA ASN A 103 -5.15 -53.10 -32.09
C ASN A 103 -6.62 -52.91 -32.44
N VAL A 104 -6.94 -51.73 -32.96
CA VAL A 104 -8.28 -51.40 -33.45
C VAL A 104 -8.25 -51.55 -34.96
N THR A 105 -9.03 -52.50 -35.48
CA THR A 105 -9.06 -52.80 -36.92
C THR A 105 -10.49 -53.00 -37.38
N ASN A 106 -11.39 -52.12 -36.94
CA ASN A 106 -12.80 -52.15 -37.32
C ASN A 106 -13.09 -50.94 -38.19
N ASN A 107 -13.19 -51.17 -39.50
CA ASN A 107 -13.51 -50.13 -40.48
C ASN A 107 -12.51 -48.98 -40.41
N ILE A 108 -11.25 -49.30 -40.75
CA ILE A 108 -10.17 -48.33 -40.77
C ILE A 108 -9.52 -48.35 -42.15
N THR A 109 -8.87 -47.25 -42.49
CA THR A 109 -8.19 -47.11 -43.77
C THR A 109 -6.75 -47.60 -43.65
N ASP A 110 -5.99 -47.46 -44.74
CA ASP A 110 -4.61 -47.92 -44.78
C ASP A 110 -3.65 -46.94 -44.10
N ASP A 111 -4.09 -45.72 -43.77
CA ASP A 111 -3.24 -44.72 -43.15
C ASP A 111 -3.47 -44.59 -41.65
N MET A 112 -4.58 -45.12 -41.13
CA MET A 112 -4.89 -45.08 -39.70
C MET A 112 -4.54 -46.37 -38.99
N ARG A 113 -3.83 -47.28 -39.66
CA ARG A 113 -3.49 -48.56 -39.05
C ARG A 113 -2.45 -48.35 -37.95
N GLY A 114 -2.76 -48.85 -36.75
CA GLY A 114 -1.85 -48.76 -35.63
C GLY A 114 -1.89 -47.46 -34.86
N GLU A 115 -2.71 -46.49 -35.28
CA GLU A 115 -2.78 -45.20 -34.60
C GLU A 115 -3.72 -45.20 -33.40
N LEU A 116 -4.52 -46.25 -33.22
CA LEU A 116 -5.47 -46.35 -32.12
C LEU A 116 -5.28 -47.68 -31.41
N LYS A 117 -5.34 -47.66 -30.08
CA LYS A 117 -5.18 -48.84 -29.25
C LYS A 117 -6.38 -48.98 -28.32
N ASN A 118 -6.96 -50.17 -28.29
CA ASN A 118 -8.08 -50.49 -27.41
C ASN A 118 -7.50 -51.15 -26.16
N CYS A 119 -7.52 -50.45 -25.03
CA CYS A 119 -6.86 -50.87 -23.82
C CYS A 119 -7.87 -51.13 -22.72
N SER A 120 -7.53 -52.07 -21.83
CA SER A 120 -8.34 -52.41 -20.68
C SER A 120 -7.45 -52.40 -19.44
N PHE A 121 -8.05 -52.05 -18.30
CA PHE A 121 -7.29 -51.90 -17.07
C PHE A 121 -8.26 -51.96 -15.89
N ASN A 122 -7.68 -51.98 -14.69
CA ASN A 122 -8.41 -51.89 -13.44
C ASN A 122 -8.35 -50.45 -12.92
N MET A 123 -9.34 -50.09 -12.11
CA MET A 123 -9.48 -48.72 -11.64
C MET A 123 -10.16 -48.72 -10.28
N THR A 124 -9.82 -47.70 -9.48
CA THR A 124 -10.45 -47.51 -8.19
C THR A 124 -11.87 -46.99 -8.36
N THR A 125 -12.64 -47.05 -7.27
CA THR A 125 -14.01 -46.57 -7.27
C THR A 125 -14.24 -45.62 -6.09
N GLU A 126 -15.49 -45.24 -5.86
CA GLU A 126 -15.80 -44.34 -4.75
C GLU A 126 -15.44 -44.97 -3.41
N LEU A 127 -15.55 -46.29 -3.30
CA LEU A 127 -15.13 -47.02 -2.11
C LEU A 127 -13.71 -47.54 -2.31
N ARG A 128 -12.84 -47.26 -1.33
CA ARG A 128 -11.43 -47.60 -1.46
C ARG A 128 -11.16 -49.10 -1.42
N ASP A 129 -12.14 -49.91 -1.01
CA ASP A 129 -11.99 -51.35 -0.90
C ASP A 129 -12.60 -52.10 -2.08
N LYS A 130 -12.90 -51.40 -3.18
CA LYS A 130 -13.49 -52.00 -4.36
C LYS A 130 -12.75 -51.55 -5.61
N LYS A 131 -12.77 -52.39 -6.64
CA LYS A 131 -12.13 -52.11 -7.91
C LYS A 131 -13.09 -52.43 -9.04
N GLN A 132 -12.85 -51.80 -10.19
CA GLN A 132 -13.68 -51.98 -11.37
C GLN A 132 -12.79 -52.19 -12.60
N LYS A 133 -13.29 -52.96 -13.54
CA LYS A 133 -12.60 -53.23 -14.81
C LYS A 133 -13.19 -52.32 -15.88
N VAL A 134 -12.33 -51.52 -16.51
CA VAL A 134 -12.77 -50.53 -17.50
C VAL A 134 -11.87 -50.64 -18.72
N TYR A 135 -12.30 -49.99 -19.81
CA TYR A 135 -11.57 -50.00 -21.07
C TYR A 135 -11.75 -48.65 -21.74
N SER A 136 -10.79 -48.31 -22.61
CA SER A 136 -10.80 -47.03 -23.30
C SER A 136 -9.93 -47.12 -24.55
N LEU A 137 -10.13 -46.15 -25.44
CA LEU A 137 -9.35 -46.02 -26.66
C LEU A 137 -8.29 -44.94 -26.47
N PHE A 138 -7.04 -45.26 -26.79
CA PHE A 138 -5.92 -44.35 -26.66
C PHE A 138 -5.21 -44.19 -27.99
N TYR A 139 -4.44 -43.12 -28.12
CA TYR A 139 -3.66 -42.85 -29.31
C TYR A 139 -2.27 -43.46 -29.18
N ARG A 140 -1.65 -43.78 -30.32
CA ARG A 140 -0.34 -44.41 -30.30
C ARG A 140 0.73 -43.49 -29.70
N LEU A 141 0.52 -42.18 -29.77
CA LEU A 141 1.48 -41.24 -29.22
C LEU A 141 1.39 -41.10 -27.70
N ASP A 142 0.36 -41.67 -27.07
CA ASP A 142 0.13 -41.52 -25.64
C ASP A 142 0.55 -42.74 -24.82
N VAL A 143 0.73 -43.90 -25.45
CA VAL A 143 1.04 -45.13 -24.77
C VAL A 143 2.38 -45.65 -25.25
N VAL A 144 3.18 -46.16 -24.32
CA VAL A 144 4.49 -46.74 -24.60
C VAL A 144 4.52 -48.16 -24.03
N GLN A 145 5.04 -49.09 -24.83
CA GLN A 145 5.12 -50.48 -24.39
C GLN A 145 6.06 -50.61 -23.21
N ILE A 146 5.64 -51.37 -22.20
CA ILE A 146 6.43 -51.58 -20.99
C ILE A 146 7.25 -52.86 -21.13
N LYS A 159 2.26 -56.83 -24.94
CA LYS A 159 0.84 -56.51 -24.82
C LYS A 159 0.55 -55.65 -23.59
N GLU A 160 1.59 -55.21 -22.90
CA GLU A 160 1.44 -54.36 -21.72
C GLU A 160 2.00 -52.98 -22.02
N TYR A 161 1.16 -51.96 -21.84
CA TYR A 161 1.51 -50.58 -22.18
C TYR A 161 1.28 -49.70 -20.95
N ARG A 162 1.88 -48.51 -20.98
CA ARG A 162 1.69 -47.53 -19.92
C ARG A 162 1.68 -46.14 -20.52
N LEU A 163 1.06 -45.20 -19.79
CA LEU A 163 1.02 -43.82 -20.25
C LEU A 163 2.44 -43.24 -20.31
N ILE A 164 2.65 -42.37 -21.29
CA ILE A 164 4.00 -41.87 -21.57
C ILE A 164 4.56 -41.07 -20.40
N ASN A 165 3.68 -40.40 -19.66
CA ASN A 165 4.11 -39.47 -18.62
C ASN A 165 4.25 -40.12 -17.24
N CYS A 166 4.02 -41.43 -17.12
CA CYS A 166 4.01 -42.06 -15.81
C CYS A 166 5.36 -42.01 -15.11
N ASN A 167 6.45 -41.95 -15.85
CA ASN A 167 7.79 -41.92 -15.27
C ASN A 167 8.32 -40.50 -15.09
N THR A 168 7.51 -39.47 -15.38
CA THR A 168 7.89 -38.08 -15.20
C THR A 168 7.04 -37.36 -14.16
N SER A 169 5.73 -37.40 -14.29
CA SER A 169 4.84 -36.72 -13.35
C SER A 169 3.41 -37.18 -13.64
N ALA A 170 2.46 -36.66 -12.86
CA ALA A 170 1.06 -36.96 -13.02
C ALA A 170 0.34 -35.77 -13.64
N CYS A 171 -0.50 -36.05 -14.65
CA CYS A 171 -1.19 -35.00 -15.38
C CYS A 171 -2.49 -34.61 -14.68
N THR A 172 -2.84 -33.34 -14.80
CA THR A 172 -4.13 -32.84 -14.34
C THR A 172 -5.07 -32.77 -15.54
N GLN A 173 -6.23 -33.43 -15.43
CA GLN A 173 -7.17 -33.46 -16.53
C GLN A 173 -7.65 -32.06 -16.88
N ALA A 174 -7.64 -31.74 -18.17
CA ALA A 174 -8.24 -30.50 -18.62
C ALA A 174 -9.72 -30.50 -18.25
N CYS A 175 -10.24 -29.33 -17.94
CA CYS A 175 -11.39 -29.24 -17.06
C CYS A 175 -12.61 -28.94 -17.94
N PRO A 176 -13.59 -29.85 -18.07
CA PRO A 176 -14.57 -29.72 -19.16
C PRO A 176 -15.27 -28.37 -19.28
N LYS A 177 -15.65 -27.75 -18.16
CA LYS A 177 -16.53 -26.59 -18.21
C LYS A 177 -15.86 -25.37 -18.83
N VAL A 178 -14.53 -25.30 -18.85
CA VAL A 178 -13.82 -24.15 -19.40
C VAL A 178 -13.48 -24.42 -20.85
N SER A 179 -13.58 -23.38 -21.68
CA SER A 179 -13.30 -23.46 -23.11
C SER A 179 -11.96 -22.81 -23.43
N PHE A 180 -11.32 -23.31 -24.48
CA PHE A 180 -9.99 -22.87 -24.89
C PHE A 180 -10.02 -21.74 -25.92
N GLU A 181 -11.20 -21.22 -26.26
CA GLU A 181 -11.28 -20.21 -27.32
C GLU A 181 -10.60 -18.93 -26.86
N PRO A 182 -9.66 -18.37 -27.64
CA PRO A 182 -9.07 -17.08 -27.25
C PRO A 182 -10.09 -15.95 -27.32
N ILE A 183 -9.86 -14.94 -26.48
CA ILE A 183 -10.69 -13.73 -26.46
C ILE A 183 -9.77 -12.52 -26.41
N PRO A 184 -10.17 -11.35 -26.93
CA PRO A 184 -9.26 -10.20 -26.89
C PRO A 184 -9.01 -9.70 -25.49
N ILE A 185 -7.83 -9.10 -25.30
CA ILE A 185 -7.45 -8.46 -24.04
C ILE A 185 -6.73 -7.16 -24.36
N HIS A 186 -7.03 -6.11 -23.60
CA HIS A 186 -6.40 -4.81 -23.75
C HIS A 186 -5.56 -4.51 -22.51
N TYR A 187 -4.40 -3.89 -22.72
CA TYR A 187 -3.45 -3.58 -21.66
C TYR A 187 -3.36 -2.07 -21.47
N CYS A 188 -3.83 -1.58 -20.33
CA CYS A 188 -3.88 -0.15 -20.07
C CYS A 188 -2.94 0.24 -18.94
N ALA A 189 -2.27 1.39 -19.12
CA ALA A 189 -1.18 1.85 -18.28
C ALA A 189 -1.70 2.53 -17.03
N PRO A 190 -0.88 2.65 -15.99
CA PRO A 190 -1.31 3.34 -14.77
C PRO A 190 -1.16 4.85 -14.92
N ALA A 191 -1.47 5.56 -13.82
CA ALA A 191 -1.28 7.01 -13.80
C ALA A 191 0.19 7.36 -13.88
N GLY A 192 0.49 8.49 -14.52
CA GLY A 192 1.86 8.93 -14.70
C GLY A 192 2.58 8.28 -15.86
N PHE A 193 1.92 7.41 -16.62
CA PHE A 193 2.52 6.73 -17.76
C PHE A 193 1.60 6.88 -18.96
N ALA A 194 2.18 6.75 -20.15
CA ALA A 194 1.44 6.88 -21.39
C ALA A 194 1.91 5.80 -22.38
N ILE A 195 1.01 5.46 -23.29
CA ILE A 195 1.27 4.47 -24.33
C ILE A 195 1.28 5.20 -25.67
N LEU A 196 2.39 5.08 -26.39
CA LEU A 196 2.57 5.71 -27.69
C LEU A 196 2.48 4.65 -28.78
N LYS A 197 1.72 4.96 -29.83
CA LYS A 197 1.48 4.08 -30.96
C LYS A 197 2.01 4.74 -32.23
N CYS A 198 2.65 3.93 -33.07
CA CYS A 198 3.22 4.38 -34.33
C CYS A 198 2.26 4.04 -35.46
N LYS A 199 1.78 5.07 -36.16
CA LYS A 199 0.83 4.91 -37.25
C LYS A 199 1.49 4.95 -38.63
N ASP A 200 2.81 4.90 -38.68
CA ASP A 200 3.52 4.97 -39.95
C ASP A 200 3.53 3.59 -40.61
N LYS A 201 2.95 3.49 -41.80
CA LYS A 201 2.98 2.24 -42.54
C LYS A 201 4.39 1.97 -43.05
N LYS A 202 4.61 0.75 -43.52
CA LYS A 202 5.92 0.28 -44.01
C LYS A 202 6.98 0.35 -42.91
N PHE A 203 6.56 0.33 -41.65
CA PHE A 203 7.47 0.43 -40.52
C PHE A 203 7.92 -0.98 -40.13
N ASN A 204 9.22 -1.25 -40.26
CA ASN A 204 9.77 -2.58 -40.08
C ASN A 204 10.18 -2.87 -38.65
N GLY A 205 9.59 -2.18 -37.67
CA GLY A 205 9.75 -2.52 -36.27
C GLY A 205 10.94 -1.90 -35.58
N THR A 206 11.80 -1.18 -36.29
CA THR A 206 12.97 -0.59 -35.68
C THR A 206 13.32 0.69 -36.43
N GLY A 207 13.45 1.80 -35.69
CA GLY A 207 13.88 3.06 -36.26
C GLY A 207 13.03 4.23 -35.82
N PRO A 208 13.14 5.35 -36.55
CA PRO A 208 12.30 6.51 -36.24
C PRO A 208 10.91 6.41 -36.85
N CYS A 209 9.91 6.75 -36.05
CA CYS A 209 8.52 6.82 -36.49
C CYS A 209 8.08 8.28 -36.48
N PRO A 210 7.76 8.91 -37.64
CA PRO A 210 7.30 10.31 -37.59
C PRO A 210 5.88 10.48 -37.10
N SER A 211 4.98 9.59 -37.49
CA SER A 211 3.57 9.69 -37.15
C SER A 211 3.31 8.95 -35.85
N VAL A 212 2.98 9.69 -34.80
CA VAL A 212 2.85 9.15 -33.45
C VAL A 212 1.50 9.57 -32.87
N SER A 213 0.94 8.72 -32.02
CA SER A 213 -0.27 9.02 -31.30
C SER A 213 -0.14 8.52 -29.87
N THR A 214 -0.87 9.15 -28.97
CA THR A 214 -1.02 8.68 -27.60
C THR A 214 -2.37 8.00 -27.47
N VAL A 215 -2.36 6.74 -27.02
CA VAL A 215 -3.58 5.94 -26.89
C VAL A 215 -3.73 5.58 -25.42
N GLN A 216 -4.98 5.64 -24.93
CA GLN A 216 -5.21 5.20 -23.55
C GLN A 216 -4.78 3.76 -23.36
N CYS A 217 -5.12 2.87 -24.30
CA CYS A 217 -4.57 1.52 -24.29
C CYS A 217 -4.86 0.78 -25.58
N THR A 218 -4.29 -0.42 -25.67
CA THR A 218 -4.12 -1.13 -26.93
C THR A 218 -5.43 -1.71 -27.44
N HIS A 219 -5.43 -2.04 -28.73
CA HIS A 219 -6.53 -2.76 -29.35
C HIS A 219 -6.57 -4.20 -28.86
N GLY A 220 -7.71 -4.85 -29.09
CA GLY A 220 -7.90 -6.23 -28.69
C GLY A 220 -6.90 -7.17 -29.33
N ILE A 221 -6.24 -7.98 -28.51
CA ILE A 221 -5.24 -8.94 -28.97
C ILE A 221 -5.68 -10.33 -28.53
N LYS A 222 -5.82 -11.24 -29.49
CA LYS A 222 -6.22 -12.61 -29.19
C LYS A 222 -4.99 -13.44 -28.86
N PRO A 223 -4.90 -14.08 -27.68
CA PRO A 223 -3.70 -14.91 -27.41
C PRO A 223 -3.78 -16.27 -28.10
N VAL A 224 -3.58 -16.25 -29.42
CA VAL A 224 -3.64 -17.47 -30.21
C VAL A 224 -2.31 -18.20 -30.08
N VAL A 225 -2.38 -19.50 -29.79
CA VAL A 225 -1.20 -20.34 -29.59
C VAL A 225 -1.08 -21.25 -30.80
N SER A 226 0.00 -21.11 -31.56
CA SER A 226 0.25 -21.92 -32.73
C SER A 226 1.72 -21.85 -33.07
N THR A 227 2.16 -22.77 -33.94
CA THR A 227 3.54 -22.85 -34.38
C THR A 227 3.59 -22.96 -35.90
N GLN A 228 4.60 -22.32 -36.49
CA GLN A 228 4.91 -22.35 -37.92
C GLN A 228 3.90 -21.56 -38.77
N LEU A 229 2.83 -21.05 -38.15
CA LEU A 229 1.82 -20.30 -38.88
C LEU A 229 1.07 -19.42 -37.88
N LEU A 230 0.97 -18.13 -38.18
CA LEU A 230 0.21 -17.21 -37.35
C LEU A 230 -1.23 -17.19 -37.82
N LEU A 231 -2.16 -17.50 -36.92
CA LEU A 231 -3.57 -17.65 -37.24
C LEU A 231 -4.40 -16.62 -36.51
N ASN A 232 -5.45 -16.13 -37.18
CA ASN A 232 -6.38 -15.16 -36.60
C ASN A 232 -5.65 -13.93 -36.09
N GLY A 233 -4.69 -13.44 -36.86
CA GLY A 233 -3.90 -12.28 -36.53
C GLY A 233 -4.38 -11.03 -37.26
N SER A 234 -3.44 -10.12 -37.49
CA SER A 234 -3.70 -8.86 -38.17
C SER A 234 -2.93 -8.82 -39.49
N LEU A 235 -3.46 -8.06 -40.44
CA LEU A 235 -2.92 -7.98 -41.79
C LEU A 235 -2.30 -6.61 -42.04
N ALA A 236 -1.23 -6.60 -42.83
CA ALA A 236 -0.57 -5.36 -43.20
C ALA A 236 -1.48 -4.51 -44.08
N GLU A 237 -1.36 -3.19 -43.93
CA GLU A 237 -2.21 -2.25 -44.65
C GLU A 237 -1.67 -1.88 -46.02
N GLU A 238 -0.40 -2.15 -46.31
CA GLU A 238 0.23 -1.77 -47.56
C GLU A 238 0.65 -2.96 -48.41
N GLU A 239 1.42 -3.88 -47.85
CA GLU A 239 1.93 -5.02 -48.60
C GLU A 239 2.56 -6.00 -47.60
N VAL A 240 3.13 -7.08 -48.13
CA VAL A 240 3.78 -8.07 -47.28
C VAL A 240 4.99 -7.43 -46.61
N MET A 241 5.11 -7.64 -45.30
CA MET A 241 6.18 -7.08 -44.49
C MET A 241 7.10 -8.18 -43.99
N ILE A 242 8.40 -7.93 -44.02
CA ILE A 242 9.41 -8.85 -43.51
C ILE A 242 10.20 -8.13 -42.43
N ARG A 243 10.33 -8.77 -41.26
CA ARG A 243 11.00 -8.19 -40.11
C ARG A 243 12.00 -9.19 -39.54
N SER A 244 13.11 -8.66 -39.03
CA SER A 244 14.14 -9.48 -38.39
C SER A 244 15.06 -8.57 -37.60
N GLU A 245 15.52 -9.05 -36.45
CA GLU A 245 16.43 -8.26 -35.62
C GLU A 245 17.73 -7.98 -36.35
N ASN A 246 18.28 -8.99 -37.03
CA ASN A 246 19.50 -8.82 -37.82
C ASN A 246 19.38 -9.80 -38.99
N ILE A 247 18.92 -9.29 -40.14
CA ILE A 247 18.65 -10.15 -41.29
C ILE A 247 19.91 -10.82 -41.80
N THR A 248 21.08 -10.18 -41.64
CA THR A 248 22.32 -10.79 -42.09
C THR A 248 22.70 -12.02 -41.29
N ASN A 249 22.17 -12.16 -40.08
CA ASN A 249 22.47 -13.31 -39.22
C ASN A 249 21.46 -14.41 -39.47
N ASN A 250 21.95 -15.63 -39.70
CA ASN A 250 21.09 -16.77 -39.96
C ASN A 250 20.48 -17.35 -38.69
N ALA A 251 20.95 -16.96 -37.52
CA ALA A 251 20.42 -17.45 -36.25
C ALA A 251 19.21 -16.67 -35.75
N LYS A 252 18.78 -15.65 -36.48
CA LYS A 252 17.66 -14.81 -36.08
C LYS A 252 16.43 -15.16 -36.92
N ASN A 253 15.31 -15.39 -36.26
CA ASN A 253 14.08 -15.73 -36.95
C ASN A 253 13.57 -14.54 -37.76
N ILE A 254 12.85 -14.85 -38.84
CA ILE A 254 12.27 -13.85 -39.73
C ILE A 254 10.76 -13.93 -39.62
N LEU A 255 10.11 -12.80 -39.37
CA LEU A 255 8.67 -12.70 -39.26
C LEU A 255 8.11 -12.11 -40.55
N VAL A 256 7.17 -12.82 -41.17
CA VAL A 256 6.53 -12.39 -42.41
C VAL A 256 5.06 -12.12 -42.10
N GLN A 257 4.59 -10.93 -42.44
CA GLN A 257 3.20 -10.54 -42.25
C GLN A 257 2.56 -10.30 -43.61
N PHE A 258 1.43 -10.96 -43.84
CA PHE A 258 0.73 -10.84 -45.12
C PHE A 258 -0.14 -9.59 -45.14
N ASN A 259 -0.60 -9.25 -46.34
CA ASN A 259 -1.58 -8.19 -46.54
C ASN A 259 -2.98 -8.72 -46.75
N THR A 260 -3.13 -9.99 -47.13
CA THR A 260 -4.40 -10.66 -47.25
C THR A 260 -4.30 -12.03 -46.59
N PRO A 261 -5.42 -12.59 -46.11
CA PRO A 261 -5.37 -13.89 -45.43
C PRO A 261 -5.48 -15.04 -46.42
N VAL A 262 -5.18 -16.24 -45.90
CA VAL A 262 -5.33 -17.48 -46.65
C VAL A 262 -6.21 -18.41 -45.82
N GLN A 263 -7.33 -18.84 -46.39
CA GLN A 263 -8.28 -19.65 -45.64
C GLN A 263 -7.79 -21.09 -45.53
N ILE A 264 -7.93 -21.68 -44.35
CA ILE A 264 -7.55 -23.06 -44.08
C ILE A 264 -8.69 -23.74 -43.35
N ASN A 265 -9.05 -24.95 -43.79
CA ASN A 265 -10.17 -25.71 -43.24
C ASN A 265 -9.64 -27.00 -42.63
N CYS A 266 -9.74 -27.15 -41.32
CA CYS A 266 -9.26 -28.34 -40.62
C CYS A 266 -10.44 -29.12 -40.05
N THR A 267 -10.29 -30.45 -39.97
CA THR A 267 -11.37 -31.28 -39.50
C THR A 267 -10.85 -32.58 -38.92
N ARG A 268 -11.53 -33.05 -37.86
CA ARG A 268 -11.47 -34.43 -37.40
C ARG A 268 -12.83 -35.05 -37.66
N PRO A 269 -12.96 -36.03 -38.58
CA PRO A 269 -14.28 -36.53 -38.96
C PRO A 269 -14.77 -37.74 -38.18
N ASN A 270 -14.01 -38.25 -37.22
CA ASN A 270 -14.47 -39.41 -36.46
C ASN A 270 -15.61 -39.03 -35.54
N ASN A 271 -16.62 -39.89 -35.46
CA ASN A 271 -17.78 -39.68 -34.58
C ASN A 271 -17.44 -40.28 -33.22
N ASN A 272 -16.76 -39.49 -32.40
CA ASN A 272 -16.29 -39.97 -31.11
C ASN A 272 -17.45 -40.06 -30.12
N THR A 273 -17.25 -40.89 -29.10
CA THR A 273 -18.20 -41.07 -28.01
C THR A 273 -17.46 -40.94 -26.68
N ARG A 274 -18.13 -40.35 -25.70
CA ARG A 274 -17.55 -40.05 -24.40
C ARG A 274 -18.33 -40.76 -23.31
N LYS A 275 -17.61 -41.33 -22.34
CA LYS A 275 -18.20 -41.95 -21.17
C LYS A 275 -17.46 -41.50 -19.92
N SER A 276 -18.15 -41.55 -18.79
CA SER A 276 -17.61 -41.11 -17.52
C SER A 276 -17.44 -42.29 -16.57
N ILE A 277 -16.28 -42.35 -15.91
CA ILE A 277 -15.97 -43.40 -14.94
C ILE A 277 -15.68 -42.71 -13.62
N ARG A 278 -16.40 -43.11 -12.57
CA ARG A 278 -16.24 -42.50 -11.25
C ARG A 278 -15.05 -43.14 -10.56
N ILE A 279 -13.98 -42.38 -10.38
CA ILE A 279 -12.73 -42.89 -9.80
C ILE A 279 -12.58 -42.54 -8.33
N GLY A 280 -13.56 -41.87 -7.73
CA GLY A 280 -13.49 -41.50 -6.34
C GLY A 280 -14.67 -40.63 -5.94
N PRO A 281 -14.64 -40.10 -4.71
CA PRO A 281 -15.73 -39.21 -4.29
C PRO A 281 -15.72 -37.90 -5.06
N GLY A 282 -16.71 -37.72 -5.94
CA GLY A 282 -16.79 -36.50 -6.74
C GLY A 282 -15.69 -36.34 -7.75
N GLN A 283 -15.08 -37.45 -8.20
CA GLN A 283 -14.01 -37.41 -9.19
C GLN A 283 -14.37 -38.35 -10.34
N ALA A 284 -14.41 -37.79 -11.55
CA ALA A 284 -14.79 -38.53 -12.75
C ALA A 284 -13.70 -38.40 -13.80
N PHE A 285 -13.47 -39.48 -14.54
CA PHE A 285 -12.51 -39.52 -15.63
C PHE A 285 -13.28 -39.81 -16.92
N TYR A 286 -12.99 -39.03 -17.96
CA TYR A 286 -13.71 -39.11 -19.23
C TYR A 286 -12.89 -39.93 -20.21
N ALA A 287 -13.49 -41.00 -20.72
CA ALA A 287 -12.85 -41.94 -21.63
C ALA A 287 -13.61 -42.00 -22.95
N THR A 288 -12.93 -42.49 -23.98
CA THR A 288 -13.51 -42.63 -25.31
C THR A 288 -14.12 -44.03 -25.41
N GLY A 289 -15.44 -44.09 -25.54
CA GLY A 289 -16.13 -45.37 -25.61
C GLY A 289 -15.88 -46.10 -26.91
N ASP A 290 -16.39 -45.56 -28.02
CA ASP A 290 -16.24 -46.20 -29.31
C ASP A 290 -16.46 -45.15 -30.40
N ILE A 291 -16.05 -45.49 -31.62
CA ILE A 291 -16.23 -44.63 -32.78
C ILE A 291 -17.37 -45.21 -33.61
N ILE A 292 -18.34 -44.36 -33.93
CA ILE A 292 -19.52 -44.76 -34.69
C ILE A 292 -19.21 -44.56 -36.16
N GLY A 293 -19.23 -45.64 -36.93
CA GLY A 293 -18.96 -45.58 -38.36
C GLY A 293 -17.51 -45.82 -38.72
N ASP A 294 -17.08 -45.30 -39.87
CA ASP A 294 -15.72 -45.50 -40.33
C ASP A 294 -14.75 -44.62 -39.55
N ILE A 295 -13.47 -44.97 -39.64
CA ILE A 295 -12.38 -44.25 -38.99
C ILE A 295 -11.47 -43.69 -40.09
N ARG A 296 -11.24 -42.37 -40.05
CA ARG A 296 -10.45 -41.70 -41.06
C ARG A 296 -9.52 -40.68 -40.39
N GLN A 297 -8.54 -40.22 -41.16
CA GLN A 297 -7.54 -39.30 -40.63
C GLN A 297 -8.09 -37.88 -40.59
N ALA A 298 -7.80 -37.18 -39.50
CA ALA A 298 -8.04 -35.74 -39.42
C ALA A 298 -7.05 -35.02 -40.32
N HIS A 299 -7.50 -33.96 -40.99
CA HIS A 299 -6.67 -33.31 -41.99
C HIS A 299 -7.13 -31.88 -42.20
N CYS A 300 -6.27 -31.12 -42.89
CA CYS A 300 -6.55 -29.72 -43.22
C CYS A 300 -6.41 -29.51 -44.72
N ASN A 301 -7.08 -28.48 -45.22
CA ASN A 301 -7.07 -28.10 -46.62
C ASN A 301 -6.74 -26.63 -46.75
N VAL A 302 -5.93 -26.28 -47.75
CA VAL A 302 -5.61 -24.89 -48.07
C VAL A 302 -5.60 -24.73 -49.58
N SER A 303 -6.07 -23.57 -50.04
CA SER A 303 -6.15 -23.32 -51.48
C SER A 303 -4.75 -23.30 -52.10
N LYS A 304 -4.66 -23.77 -53.34
CA LYS A 304 -3.38 -23.87 -54.02
C LYS A 304 -2.98 -22.55 -54.69
N ALA A 305 -3.90 -21.97 -55.46
CA ALA A 305 -3.58 -20.73 -56.18
C ALA A 305 -3.29 -19.60 -55.21
N THR A 306 -4.08 -19.49 -54.13
CA THR A 306 -3.83 -18.45 -53.14
C THR A 306 -2.47 -18.62 -52.48
N TRP A 307 -2.11 -19.86 -52.14
CA TRP A 307 -0.81 -20.11 -51.55
C TRP A 307 0.31 -19.77 -52.52
N ASN A 308 0.14 -20.11 -53.80
CA ASN A 308 1.16 -19.78 -54.80
C ASN A 308 1.33 -18.27 -54.93
N GLU A 309 0.22 -17.53 -54.97
CA GLU A 309 0.31 -16.08 -55.06
C GLU A 309 0.97 -15.48 -53.82
N THR A 310 0.63 -16.01 -52.64
CA THR A 310 1.25 -15.51 -51.42
C THR A 310 2.74 -15.78 -51.40
N LEU A 311 3.16 -16.97 -51.85
CA LEU A 311 4.58 -17.28 -51.93
C LEU A 311 5.28 -16.39 -52.95
N GLY A 312 4.60 -16.08 -54.05
CA GLY A 312 5.16 -15.15 -55.01
C GLY A 312 5.41 -13.78 -54.41
N LYS A 313 4.43 -13.28 -53.66
CA LYS A 313 4.61 -12.00 -52.99
C LYS A 313 5.76 -12.08 -51.97
N VAL A 314 5.83 -13.18 -51.22
CA VAL A 314 6.85 -13.32 -50.19
C VAL A 314 8.25 -13.33 -50.81
N VAL A 315 8.42 -14.09 -51.90
CA VAL A 315 9.73 -14.16 -52.54
C VAL A 315 10.07 -12.83 -53.21
N LYS A 316 9.06 -12.14 -53.74
CA LYS A 316 9.30 -10.81 -54.30
C LYS A 316 9.82 -9.86 -53.23
N GLN A 317 9.22 -9.89 -52.05
CA GLN A 317 9.71 -9.03 -50.97
C GLN A 317 11.07 -9.47 -50.47
N LEU A 318 11.31 -10.79 -50.43
CA LEU A 318 12.60 -11.30 -49.95
C LEU A 318 13.73 -10.91 -50.89
N ARG A 319 13.47 -10.84 -52.19
CA ARG A 319 14.50 -10.44 -53.14
C ARG A 319 15.02 -9.04 -52.86
N LYS A 320 14.23 -8.20 -52.19
CA LYS A 320 14.71 -6.86 -51.85
C LYS A 320 15.91 -6.93 -50.91
N HIS A 321 15.88 -7.84 -49.94
CA HIS A 321 16.96 -7.96 -48.96
C HIS A 321 18.03 -8.97 -49.36
N PHE A 322 17.67 -9.99 -50.16
CA PHE A 322 18.56 -11.09 -50.49
C PHE A 322 18.87 -11.11 -51.98
N GLY A 323 19.13 -9.95 -52.56
CA GLY A 323 19.56 -9.86 -53.94
C GLY A 323 18.40 -10.00 -54.93
N ASN A 324 18.61 -9.42 -56.11
CA ASN A 324 17.59 -9.43 -57.15
C ASN A 324 17.71 -10.62 -58.10
N ASN A 325 18.88 -11.27 -58.16
CA ASN A 325 19.14 -12.38 -59.06
C ASN A 325 19.56 -13.62 -58.28
N THR A 326 18.85 -13.92 -57.19
CA THR A 326 19.12 -15.06 -56.34
C THR A 326 17.98 -16.06 -56.41
N ILE A 327 18.33 -17.34 -56.25
CA ILE A 327 17.36 -18.42 -56.23
C ILE A 327 16.87 -18.61 -54.80
N ILE A 328 15.55 -18.64 -54.62
CA ILE A 328 14.92 -18.71 -53.30
C ILE A 328 14.22 -20.06 -53.19
N ARG A 329 14.63 -20.85 -52.20
CA ARG A 329 14.14 -22.21 -52.03
C ARG A 329 13.34 -22.32 -50.75
N PHE A 330 12.17 -22.96 -50.83
CA PHE A 330 11.36 -23.29 -49.68
C PHE A 330 11.38 -24.81 -49.50
N ALA A 331 11.81 -25.26 -48.32
CA ALA A 331 12.03 -26.67 -48.07
C ALA A 331 11.38 -27.11 -46.76
N ASN A 332 11.59 -28.36 -46.36
CA ASN A 332 10.95 -28.92 -45.19
C ASN A 332 11.72 -28.53 -43.92
N SER A 333 11.09 -28.78 -42.78
CA SER A 333 11.71 -28.48 -41.50
C SER A 333 12.89 -29.41 -41.24
N SER A 334 13.81 -28.96 -40.39
CA SER A 334 15.01 -29.73 -40.10
C SER A 334 14.67 -30.96 -39.28
N GLY A 335 14.13 -30.77 -38.08
CA GLY A 335 13.78 -31.87 -37.22
C GLY A 335 13.69 -31.42 -35.77
N GLY A 336 13.44 -32.40 -34.92
CA GLY A 336 13.32 -32.17 -33.49
C GLY A 336 12.05 -32.75 -32.91
N ASP A 337 11.47 -32.07 -31.92
CA ASP A 337 10.24 -32.53 -31.31
C ASP A 337 9.08 -32.39 -32.28
N LEU A 338 7.99 -33.09 -31.97
CA LEU A 338 6.81 -33.04 -32.83
C LEU A 338 6.21 -31.64 -32.87
N GLU A 339 6.18 -30.94 -31.74
CA GLU A 339 5.57 -29.62 -31.69
C GLU A 339 6.31 -28.63 -32.58
N VAL A 340 7.64 -28.64 -32.54
CA VAL A 340 8.41 -27.69 -33.34
C VAL A 340 8.51 -28.14 -34.78
N THR A 341 8.49 -29.46 -35.03
CA THR A 341 8.62 -29.98 -36.38
C THR A 341 7.31 -29.93 -37.17
N THR A 342 6.17 -29.75 -36.50
CA THR A 342 4.86 -29.77 -37.13
C THR A 342 4.07 -28.55 -36.70
N HIS A 343 3.11 -28.17 -37.53
CA HIS A 343 2.21 -27.06 -37.24
C HIS A 343 1.25 -27.53 -36.14
N SER A 344 1.48 -27.07 -34.92
CA SER A 344 0.69 -27.49 -33.76
C SER A 344 -0.30 -26.39 -33.39
N PHE A 345 -1.55 -26.79 -33.16
CA PHE A 345 -2.59 -25.84 -32.78
C PHE A 345 -3.71 -26.60 -32.08
N ASN A 346 -4.76 -25.86 -31.72
CA ASN A 346 -5.95 -26.42 -31.07
C ASN A 346 -7.18 -26.00 -31.85
N CYS A 347 -8.00 -26.98 -32.23
CA CYS A 347 -9.22 -26.74 -32.97
C CYS A 347 -10.36 -27.51 -32.30
N GLY A 348 -11.40 -26.79 -31.91
CA GLY A 348 -12.55 -27.42 -31.28
C GLY A 348 -12.22 -28.17 -30.01
N GLY A 349 -11.19 -27.74 -29.29
CA GLY A 349 -10.76 -28.43 -28.09
C GLY A 349 -9.85 -29.62 -28.33
N GLU A 350 -9.54 -29.94 -29.59
CA GLU A 350 -8.67 -31.06 -29.93
C GLU A 350 -7.32 -30.54 -30.40
N PHE A 351 -6.25 -31.17 -29.94
CA PHE A 351 -4.90 -30.70 -30.20
C PHE A 351 -4.37 -31.36 -31.48
N PHE A 352 -4.27 -30.55 -32.54
CA PHE A 352 -3.83 -30.97 -33.85
C PHE A 352 -2.33 -30.72 -34.02
N TYR A 353 -1.66 -31.65 -34.69
CA TYR A 353 -0.29 -31.48 -35.15
C TYR A 353 -0.26 -31.88 -36.62
N CYS A 354 -0.09 -30.91 -37.51
CA CYS A 354 -0.21 -31.11 -38.95
C CYS A 354 1.17 -31.09 -39.60
N ASN A 355 1.34 -31.95 -40.60
CA ASN A 355 2.60 -32.10 -41.33
C ASN A 355 2.58 -31.13 -42.50
N THR A 356 3.18 -29.96 -42.31
CA THR A 356 3.21 -28.91 -43.33
C THR A 356 4.42 -29.13 -44.25
N SER A 357 4.29 -30.17 -45.09
CA SER A 357 5.32 -30.53 -46.05
C SER A 357 4.98 -30.14 -47.48
N GLY A 358 3.70 -30.09 -47.84
CA GLY A 358 3.30 -29.71 -49.18
C GLY A 358 3.28 -28.21 -49.44
N LEU A 359 3.53 -27.39 -48.42
CA LEU A 359 3.49 -25.94 -48.56
C LEU A 359 4.87 -25.38 -48.89
N PHE A 360 5.85 -25.62 -48.02
CA PHE A 360 7.20 -25.11 -48.19
C PHE A 360 8.05 -26.14 -48.93
N ASN A 361 7.72 -26.31 -50.21
CA ASN A 361 8.43 -27.25 -51.08
C ASN A 361 8.38 -26.68 -52.50
N SER A 362 9.40 -25.90 -52.85
CA SER A 362 9.45 -25.26 -54.16
C SER A 362 10.76 -24.49 -54.29
N THR A 363 11.03 -24.04 -55.51
CA THR A 363 12.18 -23.19 -55.81
C THR A 363 11.74 -22.11 -56.78
N TRP A 364 12.26 -20.90 -56.58
CA TRP A 364 11.93 -19.73 -57.38
C TRP A 364 13.21 -19.14 -57.95
N ILE A 365 13.19 -18.88 -59.26
CA ILE A 365 14.34 -18.38 -60.01
C ILE A 365 14.00 -16.98 -60.51
N SER A 366 14.99 -16.08 -60.43
CA SER A 366 14.78 -14.72 -60.90
C SER A 366 14.52 -14.70 -62.40
N ASN A 367 13.57 -13.87 -62.81
CA ASN A 367 13.20 -13.74 -64.21
C ASN A 367 12.52 -12.41 -64.49
N SER A 378 -7.22 -24.30 -60.44
CA SER A 378 -8.65 -24.09 -60.63
C SER A 378 -9.40 -24.20 -59.31
N ASN A 379 -9.56 -25.43 -58.82
CA ASN A 379 -10.24 -25.67 -57.55
C ASN A 379 -9.52 -26.69 -56.66
N ASP A 380 -8.52 -27.41 -57.17
CA ASP A 380 -7.78 -28.34 -56.32
C ASP A 380 -7.09 -27.61 -55.19
N SER A 381 -7.00 -28.26 -54.03
CA SER A 381 -6.42 -27.69 -52.83
C SER A 381 -5.41 -28.65 -52.23
N ILE A 382 -4.41 -28.09 -51.56
CA ILE A 382 -3.38 -28.88 -50.90
C ILE A 382 -3.94 -29.41 -49.59
N THR A 383 -3.78 -30.72 -49.36
CA THR A 383 -4.27 -31.40 -48.17
C THR A 383 -3.09 -31.77 -47.29
N LEU A 384 -3.16 -31.37 -46.02
CA LEU A 384 -2.13 -31.66 -45.03
C LEU A 384 -2.68 -32.67 -44.03
N PRO A 385 -2.12 -33.88 -43.91
CA PRO A 385 -2.57 -34.79 -42.85
C PRO A 385 -2.15 -34.30 -41.49
N CYS A 386 -2.93 -34.66 -40.48
CA CYS A 386 -2.69 -34.21 -39.11
C CYS A 386 -2.93 -35.36 -38.14
N ARG A 387 -2.29 -35.25 -36.97
CA ARG A 387 -2.44 -36.20 -35.88
C ARG A 387 -3.04 -35.49 -34.69
N ILE A 388 -3.77 -36.25 -33.87
CA ILE A 388 -4.46 -35.74 -32.69
C ILE A 388 -3.72 -36.20 -31.45
N LYS A 389 -3.55 -35.30 -30.49
CA LYS A 389 -2.89 -35.63 -29.23
C LYS A 389 -3.76 -35.21 -28.05
N GLN A 390 -3.60 -35.93 -26.94
CA GLN A 390 -4.36 -35.70 -25.72
C GLN A 390 -3.51 -35.27 -24.54
N ILE A 391 -2.34 -35.89 -24.35
CA ILE A 391 -1.40 -35.47 -23.30
C ILE A 391 -0.58 -34.32 -23.87
N ILE A 392 -0.67 -33.15 -23.24
CA ILE A 392 -0.14 -31.90 -23.78
C ILE A 392 0.84 -31.31 -22.78
N ASN A 393 2.00 -30.89 -23.28
CA ASN A 393 2.93 -30.01 -22.57
C ASN A 393 2.88 -28.68 -23.33
N MET A 394 1.97 -27.81 -22.91
CA MET A 394 1.68 -26.60 -23.67
C MET A 394 2.91 -25.71 -23.80
N TRP A 395 3.42 -25.21 -22.68
CA TRP A 395 4.61 -24.38 -22.69
C TRP A 395 5.86 -25.25 -22.63
N GLN A 396 7.01 -24.62 -22.91
CA GLN A 396 8.28 -25.35 -22.91
C GLN A 396 8.73 -25.65 -21.48
N ARG A 397 8.03 -26.57 -20.83
CA ARG A 397 8.33 -26.97 -19.46
C ARG A 397 8.29 -28.48 -19.36
N ILE A 398 9.01 -29.02 -18.38
CA ILE A 398 9.11 -30.46 -18.14
C ILE A 398 8.62 -30.73 -16.72
N GLY A 399 7.75 -31.73 -16.58
CA GLY A 399 7.18 -32.09 -15.30
C GLY A 399 5.79 -31.55 -15.05
N GLN A 400 5.14 -30.96 -16.05
CA GLN A 400 3.77 -30.44 -15.90
C GLN A 400 3.03 -30.75 -17.19
N CYS A 401 2.22 -31.81 -17.16
CA CYS A 401 1.44 -32.27 -18.30
C CYS A 401 -0.05 -32.06 -18.05
N MET A 402 -0.82 -32.19 -19.13
CA MET A 402 -2.26 -31.97 -19.09
C MET A 402 -2.94 -32.96 -20.04
N TYR A 403 -4.07 -33.51 -19.59
CA TYR A 403 -4.86 -34.47 -20.36
C TYR A 403 -6.12 -33.80 -20.86
N ALA A 404 -6.36 -33.91 -22.17
CA ALA A 404 -7.54 -33.31 -22.79
C ALA A 404 -8.65 -34.34 -22.88
N PRO A 405 -9.82 -34.13 -22.25
CA PRO A 405 -10.92 -35.06 -22.45
C PRO A 405 -11.36 -35.06 -23.89
N PRO A 406 -11.89 -36.19 -24.38
CA PRO A 406 -12.29 -36.25 -25.79
C PRO A 406 -13.51 -35.38 -26.06
N ILE A 407 -13.63 -34.96 -27.32
CA ILE A 407 -14.75 -34.16 -27.79
C ILE A 407 -15.69 -35.07 -28.56
N GLN A 408 -16.98 -34.99 -28.24
CA GLN A 408 -17.98 -35.88 -28.84
C GLN A 408 -18.36 -35.38 -30.23
N GLY A 409 -18.27 -36.26 -31.21
CA GLY A 409 -18.74 -35.97 -32.55
C GLY A 409 -17.66 -35.38 -33.45
N VAL A 410 -18.06 -35.21 -34.71
CA VAL A 410 -17.18 -34.62 -35.72
C VAL A 410 -16.88 -33.17 -35.35
N ILE A 411 -15.67 -32.71 -35.69
CA ILE A 411 -15.29 -31.32 -35.46
C ILE A 411 -14.68 -30.75 -36.73
N ARG A 412 -15.07 -29.52 -37.06
CA ARG A 412 -14.58 -28.80 -38.23
C ARG A 412 -14.38 -27.35 -37.84
N CYS A 413 -13.32 -26.73 -38.36
CA CYS A 413 -13.04 -25.34 -38.04
C CYS A 413 -12.24 -24.70 -39.17
N VAL A 414 -12.57 -23.43 -39.44
CA VAL A 414 -11.92 -22.64 -40.48
C VAL A 414 -11.12 -21.53 -39.82
N SER A 415 -10.01 -21.17 -40.44
CA SER A 415 -9.13 -20.15 -39.88
C SER A 415 -8.45 -19.38 -41.01
N ASN A 416 -7.89 -18.23 -40.64
CA ASN A 416 -7.11 -17.40 -41.54
C ASN A 416 -5.63 -17.56 -41.23
N ILE A 417 -4.81 -17.64 -42.28
CA ILE A 417 -3.36 -17.57 -42.16
C ILE A 417 -2.95 -16.17 -42.59
N THR A 418 -2.23 -15.47 -41.72
CA THR A 418 -1.86 -14.08 -41.94
C THR A 418 -0.38 -13.82 -41.69
N GLY A 419 0.44 -14.85 -41.49
CA GLY A 419 1.85 -14.63 -41.26
C GLY A 419 2.60 -15.93 -41.17
N LEU A 420 3.92 -15.82 -41.20
CA LEU A 420 4.82 -16.96 -41.15
C LEU A 420 6.05 -16.62 -40.30
N ILE A 421 6.67 -17.67 -39.77
CA ILE A 421 7.95 -17.57 -39.08
C ILE A 421 8.93 -18.45 -39.84
N LEU A 422 9.96 -17.84 -40.42
CA LEU A 422 10.92 -18.54 -41.27
C LEU A 422 12.32 -18.42 -40.70
N THR A 423 13.17 -19.37 -41.06
CA THR A 423 14.57 -19.38 -40.68
C THR A 423 15.41 -19.71 -41.91
N ARG A 424 16.52 -18.99 -42.07
CA ARG A 424 17.41 -19.17 -43.21
C ARG A 424 18.38 -20.31 -42.90
N ASP A 425 18.42 -21.31 -43.78
CA ASP A 425 19.32 -22.45 -43.59
C ASP A 425 20.71 -22.08 -44.09
N GLY A 426 21.72 -22.32 -43.23
CA GLY A 426 23.09 -22.02 -43.60
C GLY A 426 23.34 -20.55 -43.82
N GLY A 427 23.54 -20.18 -45.08
CA GLY A 427 23.78 -18.80 -45.45
C GLY A 427 25.22 -18.46 -45.77
N SER A 428 26.01 -19.43 -46.21
CA SER A 428 27.40 -19.17 -46.54
C SER A 428 27.52 -18.55 -47.92
N THR A 429 28.70 -18.00 -48.20
CA THR A 429 28.97 -17.36 -49.49
C THR A 429 29.34 -18.36 -50.58
N ASN A 430 29.48 -19.65 -50.25
CA ASN A 430 29.86 -20.64 -51.26
C ASN A 430 28.79 -20.74 -52.35
N SER A 431 27.52 -20.74 -51.96
CA SER A 431 26.40 -20.89 -52.89
C SER A 431 25.66 -19.55 -53.02
N THR A 432 24.96 -19.42 -54.14
CA THR A 432 24.18 -18.21 -54.45
C THR A 432 22.69 -18.44 -54.29
N THR A 433 22.29 -19.47 -53.53
CA THR A 433 20.89 -19.80 -53.31
C THR A 433 20.59 -19.75 -51.81
N GLU A 434 19.45 -19.15 -51.47
CA GLU A 434 19.00 -19.03 -50.09
C GLU A 434 17.83 -19.97 -49.86
N THR A 435 17.93 -20.77 -48.80
CA THR A 435 16.90 -21.74 -48.43
C THR A 435 16.27 -21.32 -47.11
N PHE A 436 14.93 -21.27 -47.10
CA PHE A 436 14.16 -20.90 -45.92
C PHE A 436 13.30 -22.08 -45.49
N ARG A 437 13.22 -22.29 -44.17
CA ARG A 437 12.46 -23.39 -43.59
C ARG A 437 11.55 -22.85 -42.50
N PRO A 438 10.45 -23.54 -42.20
CA PRO A 438 9.55 -23.05 -41.14
C PRO A 438 10.17 -23.21 -39.76
N GLY A 439 9.74 -22.35 -38.84
CA GLY A 439 10.23 -22.38 -37.49
C GLY A 439 9.15 -22.09 -36.46
N GLY A 440 9.54 -21.89 -35.22
CA GLY A 440 8.60 -21.62 -34.16
C GLY A 440 9.18 -22.05 -32.82
N GLY A 441 8.33 -22.64 -31.99
CA GLY A 441 8.73 -23.10 -30.68
C GLY A 441 8.52 -22.06 -29.60
N ASP A 442 9.22 -20.93 -29.70
CA ASP A 442 9.08 -19.85 -28.74
C ASP A 442 7.81 -19.06 -29.04
N MET A 443 6.95 -18.92 -28.02
CA MET A 443 5.68 -18.23 -28.20
C MET A 443 5.80 -16.72 -28.02
N ARG A 444 6.96 -16.21 -27.62
CA ARG A 444 7.14 -14.76 -27.54
C ARG A 444 7.05 -14.11 -28.90
N ASP A 445 7.45 -14.82 -29.96
CA ASP A 445 7.34 -14.29 -31.31
C ASP A 445 5.88 -14.06 -31.70
N ASN A 446 4.98 -14.92 -31.23
CA ASN A 446 3.56 -14.74 -31.54
C ASN A 446 3.04 -13.44 -30.96
N TRP A 447 3.44 -13.10 -29.73
CA TRP A 447 3.01 -11.85 -29.13
C TRP A 447 3.73 -10.66 -29.76
N ARG A 448 4.99 -10.84 -30.14
CA ARG A 448 5.76 -9.74 -30.70
C ARG A 448 5.17 -9.24 -32.01
N SER A 449 4.54 -10.12 -32.78
CA SER A 449 3.96 -9.73 -34.06
C SER A 449 2.79 -8.76 -33.89
N GLU A 450 2.18 -8.72 -32.71
CA GLU A 450 1.01 -7.87 -32.46
C GLU A 450 1.36 -6.59 -31.72
N LEU A 451 2.34 -6.63 -30.82
CA LEU A 451 2.74 -5.47 -30.02
C LEU A 451 3.98 -4.78 -30.60
N TYR A 452 4.15 -4.81 -31.92
CA TYR A 452 5.33 -4.24 -32.54
C TYR A 452 5.24 -2.73 -32.72
N LYS A 453 4.05 -2.14 -32.60
CA LYS A 453 3.83 -0.72 -32.85
C LYS A 453 3.42 0.05 -31.60
N TYR A 454 3.80 -0.44 -30.42
CA TYR A 454 3.43 0.18 -29.16
C TYR A 454 4.66 0.32 -28.27
N LYS A 455 4.68 1.40 -27.47
CA LYS A 455 5.71 1.57 -26.47
C LYS A 455 5.14 2.34 -25.29
N VAL A 456 5.85 2.28 -24.17
CA VAL A 456 5.41 2.87 -22.91
C VAL A 456 6.44 3.91 -22.48
N VAL A 457 5.94 5.07 -22.03
CA VAL A 457 6.80 6.15 -21.56
C VAL A 457 6.23 6.70 -20.25
N LYS A 458 7.10 7.37 -19.50
CA LYS A 458 6.72 8.02 -18.25
C LYS A 458 7.03 9.52 -18.34
N ILE A 459 6.17 10.31 -17.73
CA ILE A 459 6.20 11.77 -17.88
C ILE A 459 7.24 12.37 -16.95
N GLU A 460 7.77 13.52 -17.34
CA GLU A 460 8.71 14.32 -16.56
C GLU A 460 8.12 15.73 -16.44
N PRO A 461 7.26 15.98 -15.46
CA PRO A 461 6.46 17.21 -15.47
C PRO A 461 7.17 18.47 -14.98
N LEU A 462 8.44 18.38 -14.60
CA LEU A 462 9.18 19.51 -14.05
C LEU A 462 10.11 20.09 -15.11
N GLY A 463 10.11 21.41 -15.25
CA GLY A 463 10.98 22.07 -16.21
C GLY A 463 11.37 23.45 -15.74
N VAL A 464 12.44 23.97 -16.36
CA VAL A 464 12.95 25.31 -16.08
C VAL A 464 13.15 26.03 -17.40
N ALA A 465 12.76 27.30 -17.45
CA ALA A 465 12.84 28.09 -18.66
C ALA A 465 13.32 29.50 -18.32
N PRO A 466 13.77 30.27 -19.31
CA PRO A 466 14.11 31.67 -19.05
C PRO A 466 12.93 32.61 -19.24
N THR A 467 12.82 33.58 -18.34
CA THR A 467 11.73 34.55 -18.38
C THR A 467 12.19 35.82 -17.69
N ARG A 468 11.54 36.93 -18.04
CA ARG A 468 11.85 38.23 -17.44
C ARG A 468 11.18 38.44 -16.08
N CYS A 469 10.64 37.38 -15.48
CA CYS A 469 10.04 37.47 -14.16
C CYS A 469 11.09 37.61 -13.06
N LYS A 470 10.71 38.30 -11.98
CA LYS A 470 11.54 38.45 -10.80
C LYS A 470 10.70 38.15 -9.56
N ARG A 471 11.35 37.59 -8.55
CA ARG A 471 10.67 37.23 -7.31
C ARG A 471 10.60 38.43 -6.37
N ALA B 1 -23.30 31.94 -33.09
CA ALA B 1 -23.22 31.17 -31.86
C ALA B 1 -23.73 29.75 -32.07
N VAL B 2 -24.78 29.62 -32.89
CA VAL B 2 -25.39 28.33 -33.19
C VAL B 2 -24.61 27.67 -34.32
N GLY B 3 -24.27 26.39 -34.13
CA GLY B 3 -23.57 25.63 -35.13
C GLY B 3 -22.06 25.54 -34.95
N ILE B 4 -21.58 25.64 -33.71
CA ILE B 4 -20.15 25.54 -33.40
C ILE B 4 -19.97 24.48 -32.33
N GLY B 5 -19.08 23.53 -32.58
CA GLY B 5 -18.82 22.46 -31.63
C GLY B 5 -17.84 22.88 -30.54
N ALA B 6 -17.71 22.01 -29.53
CA ALA B 6 -16.81 22.24 -28.41
C ALA B 6 -16.29 20.90 -27.91
N VAL B 7 -14.98 20.86 -27.63
CA VAL B 7 -14.33 19.67 -27.10
C VAL B 7 -13.33 20.09 -26.05
N PHE B 8 -12.79 19.10 -25.32
CA PHE B 8 -11.83 19.32 -24.25
C PHE B 8 -10.49 18.71 -24.62
N LEU B 9 -9.42 19.44 -24.35
CA LEU B 9 -8.08 18.94 -24.64
C LEU B 9 -7.77 17.73 -23.78
N GLY B 10 -7.16 16.72 -24.39
CA GLY B 10 -6.83 15.48 -23.71
C GLY B 10 -5.45 15.51 -23.08
N PHE B 11 -5.09 14.38 -22.49
CA PHE B 11 -3.78 14.24 -21.86
C PHE B 11 -2.68 14.28 -22.92
N LEU B 12 -1.64 15.08 -22.64
CA LEU B 12 -0.52 15.26 -23.58
C LEU B 12 -1.01 15.78 -24.93
N GLY B 13 -2.06 16.60 -24.91
CA GLY B 13 -2.60 17.13 -26.16
C GLY B 13 -1.76 18.23 -26.77
N ALA B 14 -0.94 18.91 -25.96
CA ALA B 14 -0.11 20.02 -26.43
C ALA B 14 1.37 19.63 -26.50
N ALA B 15 1.65 18.34 -26.70
CA ALA B 15 3.03 17.89 -26.81
C ALA B 15 3.72 18.50 -28.01
N GLY B 16 3.04 18.57 -29.16
CA GLY B 16 3.61 19.15 -30.35
C GLY B 16 3.52 20.65 -30.46
N SER B 17 2.78 21.30 -29.55
CA SER B 17 2.63 22.74 -29.59
C SER B 17 3.89 23.43 -29.05
N THR B 18 3.97 24.74 -29.29
CA THR B 18 5.10 25.51 -28.83
C THR B 18 5.09 25.62 -27.30
N MET B 19 6.22 26.08 -26.76
CA MET B 19 6.34 26.21 -25.30
C MET B 19 5.33 27.22 -24.76
N GLY B 20 5.16 28.35 -25.44
CA GLY B 20 4.21 29.35 -24.97
C GLY B 20 2.79 28.83 -24.92
N ALA B 21 2.36 28.11 -25.97
CA ALA B 21 1.03 27.55 -25.97
C ALA B 21 0.91 26.36 -25.05
N ALA B 22 1.98 25.56 -24.92
CA ALA B 22 1.94 24.38 -24.06
C ALA B 22 1.96 24.74 -22.58
N SER B 23 2.47 25.92 -22.22
CA SER B 23 2.50 26.34 -20.82
C SER B 23 1.13 26.69 -20.27
N MET B 24 0.11 26.79 -21.11
CA MET B 24 -1.24 27.11 -20.67
C MET B 24 -2.07 25.87 -20.34
N THR B 25 -1.49 24.68 -20.41
CA THR B 25 -2.18 23.42 -20.15
C THR B 25 -1.40 22.58 -19.14
N LEU B 26 -0.97 23.22 -18.05
CA LEU B 26 -0.23 22.51 -17.01
C LEU B 26 -1.16 21.66 -16.14
N THR B 27 -2.40 22.12 -15.93
CA THR B 27 -3.30 21.40 -15.02
C THR B 27 -3.72 20.05 -15.58
N VAL B 28 -3.84 19.93 -16.90
CA VAL B 28 -4.27 18.66 -17.49
C VAL B 28 -3.24 17.57 -17.24
N GLN B 29 -1.95 17.93 -17.23
CA GLN B 29 -0.90 16.96 -16.94
C GLN B 29 -0.71 16.78 -15.43
N ALA B 30 -0.84 17.87 -14.66
CA ALA B 30 -0.65 17.77 -13.22
C ALA B 30 -1.71 16.89 -12.57
N ARG B 31 -2.96 17.02 -13.03
CA ARG B 31 -4.05 16.23 -12.43
C ARG B 31 -3.88 14.74 -12.71
N ASN B 32 -3.33 14.38 -13.88
CA ASN B 32 -3.21 12.97 -14.25
C ASN B 32 -2.18 12.25 -13.40
N LEU B 33 -1.19 12.97 -12.84
CA LEU B 33 -0.14 12.30 -12.07
C LEU B 33 -0.70 11.61 -10.84
N LEU B 34 -1.67 12.23 -10.16
CA LEU B 34 -2.24 11.61 -8.97
C LEU B 34 -3.14 10.44 -9.33
N SER B 35 -4.01 10.61 -10.31
CA SER B 35 -4.93 9.55 -10.72
C SER B 35 -5.52 9.86 -12.09
N THR B 58 -3.84 -12.61 -6.30
CA THR B 58 -3.21 -12.12 -5.09
C THR B 58 -1.98 -11.27 -5.42
N VAL B 59 -1.06 -11.86 -6.18
CA VAL B 59 0.18 -11.17 -6.52
C VAL B 59 -0.09 -9.95 -7.37
N TRP B 60 -1.10 -10.02 -8.25
CA TRP B 60 -1.45 -8.86 -9.08
C TRP B 60 -1.88 -7.68 -8.20
N GLY B 61 -2.64 -7.96 -7.15
CA GLY B 61 -2.98 -6.90 -6.20
C GLY B 61 -1.74 -6.29 -5.57
N ILE B 62 -0.75 -7.12 -5.24
CA ILE B 62 0.51 -6.61 -4.69
C ILE B 62 1.18 -5.68 -5.69
N LYS B 63 1.22 -6.09 -6.95
CA LYS B 63 1.87 -5.27 -7.98
C LYS B 63 1.16 -3.94 -8.14
N GLN B 64 -0.17 -3.96 -8.19
CA GLN B 64 -0.93 -2.72 -8.36
C GLN B 64 -0.75 -1.80 -7.15
N LEU B 65 -0.77 -2.37 -5.95
CA LEU B 65 -0.58 -1.56 -4.74
C LEU B 65 0.81 -0.95 -4.71
N GLN B 66 1.83 -1.73 -5.11
CA GLN B 66 3.19 -1.20 -5.16
C GLN B 66 3.29 -0.07 -6.17
N ALA B 67 2.64 -0.21 -7.33
CA ALA B 67 2.67 0.85 -8.32
C ALA B 67 2.00 2.12 -7.79
N ARG B 68 0.87 1.97 -7.11
CA ARG B 68 0.19 3.13 -6.54
C ARG B 68 1.05 3.81 -5.49
N VAL B 69 1.68 3.02 -4.62
CA VAL B 69 2.54 3.59 -3.58
C VAL B 69 3.73 4.30 -4.20
N LEU B 70 4.31 3.72 -5.24
CA LEU B 70 5.45 4.36 -5.91
C LEU B 70 5.03 5.68 -6.54
N ALA B 71 3.85 5.72 -7.17
CA ALA B 71 3.36 6.97 -7.75
C ALA B 71 3.16 8.02 -6.67
N VAL B 72 2.57 7.63 -5.54
CA VAL B 72 2.36 8.58 -4.45
C VAL B 72 3.69 9.09 -3.93
N GLU B 73 4.67 8.20 -3.77
CA GLU B 73 5.99 8.61 -3.29
C GLU B 73 6.65 9.57 -4.27
N ARG B 74 6.55 9.31 -5.57
CA ARG B 74 7.12 10.21 -6.56
C ARG B 74 6.47 11.59 -6.50
N TYR B 75 5.14 11.63 -6.38
CA TYR B 75 4.44 12.90 -6.28
C TYR B 75 4.88 13.66 -5.03
N LEU B 76 4.99 12.96 -3.90
CA LEU B 76 5.40 13.62 -2.66
C LEU B 76 6.83 14.14 -2.77
N ARG B 77 7.72 13.37 -3.42
CA ARG B 77 9.10 13.83 -3.60
C ARG B 77 9.14 15.09 -4.46
N ASP B 78 8.36 15.11 -5.55
CA ASP B 78 8.31 16.30 -6.39
C ASP B 78 7.80 17.51 -5.62
N GLN B 79 6.74 17.31 -4.82
CA GLN B 79 6.21 18.42 -4.03
C GLN B 79 7.22 18.90 -3.00
N GLN B 80 7.96 17.97 -2.38
CA GLN B 80 8.98 18.37 -1.42
C GLN B 80 10.08 19.17 -2.10
N LEU B 81 10.50 18.76 -3.29
CA LEU B 81 11.52 19.53 -4.02
C LEU B 81 11.01 20.92 -4.35
N LEU B 82 9.76 21.03 -4.80
CA LEU B 82 9.19 22.33 -5.11
C LEU B 82 9.13 23.21 -3.87
N GLY B 83 8.75 22.63 -2.73
CA GLY B 83 8.73 23.40 -1.50
C GLY B 83 10.11 23.84 -1.06
N ILE B 84 11.11 22.97 -1.23
CA ILE B 84 12.47 23.32 -0.88
C ILE B 84 12.96 24.48 -1.74
N TRP B 85 12.57 24.49 -3.02
CA TRP B 85 12.91 25.62 -3.88
C TRP B 85 12.15 26.90 -3.54
N GLY B 86 11.15 26.82 -2.67
CA GLY B 86 10.38 27.99 -2.31
C GLY B 86 9.20 28.28 -3.21
N CYS B 87 8.76 27.31 -4.01
CA CYS B 87 7.65 27.45 -4.93
C CYS B 87 6.51 26.50 -4.55
N SER B 88 6.24 26.40 -3.25
CA SER B 88 5.22 25.48 -2.77
C SER B 88 3.83 25.92 -3.23
N GLY B 89 3.03 24.93 -3.64
CA GLY B 89 1.66 25.21 -4.04
C GLY B 89 1.54 26.14 -5.24
N LYS B 90 2.39 25.95 -6.24
CA LYS B 90 2.37 26.77 -7.46
C LYS B 90 2.75 25.92 -8.65
N LEU B 91 2.18 26.27 -9.80
CA LEU B 91 2.55 25.66 -11.08
C LEU B 91 3.55 26.50 -11.86
N ILE B 92 3.49 27.82 -11.71
CA ILE B 92 4.46 28.74 -12.28
C ILE B 92 4.99 29.61 -11.15
N CYS B 93 6.31 29.69 -11.03
CA CYS B 93 6.95 30.36 -9.90
C CYS B 93 8.20 31.08 -10.38
N CYS B 94 8.26 32.38 -10.14
CA CYS B 94 9.40 33.18 -10.53
C CYS B 94 10.48 33.13 -9.46
N THR B 95 11.74 33.18 -9.90
CA THR B 95 12.89 33.03 -9.01
C THR B 95 13.89 34.16 -9.28
N ASN B 96 14.84 34.30 -8.36
CA ASN B 96 15.83 35.36 -8.42
C ASN B 96 17.12 34.96 -9.13
N VAL B 97 17.24 33.71 -9.58
CA VAL B 97 18.46 33.23 -10.20
C VAL B 97 18.55 33.78 -11.62
N PRO B 98 19.59 34.53 -11.98
CA PRO B 98 19.70 34.99 -13.37
C PRO B 98 20.06 33.85 -14.30
N TRP B 99 19.71 34.03 -15.58
CA TRP B 99 19.96 33.05 -16.62
C TRP B 99 21.35 33.26 -17.20
N ASN B 100 22.17 32.21 -17.16
CA ASN B 100 23.51 32.27 -17.73
C ASN B 100 23.46 32.04 -19.23
N SER B 101 24.28 32.80 -19.97
CA SER B 101 24.32 32.66 -21.42
C SER B 101 24.94 31.34 -21.86
N SER B 102 25.77 30.72 -21.02
CA SER B 102 26.38 29.45 -21.39
C SER B 102 25.34 28.35 -21.53
N TRP B 103 24.28 28.39 -20.71
CA TRP B 103 23.24 27.36 -20.80
C TRP B 103 22.54 27.42 -22.15
N SER B 104 22.23 28.62 -22.63
CA SER B 104 21.58 28.79 -23.92
C SER B 104 21.67 30.24 -24.39
N ASN B 105 22.14 30.45 -25.61
CA ASN B 105 22.28 31.79 -26.19
C ASN B 105 21.06 32.22 -26.98
N ARG B 106 20.05 31.37 -27.11
CA ARG B 106 18.86 31.74 -27.89
C ARG B 106 18.04 32.78 -27.15
N ASN B 107 17.48 33.72 -27.91
CA ASN B 107 16.64 34.75 -27.34
C ASN B 107 15.24 34.21 -27.08
N LEU B 108 14.40 35.05 -26.45
CA LEU B 108 13.06 34.62 -26.07
C LEU B 108 12.21 34.27 -27.29
N SER B 109 12.31 35.08 -28.35
CA SER B 109 11.46 34.88 -29.52
C SER B 109 11.68 33.51 -30.16
N GLU B 110 12.91 33.01 -30.14
CA GLU B 110 13.21 31.69 -30.70
C GLU B 110 12.89 30.56 -29.75
N ILE B 111 12.52 30.84 -28.50
CA ILE B 111 12.30 29.81 -27.50
C ILE B 111 10.80 29.57 -27.32
N TRP B 112 10.07 30.62 -26.94
CA TRP B 112 8.67 30.48 -26.59
C TRP B 112 7.75 30.45 -27.81
N ASP B 113 8.24 30.76 -29.00
CA ASP B 113 7.42 30.82 -30.20
C ASP B 113 7.93 29.95 -31.35
N ASN B 114 9.07 29.27 -31.19
CA ASN B 114 9.63 28.47 -32.27
C ASN B 114 10.20 27.14 -31.76
N MET B 115 9.85 26.72 -30.55
CA MET B 115 10.38 25.49 -29.98
C MET B 115 9.34 24.85 -29.10
N THR B 116 9.46 23.54 -28.91
CA THR B 116 8.59 22.76 -28.05
C THR B 116 9.33 22.37 -26.77
N TRP B 117 8.56 21.88 -25.80
CA TRP B 117 9.15 21.53 -24.51
C TRP B 117 10.12 20.37 -24.62
N LEU B 118 9.81 19.38 -25.46
CA LEU B 118 10.69 18.23 -25.61
C LEU B 118 12.06 18.65 -26.16
N GLN B 119 12.06 19.49 -27.19
CA GLN B 119 13.32 19.97 -27.75
C GLN B 119 14.10 20.79 -26.74
N TRP B 120 13.41 21.64 -25.98
CA TRP B 120 14.08 22.43 -24.96
C TRP B 120 14.71 21.55 -23.89
N ASP B 121 13.98 20.52 -23.44
CA ASP B 121 14.53 19.60 -22.45
C ASP B 121 15.73 18.85 -23.02
N LYS B 122 15.68 18.47 -24.30
CA LYS B 122 16.81 17.79 -24.91
C LYS B 122 18.02 18.71 -24.99
N GLU B 123 17.80 20.00 -25.26
CA GLU B 123 18.90 20.93 -25.47
C GLU B 123 19.67 21.17 -24.17
N ILE B 124 18.97 21.39 -23.07
CA ILE B 124 19.58 21.82 -21.81
C ILE B 124 19.60 20.67 -20.81
N SER B 125 19.66 19.44 -21.31
CA SER B 125 19.67 18.28 -20.42
C SER B 125 20.92 18.21 -19.56
N ASN B 126 22.00 18.88 -19.94
CA ASN B 126 23.28 18.79 -19.24
C ASN B 126 23.60 20.05 -18.44
N TYR B 127 22.57 20.83 -18.06
CA TYR B 127 22.75 22.02 -17.24
C TYR B 127 21.68 22.13 -16.16
N THR B 128 21.11 21.00 -15.72
CA THR B 128 19.96 21.01 -14.83
C THR B 128 20.37 20.98 -13.36
N GLN B 129 21.33 20.14 -13.00
CA GLN B 129 21.71 19.99 -11.60
C GLN B 129 22.32 21.28 -11.06
N ILE B 130 23.12 21.97 -11.86
CA ILE B 130 23.70 23.23 -11.43
C ILE B 130 22.61 24.27 -11.20
N ILE B 131 21.58 24.28 -12.05
CA ILE B 131 20.46 25.20 -11.86
C ILE B 131 19.73 24.87 -10.57
N TYR B 132 19.52 23.58 -10.29
CA TYR B 132 18.85 23.18 -9.06
C TYR B 132 19.65 23.61 -7.84
N GLY B 133 20.97 23.41 -7.88
CA GLY B 133 21.80 23.85 -6.76
C GLY B 133 21.77 25.36 -6.57
N LEU B 134 21.80 26.10 -7.68
CA LEU B 134 21.72 27.55 -7.59
C LEU B 134 20.39 27.98 -7.00
N LEU B 135 19.30 27.33 -7.39
CA LEU B 135 17.99 27.66 -6.83
C LEU B 135 17.96 27.38 -5.34
N GLU B 136 18.50 26.25 -4.91
CA GLU B 136 18.51 25.92 -3.49
C GLU B 136 19.33 26.95 -2.70
N GLU B 137 20.50 27.32 -3.23
CA GLU B 137 21.34 28.29 -2.54
C GLU B 137 20.66 29.65 -2.48
N SER B 138 20.00 30.05 -3.56
CA SER B 138 19.29 31.33 -3.57
C SER B 138 18.16 31.33 -2.56
N GLN B 139 17.42 30.22 -2.46
CA GLN B 139 16.35 30.14 -1.47
C GLN B 139 16.91 30.20 -0.06
N ASN B 140 18.03 29.53 0.19
CA ASN B 140 18.65 29.57 1.52
C ASN B 140 19.08 31.00 1.86
N GLN B 141 19.71 31.69 0.90
CA GLN B 141 20.14 33.07 1.15
C GLN B 141 18.94 33.97 1.40
N GLN B 142 17.87 33.79 0.64
CA GLN B 142 16.67 34.61 0.84
C GLN B 142 16.08 34.37 2.22
N GLU B 143 16.01 33.11 2.65
CA GLU B 143 15.48 32.80 3.97
C GLU B 143 16.35 33.43 5.06
N LYS B 144 17.66 33.34 4.92
CA LYS B 144 18.56 33.94 5.91
C LYS B 144 18.38 35.45 5.96
N ASN B 145 18.28 36.09 4.79
CA ASN B 145 18.10 37.54 4.75
C ASN B 145 16.77 37.95 5.38
N GLU B 146 15.70 37.20 5.10
CA GLU B 146 14.40 37.51 5.68
C GLU B 146 14.43 37.34 7.19
N GLN B 147 15.10 36.28 7.68
CA GLN B 147 15.20 36.07 9.12
C GLN B 147 15.99 37.20 9.78
N ASP B 148 17.07 37.64 9.14
CA ASP B 148 17.84 38.77 9.68
C ASP B 148 17.00 40.04 9.69
N LEU B 149 16.23 40.28 8.62
CA LEU B 149 15.39 41.47 8.58
C LEU B 149 14.34 41.46 9.67
N LEU B 150 13.70 40.31 9.90
CA LEU B 150 12.67 40.21 10.92
C LEU B 150 13.23 40.32 12.33
N ALA B 151 14.55 40.21 12.51
CA ALA B 151 15.14 40.33 13.85
C ALA B 151 15.10 41.76 14.39
N LEU B 152 14.91 42.76 13.54
CA LEU B 152 14.85 44.14 13.98
C LEU B 152 13.49 44.47 14.57
N ALA C 1 9.70 41.18 28.60
CA ALA C 1 11.09 41.55 28.88
C ALA C 1 12.05 40.61 28.17
N GLU C 2 11.70 39.32 28.12
CA GLU C 2 12.54 38.34 27.46
C GLU C 2 12.67 38.63 25.97
N ASN C 3 11.57 39.03 25.33
CA ASN C 3 11.50 39.33 23.89
C ASN C 3 12.08 38.19 23.04
N LEU C 4 12.01 36.95 23.55
CA LEU C 4 12.36 35.76 22.80
C LEU C 4 11.07 35.04 22.40
N TRP C 5 11.09 34.44 21.21
CA TRP C 5 9.88 33.95 20.57
C TRP C 5 10.09 32.53 20.05
N VAL C 6 9.01 31.75 20.03
CA VAL C 6 9.09 30.36 19.62
C VAL C 6 9.36 30.28 18.12
N THR C 7 10.14 29.27 17.72
CA THR C 7 10.48 29.04 16.32
C THR C 7 10.52 27.54 16.07
N VAL C 8 9.94 27.11 14.95
CA VAL C 8 9.78 25.71 14.61
C VAL C 8 10.84 25.33 13.59
N TYR C 9 11.51 24.20 13.82
CA TYR C 9 12.49 23.64 12.89
C TYR C 9 12.06 22.23 12.52
N TYR C 10 12.18 21.91 11.24
CA TYR C 10 11.85 20.59 10.70
C TYR C 10 13.12 19.95 10.17
N GLY C 11 13.39 18.73 10.61
CA GLY C 11 14.58 18.01 10.22
C GLY C 11 15.72 18.06 11.21
N VAL C 12 15.44 18.29 12.49
CA VAL C 12 16.51 18.37 13.49
C VAL C 12 17.01 16.97 13.81
N PRO C 13 18.29 16.80 14.19
CA PRO C 13 18.81 15.45 14.48
C PRO C 13 18.51 14.98 15.90
N VAL C 14 17.29 14.47 16.09
CA VAL C 14 16.84 13.90 17.36
C VAL C 14 16.12 12.59 17.06
N TRP C 15 16.37 11.57 17.89
CA TRP C 15 15.83 10.24 17.68
C TRP C 15 15.32 9.69 19.00
N LYS C 16 14.66 8.54 18.91
CA LYS C 16 14.17 7.83 20.09
C LYS C 16 14.10 6.35 19.77
N ASP C 17 14.03 5.53 20.83
CA ASP C 17 13.94 4.09 20.66
C ASP C 17 12.63 3.72 19.97
N ALA C 18 12.71 2.73 19.08
CA ALA C 18 11.54 2.29 18.33
C ALA C 18 11.81 0.90 17.78
N GLU C 19 10.76 0.28 17.24
CA GLU C 19 10.82 -1.05 16.65
C GLU C 19 10.26 -0.98 15.24
N THR C 20 10.92 -1.68 14.32
CA THR C 20 10.51 -1.70 12.91
C THR C 20 10.97 -3.02 12.30
N THR C 21 10.79 -3.15 10.99
CA THR C 21 11.15 -4.35 10.24
C THR C 21 12.28 -3.99 9.27
N LEU C 22 13.44 -4.60 9.47
CA LEU C 22 14.57 -4.40 8.58
C LEU C 22 14.46 -5.35 7.39
N PHE C 23 15.12 -4.98 6.29
CA PHE C 23 15.10 -5.74 5.05
C PHE C 23 16.51 -6.24 4.71
N CYS C 24 16.56 -7.07 3.67
CA CYS C 24 17.78 -7.81 3.34
C CYS C 24 18.84 -6.94 2.70
N ALA C 25 20.08 -7.40 2.82
CA ALA C 25 21.18 -6.96 1.96
C ALA C 25 22.25 -8.04 2.03
N SER C 26 22.48 -8.75 0.93
CA SER C 26 23.43 -9.84 0.88
C SER C 26 24.12 -9.87 -0.47
N ASP C 27 25.42 -10.17 -0.46
CA ASP C 27 26.20 -10.23 -1.69
C ASP C 27 25.65 -11.29 -2.63
N HIS C 36 22.11 -23.13 -5.18
CA HIS C 36 20.94 -23.38 -4.35
C HIS C 36 21.34 -23.54 -2.89
N ASN C 37 20.75 -22.72 -2.02
CA ASN C 37 21.02 -22.77 -0.59
C ASN C 37 19.71 -22.68 0.17
N VAL C 38 19.71 -23.21 1.40
CA VAL C 38 18.53 -23.17 2.24
C VAL C 38 18.15 -21.73 2.56
N TRP C 39 19.16 -20.90 2.84
CA TRP C 39 18.93 -19.49 3.17
C TRP C 39 18.90 -18.72 1.84
N ALA C 40 17.70 -18.61 1.28
CA ALA C 40 17.53 -18.05 -0.05
C ALA C 40 17.95 -16.58 -0.12
N THR C 41 19.02 -16.31 -0.86
CA THR C 41 19.44 -14.94 -1.13
C THR C 41 18.71 -14.33 -2.34
N HIS C 42 17.90 -15.12 -3.04
CA HIS C 42 17.16 -14.60 -4.18
C HIS C 42 16.19 -13.50 -3.75
N ALA C 43 15.51 -13.69 -2.62
CA ALA C 43 14.59 -12.71 -2.08
C ALA C 43 15.28 -11.68 -1.20
N CYS C 44 16.60 -11.52 -1.34
CA CYS C 44 17.38 -10.57 -0.56
C CYS C 44 18.14 -9.65 -1.49
N VAL C 45 18.16 -8.36 -1.16
CA VAL C 45 18.69 -7.32 -2.04
C VAL C 45 20.20 -7.45 -2.12
N PRO C 46 20.85 -7.05 -3.21
CA PRO C 46 22.31 -6.98 -3.21
C PRO C 46 22.83 -5.92 -2.25
N THR C 47 24.03 -6.14 -1.74
CA THR C 47 24.67 -5.23 -0.80
C THR C 47 25.54 -4.21 -1.55
N ASP C 48 25.70 -3.04 -0.94
CA ASP C 48 26.53 -2.01 -1.55
C ASP C 48 28.00 -2.40 -1.43
N PRO C 49 28.83 -2.06 -2.42
CA PRO C 49 30.25 -2.44 -2.33
C PRO C 49 31.00 -1.71 -1.23
N ASN C 50 30.61 -0.48 -0.89
CA ASN C 50 31.34 0.38 0.05
C ASN C 50 30.38 0.87 1.12
N PRO C 51 30.17 0.10 2.18
CA PRO C 51 29.29 0.57 3.26
C PRO C 51 29.86 1.81 3.95
N GLN C 52 28.96 2.66 4.43
CA GLN C 52 29.31 3.93 5.05
C GLN C 52 28.97 3.92 6.53
N GLU C 53 29.79 4.63 7.30
CA GLU C 53 29.61 4.75 8.75
C GLU C 53 29.94 6.18 9.16
N ILE C 54 29.13 6.74 10.04
CA ILE C 54 29.28 8.11 10.52
C ILE C 54 29.49 8.06 12.03
N HIS C 55 30.68 8.41 12.48
CA HIS C 55 31.00 8.41 13.90
C HIS C 55 30.41 9.64 14.57
N LEU C 56 29.57 9.43 15.60
CA LEU C 56 28.92 10.53 16.30
C LEU C 56 29.76 10.88 17.53
N GLU C 57 30.30 12.10 17.54
CA GLU C 57 31.08 12.58 18.67
C GLU C 57 30.15 13.22 19.71
N ASN C 58 30.54 13.11 20.97
CA ASN C 58 29.81 13.63 22.13
C ASN C 58 28.46 12.95 22.33
N VAL C 59 28.21 11.82 21.67
CA VAL C 59 26.95 11.09 21.78
C VAL C 59 27.21 9.81 22.56
N THR C 60 26.59 9.69 23.74
CA THR C 60 26.63 8.49 24.55
C THR C 60 25.22 7.91 24.61
N GLU C 61 25.08 6.66 24.20
CA GLU C 61 23.78 6.01 24.09
C GLU C 61 23.63 4.95 25.18
N GLU C 62 22.41 4.44 25.31
CA GLU C 62 22.08 3.36 26.24
C GLU C 62 21.81 2.09 25.44
N PHE C 63 22.43 0.99 25.85
CA PHE C 63 22.33 -0.28 25.14
C PHE C 63 21.94 -1.39 26.11
N ASN C 64 21.24 -2.39 25.58
CA ASN C 64 20.80 -3.53 26.36
C ASN C 64 20.58 -4.70 25.41
N MET C 65 21.46 -5.69 25.46
CA MET C 65 21.37 -6.82 24.52
C MET C 65 20.19 -7.72 24.83
N TRP C 66 19.72 -7.74 26.07
CA TRP C 66 18.71 -8.70 26.49
C TRP C 66 17.29 -8.27 26.15
N LYS C 67 17.09 -7.08 25.57
CA LYS C 67 15.79 -6.59 25.14
C LYS C 67 15.90 -6.01 23.72
N ASN C 68 16.58 -6.75 22.84
CA ASN C 68 16.75 -6.36 21.46
C ASN C 68 15.69 -7.04 20.60
N ASN C 69 14.96 -6.25 19.82
CA ASN C 69 13.91 -6.80 18.97
C ASN C 69 14.45 -7.42 17.69
N MET C 70 15.72 -7.14 17.34
CA MET C 70 16.27 -7.70 16.11
C MET C 70 16.48 -9.20 16.21
N VAL C 71 16.74 -9.72 17.41
CA VAL C 71 16.95 -11.16 17.58
C VAL C 71 15.69 -11.92 17.22
N GLU C 72 14.53 -11.44 17.69
CA GLU C 72 13.27 -12.12 17.37
C GLU C 72 13.00 -12.09 15.87
N GLN C 73 13.24 -10.95 15.22
CA GLN C 73 13.03 -10.86 13.78
C GLN C 73 13.96 -11.81 13.03
N MET C 74 15.22 -11.89 13.45
CA MET C 74 16.16 -12.80 12.81
C MET C 74 15.72 -14.25 12.98
N HIS C 75 15.28 -14.62 14.18
CA HIS C 75 14.82 -15.98 14.43
C HIS C 75 13.62 -16.31 13.55
N THR C 76 12.64 -15.39 13.49
CA THR C 76 11.45 -15.63 12.68
C THR C 76 11.81 -15.74 11.20
N ASP C 77 12.70 -14.87 10.71
CA ASP C 77 13.09 -14.92 9.30
C ASP C 77 13.82 -16.21 8.98
N ILE C 78 14.71 -16.66 9.87
CA ILE C 78 15.43 -17.91 9.64
C ILE C 78 14.46 -19.08 9.59
N ILE C 79 13.52 -19.13 10.52
CA ILE C 79 12.54 -20.22 10.53
C ILE C 79 11.68 -20.16 9.27
N SER C 80 11.29 -18.97 8.84
CA SER C 80 10.46 -18.84 7.65
C SER C 80 11.20 -19.31 6.41
N LEU C 81 12.46 -18.87 6.24
CA LEU C 81 13.25 -19.33 5.10
C LEU C 81 13.43 -20.84 5.14
N TRP C 82 13.65 -21.39 6.33
CA TRP C 82 13.78 -22.83 6.47
C TRP C 82 12.50 -23.53 6.01
N ASP C 83 11.34 -23.00 6.40
CA ASP C 83 10.07 -23.60 6.01
C ASP C 83 9.88 -23.53 4.50
N GLN C 84 10.21 -22.39 3.89
CA GLN C 84 10.02 -22.25 2.44
C GLN C 84 10.95 -23.17 1.66
N SER C 85 12.17 -23.39 2.16
CA SER C 85 13.15 -24.14 1.39
C SER C 85 12.73 -25.60 1.19
N LEU C 86 11.97 -26.16 2.13
CA LEU C 86 11.64 -27.58 2.11
C LEU C 86 10.37 -27.91 1.34
N LYS C 87 9.71 -26.91 0.73
CA LYS C 87 8.42 -27.18 0.11
C LYS C 87 8.53 -28.00 -1.16
N PRO C 88 9.24 -27.55 -2.21
CA PRO C 88 9.08 -28.16 -3.54
C PRO C 88 10.00 -29.36 -3.80
N CYS C 89 9.74 -30.45 -3.09
CA CYS C 89 10.33 -31.76 -3.40
C CYS C 89 9.67 -32.80 -2.47
N VAL C 90 10.16 -34.04 -2.53
CA VAL C 90 9.35 -35.20 -2.18
C VAL C 90 8.94 -35.23 -0.70
N LYS C 91 7.77 -35.80 -0.45
CA LYS C 91 7.29 -36.15 0.89
C LYS C 91 7.36 -37.67 1.04
N LEU C 92 7.89 -38.13 2.17
CA LEU C 92 8.14 -39.56 2.38
C LEU C 92 6.96 -40.21 3.12
N THR C 93 5.78 -40.14 2.49
CA THR C 93 4.61 -40.81 3.05
C THR C 93 4.76 -42.32 3.07
N PRO C 94 5.16 -43.00 1.98
CA PRO C 94 5.13 -44.48 1.99
C PRO C 94 6.26 -45.14 2.76
N LEU C 95 7.16 -44.38 3.39
CA LEU C 95 8.31 -44.99 4.04
C LEU C 95 7.94 -45.81 5.27
N CYS C 96 6.76 -45.58 5.84
CA CYS C 96 6.34 -46.29 7.06
C CYS C 96 5.78 -47.65 6.69
N VAL C 97 6.66 -48.64 6.58
CA VAL C 97 6.29 -50.03 6.39
C VAL C 97 7.12 -50.87 7.37
N THR C 98 6.63 -52.08 7.63
CA THR C 98 7.30 -52.99 8.54
C THR C 98 8.64 -53.41 7.93
N LEU C 99 9.72 -53.18 8.68
CA LEU C 99 11.08 -53.44 8.21
C LEU C 99 11.63 -54.69 8.89
N GLN C 100 12.20 -55.59 8.09
CA GLN C 100 12.87 -56.78 8.59
C GLN C 100 14.37 -56.47 8.64
N CYS C 101 14.91 -56.37 9.85
CA CYS C 101 16.25 -55.85 10.07
C CYS C 101 17.16 -56.89 10.70
N THR C 102 18.43 -56.82 10.34
CA THR C 102 19.49 -57.66 10.89
C THR C 102 20.66 -56.78 11.28
N ASN C 103 21.60 -57.36 12.02
CA ASN C 103 22.78 -56.63 12.48
C ASN C 103 23.85 -56.60 11.39
N VAL C 104 24.55 -55.48 11.31
CA VAL C 104 25.70 -55.32 10.42
C VAL C 104 26.95 -55.63 11.22
N THR C 105 27.70 -56.65 10.79
CA THR C 105 28.89 -57.09 11.52
C THR C 105 30.04 -57.41 10.55
N ASN C 106 30.11 -56.70 9.43
CA ASN C 106 31.15 -56.90 8.43
C ASN C 106 32.22 -55.82 8.61
N ASN C 107 33.34 -56.20 9.20
CA ASN C 107 34.49 -55.31 9.40
C ASN C 107 34.10 -54.08 10.22
N ILE C 108 33.72 -54.33 11.47
CA ILE C 108 33.34 -53.28 12.41
C ILE C 108 34.22 -53.39 13.64
N THR C 109 34.37 -52.27 14.35
CA THR C 109 35.17 -52.21 15.55
C THR C 109 34.32 -52.59 16.76
N ASP C 110 34.88 -52.44 17.96
CA ASP C 110 34.18 -52.79 19.19
C ASP C 110 33.27 -51.68 19.69
N ASP C 111 33.28 -50.50 19.07
CA ASP C 111 32.46 -49.38 19.49
C ASP C 111 31.32 -49.06 18.53
N MET C 112 31.34 -49.62 17.32
CA MET C 112 30.28 -49.43 16.34
C MET C 112 29.31 -50.60 16.29
N ARG C 113 29.41 -51.53 17.24
CA ARG C 113 28.54 -52.71 17.25
C ARG C 113 27.12 -52.30 17.61
N GLY C 114 26.16 -52.69 16.76
CA GLY C 114 24.77 -52.42 17.01
C GLY C 114 24.30 -51.03 16.59
N GLU C 115 25.20 -50.19 16.06
CA GLU C 115 24.83 -48.85 15.65
C GLU C 115 24.24 -48.80 14.25
N LEU C 116 24.36 -49.88 13.47
CA LEU C 116 23.85 -49.94 12.10
C LEU C 116 22.98 -51.17 11.94
N LYS C 117 21.86 -51.00 11.23
CA LYS C 117 20.92 -52.08 10.98
C LYS C 117 20.69 -52.21 9.48
N ASN C 118 20.80 -53.43 8.97
CA ASN C 118 20.54 -53.73 7.56
C ASN C 118 19.10 -54.19 7.45
N CYS C 119 18.24 -53.34 6.89
CA CYS C 119 16.80 -53.57 6.88
C CYS C 119 16.33 -53.78 5.44
N SER C 120 15.31 -54.62 5.30
CA SER C 120 14.65 -54.89 4.03
C SER C 120 13.15 -54.68 4.19
N PHE C 121 12.52 -54.24 3.10
CA PHE C 121 11.10 -53.91 3.13
C PHE C 121 10.55 -53.92 1.71
N ASN C 122 9.23 -53.80 1.62
CA ASN C 122 8.52 -53.65 0.37
C ASN C 122 8.25 -52.16 0.12
N MET C 123 8.13 -51.81 -1.16
CA MET C 123 7.97 -50.42 -1.55
C MET C 123 7.12 -50.34 -2.81
N THR C 124 6.49 -49.19 -3.00
CA THR C 124 5.69 -48.94 -4.18
C THR C 124 6.59 -48.57 -5.36
N THR C 125 5.98 -48.53 -6.55
CA THR C 125 6.69 -48.18 -7.78
C THR C 125 5.94 -47.08 -8.52
N GLU C 126 6.37 -46.75 -9.74
CA GLU C 126 5.69 -45.73 -10.51
C GLU C 126 4.25 -46.15 -10.82
N LEU C 127 4.06 -47.41 -11.19
CA LEU C 127 2.72 -47.96 -11.37
C LEU C 127 2.14 -48.32 -10.01
N ARG C 128 0.86 -48.00 -9.79
CA ARG C 128 0.23 -48.19 -8.50
C ARG C 128 -0.25 -49.63 -8.28
N ASP C 129 -0.06 -50.53 -9.25
CA ASP C 129 -0.45 -51.93 -9.14
C ASP C 129 0.75 -52.85 -9.08
N LYS C 130 1.94 -52.33 -8.76
CA LYS C 130 3.16 -53.12 -8.70
C LYS C 130 3.93 -52.76 -7.43
N LYS C 131 4.71 -53.71 -6.94
CA LYS C 131 5.52 -53.53 -5.74
C LYS C 131 6.93 -54.06 -6.00
N GLN C 132 7.87 -53.59 -5.18
CA GLN C 132 9.27 -54.00 -5.27
C GLN C 132 9.79 -54.28 -3.87
N LYS C 133 10.89 -55.03 -3.81
CA LYS C 133 11.58 -55.34 -2.56
C LYS C 133 12.92 -54.63 -2.55
N VAL C 134 13.17 -53.84 -1.51
CA VAL C 134 14.37 -53.03 -1.40
C VAL C 134 14.97 -53.20 -0.01
N TYR C 135 16.19 -52.70 0.14
CA TYR C 135 16.90 -52.77 1.41
C TYR C 135 17.79 -51.55 1.56
N SER C 136 18.11 -51.23 2.81
CA SER C 136 18.92 -50.06 3.13
C SER C 136 19.53 -50.22 4.50
N LEU C 137 20.53 -49.38 4.78
CA LEU C 137 21.20 -49.34 6.07
C LEU C 137 20.68 -48.14 6.86
N PHE C 138 20.23 -48.41 8.09
CA PHE C 138 19.68 -47.38 8.98
C PHE C 138 20.50 -47.32 10.25
N TYR C 139 20.39 -46.20 10.95
CA TYR C 139 21.07 -46.00 12.22
C TYR C 139 20.18 -46.46 13.37
N ARG C 140 20.82 -46.86 14.48
CA ARG C 140 20.07 -47.38 15.62
C ARG C 140 19.15 -46.32 16.21
N LEU C 141 19.50 -45.04 16.08
CA LEU C 141 18.68 -43.96 16.61
C LEU C 141 17.45 -43.67 15.76
N ASP C 142 17.36 -44.25 14.56
CA ASP C 142 16.26 -43.96 13.64
C ASP C 142 15.18 -45.03 13.61
N VAL C 143 15.46 -46.23 14.13
CA VAL C 143 14.54 -47.35 14.08
C VAL C 143 14.21 -47.81 15.49
N VAL C 144 12.95 -48.15 15.72
CA VAL C 144 12.48 -48.66 17.01
C VAL C 144 11.79 -49.99 16.78
N GLN C 145 12.09 -50.96 17.64
CA GLN C 145 11.49 -52.28 17.52
C GLN C 145 9.98 -52.20 17.74
N ILE C 146 9.23 -52.90 16.89
CA ILE C 146 7.78 -52.90 16.96
C ILE C 146 7.30 -54.09 17.79
N LYS C 159 12.55 -58.88 15.44
CA LYS C 159 13.19 -58.66 14.15
C LYS C 159 12.39 -57.69 13.27
N GLU C 160 11.36 -57.07 13.83
CA GLU C 160 10.51 -56.11 13.13
C GLU C 160 10.71 -54.73 13.74
N TYR C 161 11.03 -53.75 12.89
CA TYR C 161 11.32 -52.39 13.32
C TYR C 161 10.51 -51.41 12.48
N ARG C 162 10.39 -50.18 12.98
CA ARG C 162 9.71 -49.12 12.27
C ARG C 162 10.42 -47.80 12.53
N LEU C 163 10.22 -46.85 11.61
CA LEU C 163 10.83 -45.54 11.76
C LEU C 163 10.24 -44.83 12.97
N ILE C 164 11.09 -44.02 13.63
CA ILE C 164 10.73 -43.40 14.89
C ILE C 164 9.59 -42.39 14.75
N ASN C 165 9.42 -41.80 13.56
CA ASN C 165 8.55 -40.65 13.41
C ASN C 165 7.14 -40.99 12.90
N CYS C 166 6.89 -42.23 12.50
CA CYS C 166 5.60 -42.55 11.91
C CYS C 166 4.45 -42.54 12.90
N ASN C 167 4.72 -42.73 14.20
CA ASN C 167 3.66 -42.64 15.19
C ASN C 167 3.40 -41.21 15.65
N THR C 168 4.12 -40.23 15.10
CA THR C 168 3.88 -38.82 15.37
C THR C 168 3.29 -38.11 14.16
N SER C 169 3.97 -38.17 13.01
CA SER C 169 3.47 -37.56 11.78
C SER C 169 4.35 -37.99 10.62
N ALA C 170 3.75 -38.04 9.43
CA ALA C 170 4.53 -38.19 8.21
C ALA C 170 5.25 -36.88 7.91
N CYS C 171 6.43 -37.00 7.28
CA CYS C 171 7.32 -35.86 7.16
C CYS C 171 8.26 -36.05 5.98
N THR C 172 8.79 -34.93 5.50
CA THR C 172 9.42 -34.83 4.19
C THR C 172 10.88 -35.29 4.23
N GLN C 173 11.53 -35.17 3.08
CA GLN C 173 12.95 -35.49 2.90
C GLN C 173 13.71 -34.20 2.61
N ALA C 174 14.96 -34.16 3.04
CA ALA C 174 15.82 -33.05 2.65
C ALA C 174 15.97 -33.04 1.14
N CYS C 175 16.17 -31.86 0.58
CA CYS C 175 16.11 -31.69 -0.86
C CYS C 175 17.55 -31.72 -1.38
N PRO C 176 17.94 -32.68 -2.23
CA PRO C 176 19.38 -32.83 -2.56
C PRO C 176 20.07 -31.57 -3.05
N LYS C 177 19.42 -30.77 -3.90
CA LYS C 177 20.11 -29.72 -4.62
C LYS C 177 20.47 -28.52 -3.76
N VAL C 178 19.78 -28.29 -2.64
CA VAL C 178 20.06 -27.15 -1.77
C VAL C 178 21.11 -27.58 -0.75
N SER C 179 22.03 -26.65 -0.44
CA SER C 179 23.11 -26.88 0.50
C SER C 179 22.85 -26.15 1.81
N PHE C 180 23.32 -26.74 2.90
CA PHE C 180 23.10 -26.22 4.24
C PHE C 180 24.16 -25.23 4.69
N GLU C 181 25.10 -24.87 3.82
CA GLU C 181 26.19 -23.98 4.22
C GLU C 181 25.63 -22.59 4.56
N PRO C 182 25.91 -22.04 5.75
CA PRO C 182 25.46 -20.67 6.03
C PRO C 182 26.17 -19.65 5.15
N ILE C 183 25.48 -18.54 4.90
CA ILE C 183 26.03 -17.41 4.15
C ILE C 183 25.73 -16.13 4.93
N PRO C 184 26.55 -15.09 4.82
CA PRO C 184 26.27 -13.86 5.57
C PRO C 184 25.00 -13.16 5.07
N ILE C 185 24.36 -12.44 5.98
CA ILE C 185 23.18 -11.63 5.67
C ILE C 185 23.27 -10.34 6.48
N HIS C 186 22.89 -9.23 5.84
CA HIS C 186 22.89 -7.91 6.47
C HIS C 186 21.46 -7.39 6.55
N TYR C 187 21.15 -6.68 7.64
CA TYR C 187 19.82 -6.16 7.91
C TYR C 187 19.83 -4.65 7.88
N CYS C 188 19.16 -4.07 6.87
CA CYS C 188 19.19 -2.63 6.64
C CYS C 188 17.81 -2.03 6.85
N ALA C 189 17.79 -0.86 7.46
CA ALA C 189 16.57 -0.27 7.97
C ALA C 189 15.83 0.53 6.90
N PRO C 190 14.54 0.80 7.09
CA PRO C 190 13.79 1.59 6.11
C PRO C 190 14.04 3.08 6.31
N ALA C 191 13.35 3.88 5.50
CA ALA C 191 13.44 5.33 5.63
C ALA C 191 12.84 5.78 6.96
N GLY C 192 13.41 6.85 7.51
CA GLY C 192 12.97 7.37 8.80
C GLY C 192 13.52 6.64 10.00
N PHE C 193 14.38 5.63 9.81
CA PHE C 193 14.97 4.87 10.89
C PHE C 193 16.48 4.81 10.69
N ALA C 194 17.19 4.64 11.80
CA ALA C 194 18.65 4.57 11.78
C ALA C 194 19.12 3.43 12.69
N ILE C 195 20.30 2.92 12.38
CA ILE C 195 20.94 1.85 13.14
C ILE C 195 22.19 2.43 13.80
N LEU C 196 22.25 2.31 15.12
CA LEU C 196 23.36 2.80 15.92
C LEU C 196 24.20 1.62 16.40
N LYS C 197 25.51 1.75 16.24
CA LYS C 197 26.48 0.72 16.62
C LYS C 197 27.39 1.27 17.71
N CYS C 198 27.63 0.45 18.72
CA CYS C 198 28.51 0.81 19.84
C CYS C 198 29.89 0.20 19.58
N LYS C 199 30.90 1.06 19.48
CA LYS C 199 32.27 0.64 19.20
C LYS C 199 33.13 0.58 20.46
N ASP C 200 32.55 0.75 21.64
CA ASP C 200 33.32 0.76 22.87
C ASP C 200 33.70 -0.67 23.25
N LYS C 201 35.00 -0.93 23.36
CA LYS C 201 35.47 -2.23 23.79
C LYS C 201 35.16 -2.44 25.27
N LYS C 202 35.22 -3.70 25.70
CA LYS C 202 34.87 -4.12 27.06
C LYS C 202 33.40 -3.84 27.39
N PHE C 203 32.57 -3.63 26.38
CA PHE C 203 31.15 -3.38 26.59
C PHE C 203 30.45 -4.71 26.85
N ASN C 204 29.90 -4.88 28.05
CA ASN C 204 29.34 -6.15 28.48
C ASN C 204 27.86 -6.29 28.15
N GLY C 205 27.38 -5.60 27.12
CA GLY C 205 26.05 -5.83 26.59
C GLY C 205 24.95 -5.02 27.24
N THR C 206 25.24 -4.28 28.31
CA THR C 206 24.23 -3.49 28.99
C THR C 206 24.88 -2.26 29.61
N GLY C 207 24.23 -1.11 29.45
CA GLY C 207 24.67 0.11 30.08
C GLY C 207 24.92 1.24 29.10
N PRO C 208 25.66 2.27 29.53
CA PRO C 208 25.96 3.39 28.62
C PRO C 208 27.21 3.17 27.78
N CYS C 209 27.09 3.37 26.47
CA CYS C 209 28.20 3.29 25.54
C CYS C 209 28.57 4.70 25.09
N PRO C 210 29.80 5.20 25.33
CA PRO C 210 30.12 6.58 24.96
C PRO C 210 30.47 6.76 23.48
N SER C 211 31.04 5.71 22.87
CA SER C 211 31.44 5.77 21.47
C SER C 211 30.34 5.15 20.61
N VAL C 212 29.78 5.97 19.71
CA VAL C 212 28.63 5.57 18.93
C VAL C 212 28.86 5.95 17.47
N SER C 213 28.32 5.11 16.57
CA SER C 213 28.35 5.39 15.15
C SER C 213 26.98 5.07 14.57
N THR C 214 26.66 5.71 13.45
CA THR C 214 25.47 5.43 12.67
C THR C 214 25.90 4.65 11.44
N VAL C 215 25.28 3.50 11.22
CA VAL C 215 25.58 2.65 10.08
C VAL C 215 24.30 2.43 9.31
N GLN C 216 24.41 2.42 7.98
CA GLN C 216 23.24 2.05 7.19
C GLN C 216 22.79 0.64 7.54
N CYS C 217 23.73 -0.30 7.70
CA CYS C 217 23.40 -1.63 8.18
C CYS C 217 24.65 -2.45 8.50
N THR C 218 24.40 -3.59 9.13
CA THR C 218 25.37 -4.32 9.94
C THR C 218 26.31 -5.16 9.07
N HIS C 219 27.31 -5.73 9.74
CA HIS C 219 28.23 -6.65 9.11
C HIS C 219 27.54 -7.98 8.82
N GLY C 220 28.13 -8.73 7.89
CA GLY C 220 27.61 -10.03 7.53
C GLY C 220 27.59 -10.99 8.71
N ILE C 221 26.44 -11.61 8.96
CA ILE C 221 26.25 -12.53 10.07
C ILE C 221 25.89 -13.89 9.49
N LYS C 222 26.67 -14.91 9.83
CA LYS C 222 26.42 -16.26 9.35
C LYS C 222 25.44 -16.97 10.28
N PRO C 223 24.27 -17.43 9.79
CA PRO C 223 23.36 -18.12 10.72
C PRO C 223 23.79 -19.56 11.01
N VAL C 224 24.80 -19.68 11.86
CA VAL C 224 25.33 -20.99 12.24
C VAL C 224 24.47 -21.58 13.34
N VAL C 225 24.03 -22.81 13.15
CA VAL C 225 23.18 -23.53 14.08
C VAL C 225 24.03 -24.55 14.82
N SER C 226 24.19 -24.35 16.12
CA SER C 226 24.98 -25.27 16.95
C SER C 226 24.56 -25.11 18.40
N THR C 227 24.95 -26.09 19.21
CA THR C 227 24.64 -26.11 20.63
C THR C 227 25.91 -26.40 21.43
N GLN C 228 26.01 -25.75 22.58
CA GLN C 228 27.09 -25.92 23.55
C GLN C 228 28.42 -25.33 23.09
N LEU C 229 28.48 -24.83 21.85
CA LEU C 229 29.70 -24.27 21.30
C LEU C 229 29.32 -23.35 20.15
N LEU C 230 29.85 -22.13 20.16
CA LEU C 230 29.63 -21.17 19.08
C LEU C 230 30.73 -21.33 18.05
N LEU C 231 30.36 -21.66 16.81
CA LEU C 231 31.30 -21.97 15.76
C LEU C 231 31.24 -20.92 14.65
N ASN C 232 32.41 -20.60 14.10
CA ASN C 232 32.54 -19.64 13.00
C ASN C 232 31.90 -18.29 13.37
N GLY C 233 32.15 -17.85 14.59
CA GLY C 233 31.64 -16.59 15.11
C GLY C 233 32.65 -15.47 15.06
N SER C 234 32.50 -14.52 15.96
CA SER C 234 33.38 -13.36 16.06
C SER C 234 34.17 -13.42 17.37
N LEU C 235 35.33 -12.78 17.36
CA LEU C 235 36.25 -12.80 18.49
C LEU C 235 36.36 -11.41 19.12
N ALA C 236 36.50 -11.41 20.45
CA ALA C 236 36.67 -10.16 21.17
C ALA C 236 38.02 -9.52 20.84
N GLU C 237 38.04 -8.19 20.77
CA GLU C 237 39.23 -7.45 20.40
C GLU C 237 40.17 -7.18 21.57
N GLU C 238 39.73 -7.39 22.81
CA GLU C 238 40.52 -7.08 23.99
C GLU C 238 40.87 -8.32 24.81
N GLU C 239 39.89 -9.11 25.20
CA GLU C 239 40.12 -10.28 26.05
C GLU C 239 38.83 -11.07 26.12
N VAL C 240 38.86 -12.17 26.88
CA VAL C 240 37.67 -13.00 27.05
C VAL C 240 36.60 -12.18 27.75
N MET C 241 35.38 -12.24 27.20
CA MET C 241 34.24 -11.47 27.71
C MET C 241 33.20 -12.44 28.26
N ILE C 242 32.63 -12.09 29.41
CA ILE C 242 31.57 -12.87 30.05
C ILE C 242 30.34 -11.96 30.17
N ARG C 243 29.20 -12.45 29.72
CA ARG C 243 27.96 -11.69 29.71
C ARG C 243 26.82 -12.52 30.29
N SER C 244 25.93 -11.87 31.03
CA SER C 244 24.78 -12.52 31.62
C SER C 244 23.75 -11.47 31.99
N GLU C 245 22.48 -11.81 31.83
CA GLU C 245 21.42 -10.86 32.17
C GLU C 245 21.44 -10.54 33.66
N ASN C 246 21.63 -11.56 34.50
CA ASN C 246 21.74 -11.37 35.95
C ASN C 246 22.68 -12.47 36.46
N ILE C 247 23.96 -12.12 36.59
CA ILE C 247 24.97 -13.10 36.95
C ILE C 247 24.72 -13.68 38.33
N THR C 248 24.07 -12.93 39.23
CA THR C 248 23.74 -13.46 40.54
C THR C 248 22.72 -14.59 40.46
N ASN C 249 21.83 -14.57 39.47
CA ASN C 249 20.81 -15.60 39.30
C ASN C 249 21.40 -16.77 38.53
N ASN C 250 21.18 -17.99 39.04
CA ASN C 250 21.69 -19.19 38.41
C ASN C 250 20.79 -19.69 37.27
N ALA C 251 19.61 -19.11 37.08
CA ALA C 251 18.69 -19.54 36.05
C ALA C 251 18.95 -18.87 34.70
N LYS C 252 19.92 -17.96 34.62
CA LYS C 252 20.24 -17.26 33.39
C LYS C 252 21.55 -17.80 32.83
N ASN C 253 21.56 -18.08 31.53
CA ASN C 253 22.74 -18.61 30.87
C ASN C 253 23.83 -17.54 30.81
N ILE C 254 25.08 -18.01 30.76
CA ILE C 254 26.26 -17.14 30.68
C ILE C 254 26.90 -17.34 29.32
N LEU C 255 27.12 -16.23 28.61
CA LEU C 255 27.74 -16.24 27.30
C LEU C 255 29.20 -15.84 27.45
N VAL C 256 30.11 -16.70 26.97
CA VAL C 256 31.55 -16.46 27.02
C VAL C 256 32.03 -16.28 25.59
N GLN C 257 32.74 -15.18 25.34
CA GLN C 257 33.30 -14.87 24.03
C GLN C 257 34.82 -14.85 24.14
N PHE C 258 35.49 -15.61 23.28
CA PHE C 258 36.94 -15.69 23.31
C PHE C 258 37.56 -14.54 22.53
N ASN C 259 38.86 -14.33 22.76
CA ASN C 259 39.66 -13.39 21.97
C ASN C 259 40.45 -14.08 20.87
N THR C 260 40.64 -15.39 20.95
CA THR C 260 41.28 -16.19 19.92
C THR C 260 40.48 -17.46 19.70
N PRO C 261 40.54 -18.05 18.50
CA PRO C 261 39.75 -19.25 18.22
C PRO C 261 40.50 -20.52 18.62
N VAL C 262 39.74 -21.61 18.68
CA VAL C 262 40.29 -22.95 18.93
C VAL C 262 39.89 -23.84 17.77
N GLN C 263 40.87 -24.42 17.09
CA GLN C 263 40.57 -25.23 15.91
C GLN C 263 40.05 -26.60 16.32
N ILE C 264 39.00 -27.05 15.62
CA ILE C 264 38.40 -28.36 15.84
C ILE C 264 38.25 -29.05 14.50
N ASN C 265 38.63 -30.33 14.43
CA ASN C 265 38.60 -31.10 13.19
C ASN C 265 37.66 -32.29 13.37
N CYS C 266 36.54 -32.28 12.65
CA CYS C 266 35.55 -33.35 12.73
C CYS C 266 35.54 -34.15 11.43
N THR C 267 35.19 -35.43 11.53
CA THR C 267 35.23 -36.30 10.36
C THR C 267 34.29 -37.49 10.54
N ARG C 268 33.66 -37.88 9.43
CA ARG C 268 33.06 -39.20 9.28
C ARG C 268 33.88 -39.98 8.27
N PRO C 269 34.56 -41.09 8.68
CA PRO C 269 35.52 -41.72 7.76
C PRO C 269 34.93 -42.82 6.87
N ASN C 270 33.69 -43.21 7.14
CA ASN C 270 33.08 -44.30 6.38
C ASN C 270 32.88 -43.90 4.92
N ASN C 271 33.19 -44.82 4.02
CA ASN C 271 33.02 -44.60 2.58
C ASN C 271 31.61 -45.04 2.22
N ASN C 272 30.66 -44.10 2.33
CA ASN C 272 29.26 -44.41 2.11
C ASN C 272 28.95 -44.51 0.62
N THR C 273 27.85 -45.19 0.32
CA THR C 273 27.35 -45.34 -1.05
C THR C 273 25.87 -44.99 -1.06
N ARG C 274 25.44 -44.39 -2.16
CA ARG C 274 24.07 -43.90 -2.32
C ARG C 274 23.41 -44.56 -3.53
N LYS C 275 22.14 -44.92 -3.38
CA LYS C 275 21.34 -45.46 -4.46
C LYS C 275 19.97 -44.79 -4.45
N SER C 276 19.33 -44.78 -5.61
CA SER C 276 18.03 -44.14 -5.80
C SER C 276 16.98 -45.20 -6.10
N ILE C 277 15.82 -45.07 -5.45
CA ILE C 277 14.68 -45.96 -5.65
C ILE C 277 13.50 -45.12 -6.08
N ARG C 278 12.90 -45.47 -7.22
CA ARG C 278 11.76 -44.74 -7.75
C ARG C 278 10.50 -45.19 -7.03
N ILE C 279 9.94 -44.31 -6.20
CA ILE C 279 8.77 -44.65 -5.38
C ILE C 279 7.47 -44.11 -5.97
N GLY C 280 7.51 -43.47 -7.14
CA GLY C 280 6.34 -42.94 -7.76
C GLY C 280 6.68 -42.13 -8.99
N PRO C 281 5.67 -41.49 -9.60
CA PRO C 281 5.94 -40.63 -10.77
C PRO C 281 6.76 -39.42 -10.39
N GLY C 282 8.02 -39.39 -10.85
CA GLY C 282 8.91 -38.28 -10.52
C GLY C 282 9.18 -38.15 -9.04
N GLN C 283 9.34 -39.28 -8.35
CA GLN C 283 9.61 -39.28 -6.91
C GLN C 283 10.66 -40.34 -6.62
N ALA C 284 11.79 -39.93 -6.07
CA ALA C 284 12.92 -40.80 -5.79
C ALA C 284 13.31 -40.71 -4.32
N PHE C 285 13.62 -41.85 -3.74
CA PHE C 285 14.10 -41.96 -2.36
C PHE C 285 15.55 -42.42 -2.39
N TYR C 286 16.40 -41.72 -1.64
CA TYR C 286 17.83 -41.99 -1.62
C TYR C 286 18.18 -42.83 -0.40
N ALA C 287 18.75 -44.01 -0.65
CA ALA C 287 19.10 -44.96 0.40
C ALA C 287 20.59 -45.24 0.39
N THR C 288 21.07 -45.77 1.52
CA THR C 288 22.48 -46.13 1.68
C THR C 288 22.67 -47.56 1.19
N GLY C 289 23.44 -47.72 0.12
CA GLY C 289 23.68 -49.04 -0.45
C GLY C 289 24.53 -49.92 0.44
N ASP C 290 25.80 -49.56 0.60
CA ASP C 290 26.73 -50.34 1.40
C ASP C 290 27.94 -49.46 1.70
N ILE C 291 28.74 -49.90 2.67
CA ILE C 291 29.96 -49.21 3.07
C ILE C 291 31.14 -49.97 2.49
N ILE C 292 32.02 -49.25 1.78
CA ILE C 292 33.18 -49.84 1.14
C ILE C 292 34.34 -49.79 2.14
N GLY C 293 34.82 -50.96 2.55
CA GLY C 293 35.95 -51.05 3.46
C GLY C 293 35.53 -51.17 4.92
N ASP C 294 36.40 -50.72 5.82
CA ASP C 294 36.14 -50.83 7.25
C ASP C 294 35.07 -49.82 7.68
N ILE C 295 34.49 -50.09 8.85
CA ILE C 295 33.48 -49.23 9.46
C ILE C 295 34.07 -48.69 10.76
N ARG C 296 34.08 -47.37 10.91
CA ARG C 296 34.66 -46.72 12.07
C ARG C 296 33.76 -45.58 12.52
N GLN C 297 34.01 -45.11 13.74
CA GLN C 297 33.18 -44.07 14.35
C GLN C 297 33.61 -42.69 13.89
N ALA C 298 32.64 -41.86 13.52
CA ALA C 298 32.90 -40.45 13.28
C ALA C 298 33.33 -39.79 14.58
N HIS C 299 34.26 -38.84 14.47
CA HIS C 299 34.83 -38.25 15.69
C HIS C 299 35.42 -36.89 15.37
N CYS C 300 35.70 -36.14 16.43
CA CYS C 300 36.29 -34.82 16.37
C CYS C 300 37.56 -34.77 17.22
N ASN C 301 38.44 -33.82 16.89
CA ASN C 301 39.68 -33.60 17.60
C ASN C 301 39.82 -32.12 17.92
N VAL C 302 40.33 -31.83 19.11
CA VAL C 302 40.63 -30.46 19.53
C VAL C 302 41.95 -30.46 20.30
N SER C 303 42.75 -29.41 20.10
CA SER C 303 44.05 -29.34 20.74
C SER C 303 43.89 -29.26 22.26
N LYS C 304 44.86 -29.87 22.97
CA LYS C 304 44.79 -29.94 24.42
C LYS C 304 45.36 -28.68 25.08
N ALA C 305 46.57 -28.27 24.67
CA ALA C 305 47.19 -27.11 25.29
C ALA C 305 46.38 -25.83 25.03
N THR C 306 45.87 -25.68 23.81
CA THR C 306 45.05 -24.51 23.50
C THR C 306 43.78 -24.48 24.35
N TRP C 307 43.14 -25.64 24.51
CA TRP C 307 41.94 -25.70 25.35
C TRP C 307 42.28 -25.38 26.80
N ASN C 308 43.41 -25.88 27.30
CA ASN C 308 43.80 -25.58 28.67
C ASN C 308 44.05 -24.09 28.86
N GLU C 309 44.72 -23.46 27.91
CA GLU C 309 44.97 -22.02 27.99
C GLU C 309 43.66 -21.24 27.94
N THR C 310 42.74 -21.65 27.06
CA THR C 310 41.45 -20.97 26.98
C THR C 310 40.67 -21.11 28.28
N LEU C 311 40.67 -22.31 28.87
CA LEU C 311 40.00 -22.50 30.15
C LEU C 311 40.66 -21.69 31.26
N GLY C 312 41.99 -21.55 31.22
CA GLY C 312 42.67 -20.69 32.18
C GLY C 312 42.22 -19.25 32.07
N LYS C 313 42.14 -18.74 30.83
CA LYS C 313 41.63 -17.39 30.63
C LYS C 313 40.19 -17.25 31.11
N VAL C 314 39.36 -18.26 30.82
CA VAL C 314 37.95 -18.19 31.19
C VAL C 314 37.79 -18.17 32.71
N VAL C 315 38.53 -19.03 33.42
CA VAL C 315 38.42 -19.05 34.88
C VAL C 315 39.01 -17.78 35.48
N LYS C 316 40.08 -17.25 34.87
CA LYS C 316 40.62 -15.97 35.33
C LYS C 316 39.57 -14.88 35.24
N GLN C 317 38.84 -14.81 34.12
CA GLN C 317 37.80 -13.80 33.98
C GLN C 317 36.64 -14.08 34.94
N LEU C 318 36.29 -15.35 35.14
CA LEU C 318 35.19 -15.69 36.02
C LEU C 318 35.49 -15.31 37.47
N ARG C 319 36.75 -15.41 37.88
CA ARG C 319 37.13 -15.02 39.23
C ARG C 319 36.84 -13.55 39.51
N LYS C 320 36.75 -12.71 38.48
CA LYS C 320 36.40 -11.32 38.70
C LYS C 320 35.01 -11.18 39.29
N HIS C 321 34.06 -11.99 38.81
CA HIS C 321 32.68 -11.91 39.27
C HIS C 321 32.37 -12.86 40.43
N PHE C 322 33.08 -13.99 40.51
CA PHE C 322 32.78 -15.03 41.49
C PHE C 322 33.92 -15.18 42.50
N GLY C 323 34.50 -14.06 42.91
CA GLY C 323 35.49 -14.06 43.96
C GLY C 323 36.87 -14.45 43.47
N ASN C 324 37.88 -14.05 44.25
CA ASN C 324 39.27 -14.31 43.91
C ASN C 324 39.81 -15.59 44.52
N ASN C 325 39.21 -16.07 45.61
CA ASN C 325 39.67 -17.26 46.32
C ASN C 325 38.61 -18.35 46.29
N THR C 326 37.99 -18.55 45.14
CA THR C 326 36.95 -19.56 44.95
C THR C 326 37.44 -20.64 43.98
N ILE C 327 37.00 -21.87 44.22
CA ILE C 327 37.33 -23.02 43.39
C ILE C 327 36.29 -23.11 42.29
N ILE C 328 36.75 -23.22 41.04
CA ILE C 328 35.89 -23.21 39.87
C ILE C 328 35.94 -24.58 39.22
N ARG C 329 34.77 -25.21 39.08
CA ARG C 329 34.66 -26.57 38.58
C ARG C 329 33.96 -26.58 37.23
N PHE C 330 34.50 -27.35 36.29
CA PHE C 330 33.88 -27.62 35.01
C PHE C 330 33.48 -29.09 34.98
N ALA C 331 32.19 -29.35 34.80
CA ALA C 331 31.63 -30.70 34.89
C ALA C 331 30.80 -31.05 33.66
N ASN C 332 30.14 -32.19 33.69
CA ASN C 332 29.39 -32.69 32.55
C ASN C 332 27.97 -32.13 32.55
N SER C 333 27.29 -32.30 31.41
CA SER C 333 25.92 -31.85 31.27
C SER C 333 25.00 -32.64 32.19
N SER C 334 23.96 -31.97 32.68
CA SER C 334 23.02 -32.62 33.58
C SER C 334 22.31 -33.79 32.90
N GLY C 335 21.55 -33.50 31.85
CA GLY C 335 20.84 -34.54 31.13
C GLY C 335 19.68 -33.95 30.35
N GLY C 336 18.95 -34.85 29.70
CA GLY C 336 17.80 -34.48 28.91
C GLY C 336 17.82 -35.10 27.52
N ASP C 337 17.33 -34.37 26.53
CA ASP C 337 17.34 -34.87 25.16
C ASP C 337 18.76 -34.93 24.62
N LEU C 338 18.93 -35.70 23.55
CA LEU C 338 20.25 -35.83 22.93
C LEU C 338 20.74 -34.50 22.39
N GLU C 339 19.84 -33.69 21.82
CA GLU C 339 20.24 -32.42 21.23
C GLU C 339 20.78 -31.46 22.28
N VAL C 340 20.10 -31.36 23.43
CA VAL C 340 20.54 -30.42 24.46
C VAL C 340 21.70 -30.98 25.27
N THR C 341 21.78 -32.30 25.41
CA THR C 341 22.85 -32.93 26.19
C THR C 341 24.15 -33.05 25.41
N THR C 342 24.12 -32.89 24.09
CA THR C 342 25.29 -33.08 23.25
C THR C 342 25.45 -31.89 22.31
N HIS C 343 26.71 -31.59 21.99
CA HIS C 343 27.02 -30.60 20.97
C HIS C 343 26.51 -31.10 19.62
N SER C 344 25.50 -30.44 19.08
CA SER C 344 24.87 -30.84 17.82
C SER C 344 25.22 -29.82 16.75
N PHE C 345 25.62 -30.29 15.58
CA PHE C 345 25.97 -29.41 14.48
C PHE C 345 25.81 -30.17 13.16
N ASN C 346 26.10 -29.48 12.07
CA ASN C 346 26.01 -30.04 10.72
C ASN C 346 27.37 -29.89 10.05
N CYS C 347 27.93 -31.00 9.58
CA CYS C 347 29.23 -31.02 8.92
C CYS C 347 29.08 -31.78 7.61
N GLY C 348 29.39 -31.11 6.50
CA GLY C 348 29.32 -31.74 5.19
C GLY C 348 27.94 -32.28 4.85
N GLY C 349 26.89 -31.67 5.39
CA GLY C 349 25.54 -32.14 5.17
C GLY C 349 25.08 -33.24 6.08
N GLU C 350 25.94 -33.73 6.97
CA GLU C 350 25.60 -34.79 7.92
C GLU C 350 25.45 -34.20 9.31
N PHE C 351 24.43 -34.65 10.03
CA PHE C 351 24.11 -34.10 11.35
C PHE C 351 24.86 -34.86 12.43
N PHE C 352 25.85 -34.19 13.02
CA PHE C 352 26.66 -34.76 14.08
C PHE C 352 26.10 -34.38 15.44
N TYR C 353 26.06 -35.36 16.34
CA TYR C 353 25.75 -35.13 17.76
C TYR C 353 26.88 -35.75 18.56
N CYS C 354 27.55 -34.93 19.39
CA CYS C 354 28.79 -35.34 20.02
C CYS C 354 28.82 -35.01 21.51
N ASN C 355 29.59 -35.83 22.23
CA ASN C 355 29.61 -35.90 23.68
C ASN C 355 30.84 -35.14 24.16
N THR C 356 30.65 -33.85 24.45
CA THR C 356 31.74 -32.98 24.90
C THR C 356 31.96 -33.16 26.40
N SER C 357 32.42 -34.37 26.76
CA SER C 357 32.66 -34.74 28.15
C SER C 357 34.12 -34.60 28.55
N GLY C 358 35.05 -34.77 27.62
CA GLY C 358 36.46 -34.62 27.93
C GLY C 358 36.95 -33.20 28.03
N LEU C 359 36.09 -32.22 27.71
CA LEU C 359 36.47 -30.81 27.75
C LEU C 359 36.11 -30.18 29.09
N PHE C 360 34.83 -30.23 29.47
CA PHE C 360 34.35 -29.64 30.71
C PHE C 360 34.43 -30.66 31.84
N ASN C 361 35.68 -31.00 32.19
CA ASN C 361 35.94 -31.95 33.26
C ASN C 361 37.26 -31.55 33.91
N SER C 362 37.17 -30.72 34.95
CA SER C 362 38.38 -30.23 35.62
C SER C 362 37.96 -29.36 36.82
N THR C 363 38.95 -29.04 37.65
CA THR C 363 38.76 -28.14 38.78
C THR C 363 39.98 -27.22 38.87
N TRP C 364 39.73 -25.95 39.14
CA TRP C 364 40.76 -24.93 39.24
C TRP C 364 40.69 -24.29 40.62
N ILE C 365 41.84 -24.22 41.29
CA ILE C 365 41.96 -23.68 42.63
C ILE C 365 42.73 -22.37 42.55
N SER C 366 42.34 -21.40 43.38
CA SER C 366 43.03 -20.12 43.42
C SER C 366 44.45 -20.30 43.93
N ASN C 367 45.39 -19.60 43.31
CA ASN C 367 46.79 -19.68 43.69
C ASN C 367 47.55 -18.44 43.23
N SER C 378 52.00 -31.31 24.45
CA SER C 378 52.99 -31.26 23.37
C SER C 378 52.30 -31.31 22.01
N ASN C 379 51.81 -32.50 21.64
CA ASN C 379 51.11 -32.69 20.38
C ASN C 379 49.84 -33.51 20.51
N ASP C 380 49.60 -34.18 21.64
CA ASP C 380 48.37 -34.96 21.80
C ASP C 380 47.16 -34.03 21.80
N SER C 381 46.03 -34.56 21.35
CA SER C 381 44.78 -33.81 21.24
C SER C 381 43.65 -34.62 21.85
N ILE C 382 42.65 -33.91 22.36
CA ILE C 382 41.47 -34.55 22.93
C ILE C 382 40.56 -34.98 21.79
N THR C 383 40.14 -36.24 21.83
CA THR C 383 39.31 -36.85 20.80
C THR C 383 37.92 -37.11 21.36
N LEU C 384 36.90 -36.65 20.64
CA LEU C 384 35.51 -36.88 21.00
C LEU C 384 34.90 -37.84 19.98
N PRO C 385 34.64 -39.10 20.32
CA PRO C 385 33.88 -39.96 19.40
C PRO C 385 32.39 -39.67 19.52
N CYS C 386 31.68 -39.74 18.41
CA CYS C 386 30.31 -39.27 18.42
C CYS C 386 29.52 -39.78 17.23
N ARG C 387 28.22 -39.47 17.22
CA ARG C 387 27.24 -40.16 16.39
C ARG C 387 26.68 -39.23 15.31
N ILE C 388 26.04 -39.87 14.33
CA ILE C 388 25.39 -39.19 13.21
C ILE C 388 23.90 -39.49 13.29
N LYS C 389 23.09 -38.56 12.78
CA LYS C 389 21.65 -38.75 12.71
C LYS C 389 21.13 -38.27 11.36
N GLN C 390 20.00 -38.86 10.96
CA GLN C 390 19.36 -38.57 9.68
C GLN C 390 17.99 -37.93 9.83
N ILE C 391 17.16 -38.42 10.75
CA ILE C 391 15.87 -37.81 11.04
C ILE C 391 16.10 -36.67 12.02
N ILE C 392 15.78 -35.45 11.60
CA ILE C 392 16.14 -34.24 12.32
C ILE C 392 14.89 -33.45 12.65
N ASN C 393 14.79 -33.01 13.90
CA ASN C 393 13.84 -31.98 14.33
C ASN C 393 14.69 -30.76 14.69
N MET C 394 14.96 -29.93 13.68
CA MET C 394 15.92 -28.84 13.84
C MET C 394 15.49 -27.87 14.93
N TRP C 395 14.36 -27.21 14.75
CA TRP C 395 13.86 -26.28 15.74
C TRP C 395 13.06 -27.03 16.81
N GLN C 396 12.80 -26.36 17.92
CA GLN C 396 12.07 -26.97 19.03
C GLN C 396 10.60 -27.09 18.69
N ARG C 397 10.27 -27.98 17.75
CA ARG C 397 8.90 -28.20 17.31
C ARG C 397 8.66 -29.71 17.21
N ILE C 398 7.39 -30.09 17.33
CA ILE C 398 6.97 -31.49 17.28
C ILE C 398 6.00 -31.65 16.11
N GLY C 399 6.27 -32.64 15.26
CA GLY C 399 5.41 -32.97 14.14
C GLY C 399 6.00 -32.73 12.77
N GLN C 400 7.26 -32.28 12.67
CA GLN C 400 7.90 -32.02 11.38
C GLN C 400 9.36 -32.47 11.48
N CYS C 401 9.74 -33.45 10.65
CA CYS C 401 11.09 -33.99 10.66
C CYS C 401 11.93 -33.27 9.61
N MET C 402 13.12 -33.83 9.34
CA MET C 402 13.82 -33.58 8.08
C MET C 402 14.74 -34.77 7.86
N TYR C 403 14.43 -35.59 6.86
CA TYR C 403 15.27 -36.75 6.55
C TYR C 403 16.41 -36.34 5.62
N ALA C 404 17.64 -36.47 6.08
CA ALA C 404 18.81 -36.07 5.30
C ALA C 404 19.28 -37.25 4.44
N PRO C 405 19.32 -37.13 3.11
CA PRO C 405 19.88 -38.21 2.32
C PRO C 405 21.35 -38.40 2.63
N PRO C 406 21.88 -39.61 2.49
CA PRO C 406 23.27 -39.85 2.85
C PRO C 406 24.22 -39.14 1.90
N ILE C 407 25.40 -38.80 2.43
CA ILE C 407 26.47 -38.17 1.66
C ILE C 407 27.46 -39.23 1.24
N GLN C 408 27.81 -39.25 -0.05
CA GLN C 408 28.70 -40.27 -0.58
C GLN C 408 30.14 -39.97 -0.23
N GLY C 409 30.83 -40.95 0.34
CA GLY C 409 32.25 -40.84 0.59
C GLY C 409 32.60 -40.27 1.96
N VAL C 410 33.90 -40.25 2.23
CA VAL C 410 34.43 -39.70 3.48
C VAL C 410 34.13 -38.21 3.55
N ILE C 411 33.94 -37.70 4.77
CA ILE C 411 33.73 -36.27 4.98
C ILE C 411 34.62 -35.79 6.13
N ARG C 412 35.24 -34.62 5.92
CA ARG C 412 36.07 -33.96 6.92
C ARG C 412 35.73 -32.48 6.89
N CYS C 413 35.81 -31.84 8.06
CA CYS C 413 35.53 -30.41 8.14
C CYS C 413 36.21 -29.82 9.36
N VAL C 414 36.79 -28.63 9.19
CA VAL C 414 37.49 -27.91 10.24
C VAL C 414 36.69 -26.67 10.59
N SER C 415 36.73 -26.29 11.87
CA SER C 415 35.95 -25.16 12.35
C SER C 415 36.70 -24.45 13.47
N ASN C 416 36.27 -23.23 13.75
CA ASN C 416 36.78 -22.43 14.85
C ASN C 416 35.76 -22.41 15.98
N ILE C 417 36.23 -22.59 17.21
CA ILE C 417 35.44 -22.39 18.41
C ILE C 417 35.81 -21.02 18.96
N THR C 418 34.80 -20.16 19.14
CA THR C 418 35.00 -18.78 19.54
C THR C 418 34.12 -18.36 20.71
N GLY C 419 33.40 -19.29 21.34
CA GLY C 419 32.56 -18.93 22.46
C GLY C 419 31.92 -20.15 23.07
N LEU C 420 31.30 -19.93 24.23
CA LEU C 420 30.65 -20.98 25.01
C LEU C 420 29.37 -20.44 25.62
N ILE C 421 28.46 -21.37 25.92
CA ILE C 421 27.23 -21.08 26.67
C ILE C 421 27.24 -21.96 27.90
N LEU C 422 27.49 -21.35 29.06
CA LEU C 422 27.62 -22.07 30.32
C LEU C 422 26.42 -21.77 31.21
N THR C 423 26.24 -22.63 32.22
CA THR C 423 25.21 -22.46 33.23
C THR C 423 25.77 -22.87 34.58
N ARG C 424 25.45 -22.10 35.61
CA ARG C 424 25.94 -22.35 36.96
C ARG C 424 25.03 -23.35 37.66
N ASP C 425 25.62 -24.43 38.15
CA ASP C 425 24.85 -25.46 38.84
C ASP C 425 24.64 -25.06 40.31
N GLY C 426 23.40 -25.11 40.76
CA GLY C 426 23.08 -24.75 42.13
C GLY C 426 23.38 -23.28 42.42
N GLY C 427 24.41 -23.04 43.21
CA GLY C 427 24.82 -21.71 43.59
C GLY C 427 24.43 -21.28 44.98
N SER C 428 24.28 -22.22 45.91
CA SER C 428 23.91 -21.88 47.28
C SER C 428 25.13 -21.39 48.07
N THR C 429 24.86 -20.78 49.21
CA THR C 429 25.91 -20.26 50.08
C THR C 429 26.52 -21.34 50.97
N ASN C 430 26.00 -22.56 50.95
CA ASN C 430 26.55 -23.61 51.80
C ASN C 430 27.99 -23.93 51.42
N SER C 431 28.28 -23.99 50.14
CA SER C 431 29.61 -24.33 49.63
C SER C 431 30.26 -23.10 49.00
N THR C 432 31.60 -23.12 48.99
CA THR C 432 32.40 -22.04 48.44
C THR C 432 32.95 -22.37 47.05
N THR C 433 32.37 -23.36 46.37
CA THR C 433 32.81 -23.79 45.05
C THR C 433 31.68 -23.58 44.05
N GLU C 434 32.04 -23.06 42.87
CA GLU C 434 31.10 -22.82 41.79
C GLU C 434 31.33 -23.82 40.68
N THR C 435 30.26 -24.48 40.25
CA THR C 435 30.32 -25.49 39.19
C THR C 435 29.57 -24.98 37.97
N PHE C 436 30.22 -25.03 36.81
CA PHE C 436 29.65 -24.61 35.54
C PHE C 436 29.54 -25.81 34.60
N ARG C 437 28.42 -25.88 33.88
CA ARG C 437 28.16 -26.96 32.94
C ARG C 437 27.76 -26.38 31.59
N PRO C 438 27.99 -27.11 30.50
CA PRO C 438 27.57 -26.59 29.19
C PRO C 438 26.06 -26.57 29.06
N GLY C 439 25.59 -25.66 28.21
CA GLY C 439 24.16 -25.51 27.97
C GLY C 439 23.85 -25.12 26.54
N GLY C 440 22.57 -24.85 26.27
CA GLY C 440 22.15 -24.50 24.93
C GLY C 440 20.66 -24.72 24.71
N GLY C 441 20.31 -25.33 23.59
CA GLY C 441 18.92 -25.60 23.26
C GLY C 441 18.27 -24.45 22.51
N ASP C 442 18.12 -23.31 23.16
CA ASP C 442 17.53 -22.14 22.53
C ASP C 442 18.52 -21.51 21.56
N MET C 443 18.08 -21.27 20.33
CA MET C 443 18.92 -20.71 19.29
C MET C 443 18.92 -19.19 19.27
N ARG C 444 18.10 -18.53 20.10
CA ARG C 444 18.14 -17.09 20.17
C ARG C 444 19.45 -16.59 20.76
N ASP C 445 20.05 -17.37 21.66
CA ASP C 445 21.35 -16.99 22.22
C ASP C 445 22.42 -16.93 21.14
N ASN C 446 22.34 -17.80 20.14
CA ASN C 446 23.31 -17.78 19.05
C ASN C 446 23.26 -16.46 18.30
N TRP C 447 22.05 -15.95 18.05
CA TRP C 447 21.93 -14.65 17.37
C TRP C 447 22.28 -13.50 18.30
N ARG C 448 22.00 -13.64 19.60
CA ARG C 448 22.27 -12.57 20.54
C ARG C 448 23.77 -12.26 20.63
N SER C 449 24.62 -13.25 20.37
CA SER C 449 26.06 -13.04 20.47
C SER C 449 26.62 -12.20 19.35
N GLU C 450 25.85 -11.92 18.29
CA GLU C 450 26.30 -11.15 17.14
C GLU C 450 25.65 -9.77 17.04
N LEU C 451 24.38 -9.65 17.42
CA LEU C 451 23.64 -8.40 17.34
C LEU C 451 23.63 -7.65 18.66
N TYR C 452 24.64 -7.86 19.50
CA TYR C 452 24.67 -7.25 20.83
C TYR C 452 25.00 -5.76 20.78
N LYS C 453 25.76 -5.32 19.77
CA LYS C 453 26.26 -3.95 19.72
C LYS C 453 25.45 -3.05 18.79
N TYR C 454 24.27 -3.50 18.33
CA TYR C 454 23.45 -2.76 17.40
C TYR C 454 22.10 -2.44 18.03
N LYS C 455 21.54 -1.28 17.66
CA LYS C 455 20.19 -0.91 18.07
C LYS C 455 19.57 -0.06 16.98
N VAL C 456 18.24 0.06 17.04
CA VAL C 456 17.45 0.75 16.03
C VAL C 456 16.73 1.93 16.70
N VAL C 457 16.74 3.09 16.02
CA VAL C 457 16.09 4.29 16.50
C VAL C 457 15.31 4.93 15.36
N LYS C 458 14.35 5.78 15.71
CA LYS C 458 13.54 6.52 14.75
C LYS C 458 13.67 8.02 15.03
N ILE C 459 13.71 8.80 13.96
CA ILE C 459 14.03 10.23 14.03
C ILE C 459 12.79 11.02 14.42
N GLU C 460 13.02 12.20 15.00
CA GLU C 460 11.96 13.13 15.41
C GLU C 460 12.28 14.48 14.79
N PRO C 461 11.90 14.70 13.52
CA PRO C 461 12.38 15.90 12.81
C PRO C 461 11.90 17.22 13.41
N LEU C 462 10.79 17.25 14.14
CA LEU C 462 10.20 18.50 14.60
C LEU C 462 10.84 18.97 15.90
N GLY C 463 11.09 20.27 15.99
CA GLY C 463 11.64 20.85 17.21
C GLY C 463 11.26 22.31 17.32
N VAL C 464 11.38 22.83 18.55
CA VAL C 464 11.04 24.21 18.86
C VAL C 464 12.19 24.83 19.65
N ALA C 465 12.56 26.06 19.30
CA ALA C 465 13.67 26.76 19.92
C ALA C 465 13.37 28.24 20.00
N PRO C 466 14.08 28.99 20.85
CA PRO C 466 13.85 30.44 20.93
C PRO C 466 14.69 31.23 19.94
N THR C 467 14.06 32.22 19.32
CA THR C 467 14.72 33.12 18.38
C THR C 467 13.96 34.44 18.40
N ARG C 468 14.58 35.47 17.85
CA ARG C 468 14.12 36.86 18.01
C ARG C 468 13.39 37.40 16.79
N CYS C 469 12.60 36.59 16.09
CA CYS C 469 11.71 37.11 15.05
C CYS C 469 10.41 37.61 15.68
N LYS C 470 9.47 38.01 14.83
CA LYS C 470 8.05 38.00 15.17
C LYS C 470 7.24 38.12 13.89
N ARG C 471 6.31 37.19 13.69
CA ARG C 471 5.51 37.15 12.47
C ARG C 471 4.55 38.33 12.42
N ALA D 1 44.27 25.98 -4.58
CA ALA D 1 43.06 25.35 -5.08
C ALA D 1 43.37 24.00 -5.74
N VAL D 2 44.51 23.40 -5.39
CA VAL D 2 44.89 22.09 -5.91
C VAL D 2 45.52 21.27 -4.79
N GLY D 3 44.73 20.36 -4.22
CA GLY D 3 45.19 19.52 -3.14
C GLY D 3 44.18 19.33 -2.02
N ILE D 4 43.03 19.96 -2.13
CA ILE D 4 42.00 19.93 -1.09
C ILE D 4 40.86 19.02 -1.56
N GLY D 5 40.49 18.06 -0.71
CA GLY D 5 39.41 17.15 -1.04
C GLY D 5 38.05 17.72 -0.65
N ALA D 6 37.00 17.07 -1.17
CA ALA D 6 35.63 17.45 -0.90
C ALA D 6 34.78 16.21 -0.65
N VAL D 7 33.91 16.30 0.35
CA VAL D 7 32.99 15.22 0.71
C VAL D 7 31.65 15.84 1.09
N PHE D 8 30.65 14.98 1.29
CA PHE D 8 29.30 15.39 1.62
C PHE D 8 28.92 14.85 3.00
N LEU D 9 28.10 15.62 3.70
CA LEU D 9 27.66 15.24 5.03
C LEU D 9 26.71 14.04 4.96
N GLY D 10 26.72 13.25 6.02
CA GLY D 10 25.89 12.06 6.10
C GLY D 10 24.49 12.36 6.58
N PHE D 11 23.74 11.28 6.83
CA PHE D 11 22.36 11.41 7.26
C PHE D 11 22.26 12.09 8.62
N LEU D 12 23.13 11.71 9.56
CA LEU D 12 23.15 12.25 10.91
C LEU D 12 24.56 12.67 11.30
N GLY D 13 25.24 13.37 10.39
CA GLY D 13 26.59 13.83 10.67
C GLY D 13 26.66 14.99 11.64
N ALA D 14 25.58 15.75 11.79
CA ALA D 14 25.53 16.91 12.66
C ALA D 14 24.85 16.62 14.00
N ALA D 15 24.72 15.34 14.37
CA ALA D 15 24.08 15.01 15.63
C ALA D 15 24.87 15.53 16.82
N GLY D 16 26.19 15.44 16.77
CA GLY D 16 27.03 15.88 17.87
C GLY D 16 27.36 17.36 17.83
N SER D 17 27.01 18.04 16.73
CA SER D 17 27.32 19.45 16.60
C SER D 17 26.32 20.29 17.40
N THR D 18 26.67 21.56 17.60
CA THR D 18 25.81 22.47 18.34
C THR D 18 24.53 22.75 17.56
N MET D 19 23.57 23.36 18.25
CA MET D 19 22.29 23.66 17.61
C MET D 19 22.46 24.65 16.46
N GLY D 20 23.29 25.67 16.65
CA GLY D 20 23.50 26.64 15.59
C GLY D 20 24.09 26.02 14.34
N ALA D 21 25.08 25.14 14.50
CA ALA D 21 25.67 24.47 13.35
C ALA D 21 24.76 23.39 12.80
N ALA D 22 24.02 22.70 13.68
CA ALA D 22 23.14 21.63 13.23
C ALA D 22 21.91 22.14 12.50
N SER D 23 21.51 23.39 12.73
CA SER D 23 20.34 23.96 12.07
C SER D 23 20.57 24.25 10.60
N MET D 24 21.82 24.17 10.12
CA MET D 24 22.13 24.42 8.72
C MET D 24 22.07 23.16 7.85
N THR D 25 21.68 22.02 8.42
CA THR D 25 21.62 20.75 7.71
C THR D 25 20.26 20.09 7.90
N LEU D 26 19.20 20.89 7.73
CA LEU D 26 17.85 20.36 7.86
C LEU D 26 17.43 19.56 6.63
N THR D 27 17.90 19.95 5.44
CA THR D 27 17.48 19.28 4.22
C THR D 27 17.97 17.84 4.16
N VAL D 28 19.16 17.57 4.71
CA VAL D 28 19.68 16.21 4.66
C VAL D 28 18.81 15.26 5.47
N GLN D 29 18.25 15.73 6.58
CA GLN D 29 17.34 14.89 7.36
C GLN D 29 15.94 14.86 6.76
N ALA D 30 15.47 16.00 6.23
CA ALA D 30 14.12 16.06 5.69
C ALA D 30 13.98 15.16 4.46
N ARG D 31 14.99 15.14 3.59
CA ARG D 31 14.90 14.35 2.36
C ARG D 31 14.84 12.86 2.67
N ASN D 32 15.52 12.41 3.73
CA ASN D 32 15.58 10.98 4.02
C ASN D 32 14.24 10.43 4.48
N LEU D 33 13.38 11.28 5.06
CA LEU D 33 12.12 10.79 5.62
C LEU D 33 11.23 10.19 4.54
N LEU D 34 11.22 10.78 3.35
CA LEU D 34 10.39 10.23 2.27
C LEU D 34 10.99 8.95 1.71
N SER D 35 12.29 8.93 1.47
CA SER D 35 12.96 7.77 0.91
C SER D 35 14.48 7.87 1.09
N THR D 58 5.54 -13.55 0.00
CA THR D 58 4.25 -12.87 -0.08
C THR D 58 4.05 -11.97 1.15
N VAL D 59 4.18 -12.56 2.34
CA VAL D 59 3.96 -11.81 3.57
C VAL D 59 5.00 -10.71 3.73
N TRP D 60 6.23 -10.95 3.28
CA TRP D 60 7.26 -9.92 3.36
C TRP D 60 6.89 -8.70 2.53
N GLY D 61 6.28 -8.93 1.36
CA GLY D 61 5.78 -7.81 0.58
C GLY D 61 4.71 -7.03 1.33
N ILE D 62 3.84 -7.74 2.05
CA ILE D 62 2.82 -7.07 2.86
C ILE D 62 3.47 -6.21 3.91
N LYS D 63 4.49 -6.75 4.59
CA LYS D 63 5.17 -5.98 5.63
C LYS D 63 5.85 -4.73 5.06
N GLN D 64 6.51 -4.88 3.92
CA GLN D 64 7.18 -3.73 3.31
C GLN D 64 6.17 -2.67 2.87
N LEU D 65 5.05 -3.10 2.28
CA LEU D 65 4.02 -2.16 1.88
C LEU D 65 3.43 -1.44 3.09
N GLN D 66 3.20 -2.17 4.18
CA GLN D 66 2.69 -1.55 5.39
C GLN D 66 3.67 -0.53 5.95
N ALA D 67 4.96 -0.85 5.94
CA ALA D 67 5.96 0.10 6.41
C ALA D 67 5.99 1.35 5.56
N ARG D 68 5.94 1.18 4.23
CA ARG D 68 5.95 2.34 3.34
C ARG D 68 4.70 3.20 3.55
N VAL D 69 3.54 2.57 3.69
CA VAL D 69 2.31 3.33 3.89
C VAL D 69 2.36 4.07 5.23
N LEU D 70 2.89 3.41 6.27
CA LEU D 70 3.00 4.08 7.57
C LEU D 70 3.94 5.27 7.49
N ALA D 71 5.06 5.14 6.77
CA ALA D 71 5.97 6.27 6.62
C ALA D 71 5.29 7.42 5.88
N VAL D 72 4.55 7.11 4.82
CA VAL D 72 3.85 8.16 4.08
C VAL D 72 2.82 8.84 4.97
N GLU D 73 2.08 8.06 5.76
CA GLU D 73 1.08 8.62 6.66
C GLU D 73 1.73 9.53 7.69
N ARG D 74 2.87 9.10 8.25
CA ARG D 74 3.57 9.93 9.22
C ARG D 74 4.03 11.24 8.59
N TYR D 75 4.57 11.18 7.38
CA TYR D 75 5.01 12.39 6.71
C TYR D 75 3.83 13.33 6.45
N LEU D 76 2.70 12.78 6.00
CA LEU D 76 1.53 13.62 5.75
C LEU D 76 1.01 14.24 7.04
N ARG D 77 1.02 13.47 8.13
CA ARG D 77 0.57 14.01 9.41
C ARG D 77 1.48 15.15 9.87
N ASP D 78 2.80 14.98 9.71
CA ASP D 78 3.73 16.04 10.08
C ASP D 78 3.49 17.29 9.23
N GLN D 79 3.29 17.11 7.92
CA GLN D 79 3.02 18.25 7.05
C GLN D 79 1.73 18.96 7.44
N GLN D 80 0.69 18.19 7.77
CA GLN D 80 -0.57 18.80 8.19
C GLN D 80 -0.38 19.58 9.50
N LEU D 81 0.36 19.01 10.45
CA LEU D 81 0.62 19.71 11.70
C LEU D 81 1.38 21.00 11.47
N LEU D 82 2.37 20.98 10.57
CA LEU D 82 3.08 22.20 10.23
C LEU D 82 2.14 23.22 9.59
N GLY D 83 1.26 22.76 8.70
CA GLY D 83 0.33 23.68 8.05
C GLY D 83 -0.67 24.29 9.01
N ILE D 84 -1.06 23.56 10.06
CA ILE D 84 -2.02 24.08 11.03
C ILE D 84 -1.46 25.31 11.73
N TRP D 85 -0.14 25.37 11.92
CA TRP D 85 0.50 26.50 12.56
C TRP D 85 0.81 27.64 11.61
N GLY D 86 0.49 27.50 10.31
CA GLY D 86 0.77 28.53 9.34
C GLY D 86 2.17 28.53 8.80
N CYS D 87 2.97 27.51 9.09
CA CYS D 87 4.35 27.39 8.61
C CYS D 87 4.45 26.39 7.47
N SER D 88 3.43 26.36 6.61
CA SER D 88 3.40 25.39 5.52
C SER D 88 4.50 25.68 4.51
N GLY D 89 5.14 24.62 4.03
CA GLY D 89 6.14 24.74 2.99
C GLY D 89 7.42 25.43 3.42
N LYS D 90 7.76 25.36 4.71
CA LYS D 90 8.99 25.97 5.22
C LYS D 90 9.66 25.00 6.19
N LEU D 91 11.00 25.04 6.19
CA LEU D 91 11.79 24.29 7.15
C LEU D 91 12.05 25.09 8.42
N ILE D 92 12.25 26.40 8.29
CA ILE D 92 12.41 27.30 9.42
C ILE D 92 11.31 28.35 9.31
N CYS D 93 10.53 28.51 10.39
CA CYS D 93 9.42 29.46 10.40
C CYS D 93 9.27 29.98 11.82
N CYS D 94 9.88 31.14 12.08
CA CYS D 94 9.82 31.74 13.41
C CYS D 94 8.53 32.53 13.57
N THR D 95 7.86 32.35 14.72
CA THR D 95 6.47 32.72 14.91
C THR D 95 6.34 33.89 15.89
N ASN D 96 5.08 34.17 16.24
CA ASN D 96 4.70 35.33 17.04
C ASN D 96 4.57 34.97 18.52
N VAL D 97 4.51 33.69 18.86
CA VAL D 97 4.33 33.26 20.25
C VAL D 97 5.57 33.66 21.06
N PRO D 98 5.43 34.43 22.15
CA PRO D 98 6.62 34.75 22.97
C PRO D 98 7.08 33.54 23.77
N TRP D 99 8.35 33.60 24.17
CA TRP D 99 8.99 32.52 24.92
C TRP D 99 8.85 32.81 26.42
N ASN D 100 8.31 31.83 27.16
CA ASN D 100 8.17 31.97 28.60
C ASN D 100 9.45 31.55 29.31
N SER D 101 9.79 32.29 30.36
CA SER D 101 11.00 31.97 31.13
C SER D 101 10.85 30.68 31.92
N SER D 102 9.62 30.26 32.23
CA SER D 102 9.43 29.01 32.97
C SER D 102 9.91 27.82 32.17
N TRP D 103 9.72 27.85 30.85
CA TRP D 103 10.16 26.75 30.01
C TRP D 103 11.68 26.59 30.07
N SER D 104 12.41 27.70 30.02
CA SER D 104 13.86 27.66 30.10
C SER D 104 14.37 29.06 30.44
N ASN D 105 15.40 29.10 31.30
CA ASN D 105 16.00 30.35 31.73
C ASN D 105 17.34 30.63 31.06
N ARG D 106 17.90 29.68 30.32
CA ARG D 106 19.19 29.88 29.68
C ARG D 106 19.08 30.93 28.57
N ASN D 107 20.13 31.76 28.46
CA ASN D 107 20.16 32.77 27.43
C ASN D 107 20.53 32.14 26.08
N LEU D 108 20.51 32.98 25.04
CA LEU D 108 20.81 32.49 23.69
C LEU D 108 22.23 31.96 23.58
N SER D 109 23.20 32.66 24.19
CA SER D 109 24.60 32.28 24.04
C SER D 109 24.85 30.86 24.55
N GLU D 110 24.14 30.46 25.60
CA GLU D 110 24.30 29.13 26.17
C GLU D 110 23.45 28.07 25.47
N ILE D 111 22.64 28.45 24.48
CA ILE D 111 21.74 27.52 23.82
C ILE D 111 22.28 27.18 22.44
N TRP D 112 22.46 28.20 21.59
CA TRP D 112 22.84 27.98 20.21
C TRP D 112 24.33 27.76 20.00
N ASP D 113 25.15 27.90 21.04
CA ASP D 113 26.59 27.78 20.91
C ASP D 113 27.22 26.84 21.94
N ASN D 114 26.44 26.26 22.86
CA ASN D 114 26.98 25.38 23.89
C ASN D 114 26.09 24.17 24.16
N MET D 115 25.14 23.88 23.26
CA MET D 115 24.22 22.77 23.47
C MET D 115 23.87 22.16 22.12
N THR D 116 23.47 20.89 22.16
CA THR D 116 23.04 20.14 20.99
C THR D 116 21.52 19.98 21.01
N TRP D 117 20.99 19.50 19.88
CA TRP D 117 19.55 19.36 19.75
C TRP D 117 19.00 18.28 20.67
N LEU D 118 19.75 17.19 20.84
CA LEU D 118 19.28 16.10 21.71
C LEU D 118 19.14 16.58 23.15
N GLN D 119 20.14 17.30 23.65
CA GLN D 119 20.07 17.80 25.02
C GLN D 119 18.93 18.81 25.17
N TRP D 120 18.74 19.68 24.18
CA TRP D 120 17.65 20.64 24.24
C TRP D 120 16.30 19.94 24.27
N ASP D 121 16.12 18.91 23.43
CA ASP D 121 14.88 18.15 23.45
C ASP D 121 14.68 17.46 24.79
N LYS D 122 15.75 16.93 25.37
CA LYS D 122 15.64 16.29 26.68
C LYS D 122 15.22 17.29 27.75
N GLU D 123 15.75 18.51 27.69
CA GLU D 123 15.49 19.49 28.74
C GLU D 123 14.02 19.93 28.74
N ILE D 124 13.48 20.26 27.57
CA ILE D 124 12.15 20.86 27.47
C ILE D 124 11.13 19.81 27.03
N SER D 125 11.41 18.54 27.30
CA SER D 125 10.51 17.47 26.87
C SER D 125 9.13 17.57 27.49
N ASN D 126 9.00 18.23 28.65
CA ASN D 126 7.73 18.32 29.37
C ASN D 126 7.09 19.70 29.27
N TYR D 127 7.33 20.42 28.16
CA TYR D 127 6.73 21.72 27.93
C TYR D 127 6.29 21.89 26.47
N THR D 128 6.10 20.78 25.75
CA THR D 128 5.88 20.83 24.30
C THR D 128 4.41 20.99 23.94
N GLN D 129 3.51 20.26 24.63
CA GLN D 129 2.10 20.30 24.26
C GLN D 129 1.50 21.68 24.48
N ILE D 130 1.88 22.35 25.57
CA ILE D 130 1.38 23.69 25.82
C ILE D 130 1.87 24.65 24.75
N ILE D 131 3.12 24.47 24.29
CA ILE D 131 3.64 25.32 23.22
C ILE D 131 2.86 25.09 21.92
N TYR D 132 2.55 23.82 21.63
CA TYR D 132 1.77 23.52 20.43
C TYR D 132 0.38 24.14 20.50
N GLY D 133 -0.26 24.05 21.67
CA GLY D 133 -1.57 24.66 21.83
C GLY D 133 -1.53 26.17 21.69
N LEU D 134 -0.50 26.79 22.26
CA LEU D 134 -0.34 28.24 22.13
C LEU D 134 -0.13 28.62 20.67
N LEU D 135 0.67 27.84 19.94
CA LEU D 135 0.89 28.12 18.52
C LEU D 135 -0.42 28.02 17.73
N GLU D 136 -1.21 26.98 18.00
CA GLU D 136 -2.48 26.82 17.31
C GLU D 136 -3.42 27.97 17.61
N GLU D 137 -3.51 28.37 18.88
CA GLU D 137 -4.40 29.47 19.24
C GLU D 137 -3.93 30.78 18.62
N SER D 138 -2.62 31.02 18.60
CA SER D 138 -2.09 32.23 17.99
C SER D 138 -2.38 32.26 16.49
N GLN D 139 -2.23 31.12 15.81
CA GLN D 139 -2.54 31.08 14.39
C GLN D 139 -4.02 31.32 14.14
N ASN D 140 -4.88 30.75 14.98
CA ASN D 140 -6.32 31.00 14.84
C ASN D 140 -6.64 32.49 15.03
N GLN D 141 -6.03 33.10 16.04
CA GLN D 141 -6.27 34.53 16.28
C GLN D 141 -5.78 35.37 15.11
N GLN D 142 -4.61 35.03 14.56
CA GLN D 142 -4.08 35.77 13.43
C GLN D 142 -4.99 35.63 12.21
N GLU D 143 -5.49 34.42 11.95
CA GLU D 143 -6.39 34.22 10.83
C GLU D 143 -7.67 35.02 11.01
N LYS D 144 -8.22 35.02 12.23
CA LYS D 144 -9.44 35.80 12.48
C LYS D 144 -9.18 37.29 12.29
N ASN D 145 -8.04 37.78 12.78
CA ASN D 145 -7.73 39.19 12.64
C ASN D 145 -7.55 39.57 11.17
N GLU D 146 -6.88 38.72 10.40
CA GLU D 146 -6.71 38.99 8.97
C GLU D 146 -8.05 38.99 8.24
N GLN D 147 -8.93 38.04 8.59
CA GLN D 147 -10.25 38.00 7.97
C GLN D 147 -11.04 39.26 8.31
N ASP D 148 -10.96 39.71 9.55
CA ASP D 148 -11.64 40.95 9.93
C ASP D 148 -11.07 42.15 9.18
N LEU D 149 -9.74 42.20 9.04
CA LEU D 149 -9.11 43.31 8.32
C LEU D 149 -9.54 43.33 6.86
N LEU D 150 -9.59 42.16 6.22
CA LEU D 150 -10.00 42.10 4.82
C LEU D 150 -11.46 42.44 4.60
N ALA D 151 -12.27 42.46 5.66
CA ALA D 151 -13.69 42.79 5.51
C ALA D 151 -13.93 44.26 5.18
N LEU D 152 -12.96 45.13 5.42
CA LEU D 152 -13.11 46.56 5.13
C LEU D 152 -12.88 46.84 3.65
N ALA E 1 -23.84 44.57 -6.70
CA ALA E 1 -24.68 45.11 -5.64
C ALA E 1 -24.64 44.20 -4.42
N GLU E 2 -24.55 42.88 -4.67
CA GLU E 2 -24.51 41.92 -3.57
C GLU E 2 -23.27 42.12 -2.71
N ASN E 3 -22.13 42.38 -3.34
CA ASN E 3 -20.83 42.57 -2.68
C ASN E 3 -20.49 41.42 -1.72
N LEU E 4 -21.01 40.23 -2.02
CA LEU E 4 -20.66 39.01 -1.32
C LEU E 4 -19.78 38.14 -2.23
N TRP E 5 -18.84 37.42 -1.61
CA TRP E 5 -17.78 36.73 -2.33
C TRP E 5 -17.66 35.30 -1.86
N VAL E 6 -17.21 34.43 -2.76
CA VAL E 6 -17.10 33.01 -2.45
C VAL E 6 -15.96 32.78 -1.47
N THR E 7 -16.15 31.83 -0.55
CA THR E 7 -15.15 31.46 0.43
C THR E 7 -15.15 29.96 0.63
N VAL E 8 -13.96 29.36 0.65
CA VAL E 8 -13.80 27.92 0.71
C VAL E 8 -13.48 27.52 2.15
N TYR E 9 -14.17 26.50 2.64
CA TYR E 9 -13.94 25.93 3.96
C TYR E 9 -13.61 24.44 3.81
N TYR E 10 -12.61 24.00 4.56
CA TYR E 10 -12.17 22.60 4.57
C TYR E 10 -12.40 22.04 5.96
N GLY E 11 -13.10 20.91 6.03
CA GLY E 11 -13.42 20.27 7.29
C GLY E 11 -14.84 20.50 7.78
N VAL E 12 -15.77 20.82 6.88
CA VAL E 12 -17.16 21.09 7.28
C VAL E 12 -17.86 19.76 7.56
N PRO E 13 -18.84 19.70 8.47
CA PRO E 13 -19.53 18.43 8.77
C PRO E 13 -20.67 18.10 7.81
N VAL E 14 -20.30 17.52 6.67
CA VAL E 14 -21.26 17.07 5.65
C VAL E 14 -20.86 15.68 5.20
N TRP E 15 -21.85 14.81 5.03
CA TRP E 15 -21.61 13.41 4.70
C TRP E 15 -22.61 12.95 3.65
N LYS E 16 -22.39 11.73 3.16
CA LYS E 16 -23.30 11.09 2.22
C LYS E 16 -23.15 9.58 2.33
N ASP E 17 -24.13 8.87 1.79
CA ASP E 17 -24.10 7.41 1.82
C ASP E 17 -22.90 6.88 1.04
N ALA E 18 -22.27 5.85 1.58
CA ALA E 18 -21.08 5.26 0.96
C ALA E 18 -20.92 3.84 1.48
N GLU E 19 -20.08 3.08 0.78
CA GLU E 19 -19.76 1.70 1.12
C GLU E 19 -18.26 1.55 1.33
N THR E 20 -17.89 0.80 2.35
CA THR E 20 -16.48 0.58 2.68
C THR E 20 -16.34 -0.75 3.38
N THR E 21 -15.15 -1.02 3.92
CA THR E 21 -14.84 -2.27 4.61
C THR E 21 -14.51 -1.97 6.06
N LEU E 22 -15.43 -2.33 6.96
CA LEU E 22 -15.21 -2.14 8.38
C LEU E 22 -14.29 -3.22 8.92
N PHE E 23 -13.65 -2.92 10.05
CA PHE E 23 -12.68 -3.81 10.67
C PHE E 23 -13.13 -4.23 12.06
N CYS E 24 -12.38 -5.15 12.65
CA CYS E 24 -12.79 -5.82 13.87
C CYS E 24 -12.61 -4.93 15.10
N ALA E 25 -13.38 -5.27 16.14
CA ALA E 25 -13.12 -4.82 17.50
C ALA E 25 -13.84 -5.79 18.42
N SER E 26 -13.08 -6.59 19.17
CA SER E 26 -13.65 -7.63 20.03
C SER E 26 -12.82 -7.77 21.28
N ASP E 27 -13.48 -7.94 22.41
CA ASP E 27 -12.82 -8.08 23.70
C ASP E 27 -11.91 -9.31 23.71
N HIS E 36 -9.57 -21.47 22.17
CA HIS E 36 -9.76 -21.56 20.73
C HIS E 36 -11.23 -21.57 20.37
N ASN E 37 -11.60 -20.76 19.37
CA ASN E 37 -12.97 -20.66 18.90
C ASN E 37 -12.99 -20.65 17.38
N VAL E 38 -14.12 -21.07 16.81
CA VAL E 38 -14.26 -21.06 15.36
C VAL E 38 -14.20 -19.63 14.83
N TRP E 39 -14.79 -18.69 15.56
CA TRP E 39 -14.78 -17.27 15.18
C TRP E 39 -13.54 -16.66 15.81
N ALA E 40 -12.43 -16.71 15.06
CA ALA E 40 -11.12 -16.34 15.59
C ALA E 40 -11.07 -14.87 15.97
N THR E 41 -10.95 -14.60 17.27
CA THR E 41 -10.71 -13.23 17.75
C THR E 41 -9.24 -12.84 17.71
N HIS E 42 -8.35 -13.77 17.36
CA HIS E 42 -6.93 -13.44 17.27
C HIS E 42 -6.68 -12.39 16.19
N ALA E 43 -7.34 -12.51 15.05
CA ALA E 43 -7.23 -11.56 13.96
C ALA E 43 -8.18 -10.37 14.10
N CYS E 44 -8.69 -10.12 15.30
CA CYS E 44 -9.61 -9.02 15.56
C CYS E 44 -9.06 -8.17 16.68
N VAL E 45 -9.14 -6.85 16.52
CA VAL E 45 -8.47 -5.90 17.40
C VAL E 45 -9.18 -5.89 18.75
N PRO E 46 -8.48 -5.59 19.86
CA PRO E 46 -9.20 -5.40 21.13
C PRO E 46 -10.12 -4.18 21.08
N THR E 47 -11.20 -4.25 21.84
CA THR E 47 -12.18 -3.17 21.91
C THR E 47 -11.83 -2.19 23.01
N ASP E 48 -12.24 -0.94 22.82
CA ASP E 48 -11.99 0.07 23.84
C ASP E 48 -12.89 -0.15 25.05
N PRO E 49 -12.41 0.13 26.26
CA PRO E 49 -13.26 -0.12 27.44
C PRO E 49 -14.47 0.81 27.51
N ASN E 50 -14.36 2.03 27.01
CA ASN E 50 -15.39 3.05 27.15
C ASN E 50 -15.72 3.63 25.78
N PRO E 51 -16.57 2.97 24.99
CA PRO E 51 -16.94 3.54 23.69
C PRO E 51 -17.70 4.85 23.86
N GLN E 52 -17.51 5.74 22.89
CA GLN E 52 -18.08 7.08 22.90
C GLN E 52 -19.14 7.20 21.82
N GLU E 53 -20.20 7.96 22.12
CA GLU E 53 -21.34 8.13 21.24
C GLU E 53 -21.75 9.59 21.27
N ILE E 54 -21.96 10.18 20.09
CA ILE E 54 -22.27 11.61 19.96
C ILE E 54 -23.67 11.73 19.38
N HIS E 55 -24.62 12.20 20.19
CA HIS E 55 -25.99 12.39 19.73
C HIS E 55 -26.09 13.65 18.91
N LEU E 56 -26.63 13.53 17.68
CA LEU E 56 -26.75 14.65 16.77
C LEU E 56 -28.16 15.22 16.86
N GLU E 57 -28.27 16.47 17.28
CA GLU E 57 -29.56 17.14 17.38
C GLU E 57 -29.90 17.80 16.05
N ASN E 58 -31.20 17.87 15.76
CA ASN E 58 -31.77 18.45 14.53
C ASN E 58 -31.37 17.70 13.28
N VAL E 59 -30.83 16.49 13.41
CA VAL E 59 -30.39 15.69 12.27
C VAL E 59 -31.39 14.57 12.07
N THR E 60 -32.10 14.59 10.94
CA THR E 60 -33.02 13.54 10.53
C THR E 60 -32.43 12.81 9.34
N GLU E 61 -32.21 11.51 9.50
CA GLU E 61 -31.56 10.69 8.49
C GLU E 61 -32.57 9.77 7.83
N GLU E 62 -32.14 9.14 6.73
CA GLU E 62 -32.92 8.14 6.03
C GLU E 62 -32.28 6.78 6.22
N PHE E 63 -33.09 5.79 6.59
CA PHE E 63 -32.61 4.44 6.87
C PHE E 63 -33.44 3.43 6.09
N ASN E 64 -32.81 2.31 5.74
CA ASN E 64 -33.49 1.22 5.03
C ASN E 64 -32.69 -0.05 5.28
N MET E 65 -33.28 -0.97 6.04
CA MET E 65 -32.56 -2.19 6.42
C MET E 65 -32.34 -3.14 5.25
N TRP E 66 -33.17 -3.04 4.21
CA TRP E 66 -33.18 -4.03 3.13
C TRP E 66 -32.12 -3.78 2.06
N LYS E 67 -31.38 -2.68 2.12
CA LYS E 67 -30.25 -2.43 1.23
C LYS E 67 -29.01 -2.03 2.03
N ASN E 68 -28.73 -2.79 3.09
CA ASN E 68 -27.57 -2.54 3.94
C ASN E 68 -26.41 -3.40 3.47
N ASN E 69 -25.27 -2.76 3.19
CA ASN E 69 -24.09 -3.47 2.72
C ASN E 69 -23.36 -4.20 3.84
N MET E 70 -23.60 -3.82 5.10
CA MET E 70 -22.90 -4.45 6.21
C MET E 70 -23.30 -5.92 6.37
N VAL E 71 -24.53 -6.26 6.00
CA VAL E 71 -24.98 -7.65 6.13
C VAL E 71 -24.16 -8.56 5.23
N GLU E 72 -23.92 -8.13 3.99
CA GLU E 72 -23.12 -8.95 3.06
C GLU E 72 -21.70 -9.11 3.58
N GLN E 73 -21.10 -8.04 4.10
CA GLN E 73 -19.75 -8.12 4.63
C GLN E 73 -19.70 -9.07 5.83
N MET E 74 -20.69 -9.00 6.72
CA MET E 74 -20.73 -9.90 7.86
C MET E 74 -20.87 -11.35 7.41
N HIS E 75 -21.74 -11.61 6.43
CA HIS E 75 -21.91 -12.97 5.92
C HIS E 75 -20.60 -13.49 5.33
N THR E 76 -19.94 -12.67 4.51
CA THR E 76 -18.68 -13.10 3.89
C THR E 76 -17.62 -13.35 4.94
N ASP E 77 -17.51 -12.47 5.94
CA ASP E 77 -16.50 -12.64 6.99
C ASP E 77 -16.77 -13.90 7.80
N ILE E 78 -18.03 -14.17 8.13
CA ILE E 78 -18.37 -15.37 8.89
C ILE E 78 -18.01 -16.62 8.09
N ILE E 79 -18.37 -16.64 6.81
CA ILE E 79 -18.05 -17.80 5.97
C ILE E 79 -16.54 -17.97 5.88
N SER E 80 -15.80 -16.88 5.72
CA SER E 80 -14.35 -16.97 5.62
C SER E 80 -13.74 -17.52 6.90
N LEU E 81 -14.19 -17.03 8.05
CA LEU E 81 -13.67 -17.54 9.33
C LEU E 81 -13.99 -19.02 9.49
N TRP E 82 -15.21 -19.43 9.12
CA TRP E 82 -15.55 -20.85 9.19
C TRP E 82 -14.64 -21.67 8.30
N ASP E 83 -14.34 -21.18 7.09
CA ASP E 83 -13.47 -21.91 6.18
C ASP E 83 -12.06 -22.03 6.74
N GLN E 84 -11.52 -20.93 7.28
CA GLN E 84 -10.15 -20.98 7.82
C GLN E 84 -10.06 -21.85 9.07
N SER E 85 -11.15 -21.95 9.84
CA SER E 85 -11.09 -22.71 11.09
C SER E 85 -10.82 -24.20 10.84
N LEU E 86 -11.42 -24.76 9.79
CA LEU E 86 -11.39 -26.20 9.56
C LEU E 86 -10.13 -26.68 8.87
N LYS E 87 -9.19 -25.79 8.53
CA LYS E 87 -8.05 -26.20 7.71
C LYS E 87 -7.09 -27.12 8.46
N PRO E 88 -6.50 -26.72 9.60
CA PRO E 88 -5.32 -27.42 10.12
C PRO E 88 -5.65 -28.57 11.06
N CYS E 89 -6.31 -29.60 10.54
CA CYS E 89 -6.47 -30.88 11.23
C CYS E 89 -7.10 -31.87 10.24
N VAL E 90 -7.41 -33.08 10.73
CA VAL E 90 -7.53 -34.25 9.88
C VAL E 90 -8.68 -34.13 8.90
N LYS E 91 -8.51 -34.76 7.73
CA LYS E 91 -9.55 -34.98 6.73
C LYS E 91 -9.84 -36.47 6.64
N LEU E 92 -11.12 -36.82 6.56
CA LEU E 92 -11.54 -38.23 6.63
C LEU E 92 -11.65 -38.85 5.23
N THR E 93 -10.50 -38.91 4.55
CA THR E 93 -10.47 -39.60 3.26
C THR E 93 -10.75 -41.09 3.39
N PRO E 94 -10.09 -41.84 4.28
CA PRO E 94 -10.26 -43.31 4.28
C PRO E 94 -11.60 -43.78 4.82
N LEU E 95 -12.48 -42.90 5.29
CA LEU E 95 -13.72 -43.34 5.91
C LEU E 95 -14.71 -43.94 4.91
N CYS E 96 -14.47 -43.79 3.60
CA CYS E 96 -15.39 -44.30 2.59
C CYS E 96 -15.08 -45.76 2.33
N VAL E 97 -15.65 -46.63 3.16
CA VAL E 97 -15.52 -48.08 3.01
C VAL E 97 -16.89 -48.70 3.25
N THR E 98 -17.05 -49.92 2.75
CA THR E 98 -18.30 -50.66 2.94
C THR E 98 -18.46 -51.01 4.42
N LEU E 99 -19.64 -50.76 4.96
CA LEU E 99 -19.93 -50.99 6.36
C LEU E 99 -20.92 -52.14 6.52
N GLN E 100 -20.67 -53.00 7.51
CA GLN E 100 -21.59 -54.09 7.87
C GLN E 100 -22.31 -53.66 9.14
N CYS E 101 -23.61 -53.38 9.02
CA CYS E 101 -24.38 -52.73 10.07
C CYS E 101 -25.53 -53.62 10.53
N THR E 102 -25.84 -53.51 11.82
CA THR E 102 -26.95 -54.19 12.44
C THR E 102 -27.74 -53.19 13.27
N ASN E 103 -28.93 -53.60 13.70
CA ASN E 103 -29.78 -52.74 14.51
C ASN E 103 -29.34 -52.76 15.97
N VAL E 104 -29.51 -51.62 16.64
CA VAL E 104 -29.25 -51.49 18.07
C VAL E 104 -30.58 -51.60 18.79
N THR E 105 -30.72 -52.63 19.63
CA THR E 105 -31.96 -52.90 20.35
C THR E 105 -31.66 -53.28 21.80
N ASN E 106 -30.75 -52.53 22.43
CA ASN E 106 -30.37 -52.75 23.83
C ASN E 106 -30.91 -51.58 24.65
N ASN E 107 -32.03 -51.80 25.33
CA ASN E 107 -32.65 -50.81 26.21
C ASN E 107 -32.97 -49.52 25.44
N ILE E 108 -33.89 -49.66 24.47
CA ILE E 108 -34.36 -48.54 23.66
C ILE E 108 -35.87 -48.43 23.79
N THR E 109 -36.38 -47.23 23.55
CA THR E 109 -37.80 -46.97 23.62
C THR E 109 -38.46 -47.24 22.27
N ASP E 110 -39.78 -47.03 22.21
CA ASP E 110 -40.50 -47.27 20.96
C ASP E 110 -40.23 -46.21 19.91
N ASP E 111 -39.88 -44.99 20.33
CA ASP E 111 -39.67 -43.88 19.41
C ASP E 111 -38.22 -43.76 18.94
N MET E 112 -37.31 -44.59 19.45
CA MET E 112 -35.91 -44.59 19.04
C MET E 112 -35.54 -45.86 18.27
N ARG E 113 -36.53 -46.61 17.80
CA ARG E 113 -36.27 -47.85 17.09
C ARG E 113 -35.79 -47.54 15.67
N GLY E 114 -34.64 -48.10 15.30
CA GLY E 114 -34.10 -47.93 13.97
C GLY E 114 -33.32 -46.65 13.74
N GLU E 115 -33.18 -45.79 14.75
CA GLU E 115 -32.46 -44.54 14.61
C GLU E 115 -30.96 -44.69 14.81
N LEU E 116 -30.49 -45.85 15.27
CA LEU E 116 -29.07 -46.09 15.52
C LEU E 116 -28.67 -47.41 14.85
N LYS E 117 -27.46 -47.42 14.28
CA LYS E 117 -26.93 -48.59 13.59
C LYS E 117 -25.55 -48.90 14.15
N ASN E 118 -25.35 -50.16 14.54
CA ASN E 118 -24.05 -50.65 15.02
C ASN E 118 -23.31 -51.21 13.81
N CYS E 119 -22.27 -50.51 13.37
CA CYS E 119 -21.57 -50.82 12.14
C CYS E 119 -20.15 -51.27 12.43
N SER E 120 -19.64 -52.14 11.57
CA SER E 120 -18.27 -52.63 11.64
C SER E 120 -17.63 -52.52 10.27
N PHE E 121 -16.32 -52.30 10.25
CA PHE E 121 -15.60 -52.07 9.01
C PHE E 121 -14.11 -52.30 9.25
N ASN E 122 -13.35 -52.26 8.15
CA ASN E 122 -11.90 -52.29 8.18
C ASN E 122 -11.36 -50.88 8.04
N MET E 123 -10.15 -50.65 8.56
CA MET E 123 -9.55 -49.33 8.57
C MET E 123 -8.04 -49.46 8.45
N THR E 124 -7.42 -48.43 7.90
CA THR E 124 -5.97 -48.37 7.79
C THR E 124 -5.36 -48.08 9.16
N THR E 125 -4.04 -48.24 9.24
CA THR E 125 -3.29 -47.98 10.46
C THR E 125 -2.12 -47.06 10.18
N GLU E 126 -1.25 -46.84 11.18
CA GLU E 126 -0.08 -46.01 10.97
C GLU E 126 0.85 -46.61 9.93
N LEU E 127 0.90 -47.94 9.82
CA LEU E 127 1.65 -48.62 8.79
C LEU E 127 0.73 -48.92 7.61
N ARG E 128 1.19 -48.57 6.40
CA ARG E 128 0.36 -48.70 5.22
C ARG E 128 0.12 -50.16 4.81
N ASP E 129 0.86 -51.12 5.39
CA ASP E 129 0.73 -52.52 5.04
C ASP E 129 -0.03 -53.31 6.11
N LYS E 130 -0.81 -52.63 6.96
CA LYS E 130 -1.59 -53.28 8.01
C LYS E 130 -2.99 -52.71 8.02
N LYS E 131 -3.94 -53.52 8.49
CA LYS E 131 -5.34 -53.14 8.60
C LYS E 131 -5.87 -53.55 9.96
N GLN E 132 -6.92 -52.86 10.40
CA GLN E 132 -7.53 -53.11 11.71
C GLN E 132 -9.04 -53.15 11.56
N LYS E 133 -9.68 -54.09 12.25
CA LYS E 133 -11.13 -54.22 12.26
C LYS E 133 -11.68 -53.38 13.41
N VAL E 134 -12.57 -52.44 13.09
CA VAL E 134 -13.12 -51.51 14.06
C VAL E 134 -14.64 -51.47 13.90
N TYR E 135 -15.30 -50.86 14.88
CA TYR E 135 -16.75 -50.73 14.88
C TYR E 135 -17.13 -49.42 15.54
N SER E 136 -18.35 -48.97 15.25
CA SER E 136 -18.85 -47.69 15.72
C SER E 136 -20.38 -47.71 15.72
N LEU E 137 -20.97 -46.63 16.21
CA LEU E 137 -22.41 -46.41 16.17
C LEU E 137 -22.69 -45.19 15.30
N PHE E 138 -23.62 -45.32 14.38
CA PHE E 138 -23.97 -44.26 13.44
C PHE E 138 -25.47 -43.97 13.51
N TYR E 139 -25.83 -42.77 13.10
CA TYR E 139 -27.23 -42.36 13.04
C TYR E 139 -27.82 -42.77 11.69
N ARG E 140 -29.13 -43.03 11.69
CA ARG E 140 -29.80 -43.47 10.48
C ARG E 140 -29.76 -42.43 9.38
N LEU E 141 -29.61 -41.15 9.72
CA LEU E 141 -29.56 -40.09 8.72
C LEU E 141 -28.18 -39.99 8.05
N ASP E 142 -27.17 -40.69 8.56
CA ASP E 142 -25.81 -40.59 8.04
C ASP E 142 -25.39 -41.78 7.19
N VAL E 143 -26.18 -42.85 7.12
CA VAL E 143 -25.84 -44.06 6.40
C VAL E 143 -26.95 -44.38 5.41
N VAL E 144 -26.56 -44.82 4.21
CA VAL E 144 -27.49 -45.21 3.16
C VAL E 144 -27.14 -46.63 2.71
N GLN E 145 -28.16 -47.46 2.55
CA GLN E 145 -27.94 -48.84 2.13
C GLN E 145 -27.35 -48.88 0.73
N ILE E 146 -26.37 -49.76 0.54
CA ILE E 146 -25.70 -49.89 -0.75
C ILE E 146 -26.39 -50.95 -1.59
N LYS E 159 -27.61 -55.50 4.12
CA LYS E 159 -26.79 -55.39 5.33
C LYS E 159 -25.50 -54.59 5.09
N GLU E 160 -25.33 -54.07 3.88
CA GLU E 160 -24.16 -53.30 3.50
C GLU E 160 -24.57 -51.85 3.31
N TYR E 161 -23.93 -50.93 4.03
CA TYR E 161 -24.27 -49.52 4.05
C TYR E 161 -23.03 -48.70 3.73
N ARG E 162 -23.25 -47.41 3.46
CA ARG E 162 -22.14 -46.50 3.20
C ARG E 162 -22.53 -45.11 3.67
N LEU E 163 -21.51 -44.28 3.91
CA LEU E 163 -21.76 -42.91 4.32
C LEU E 163 -22.47 -42.13 3.22
N ILE E 164 -23.32 -41.19 3.62
CA ILE E 164 -24.19 -40.51 2.67
C ILE E 164 -23.38 -39.66 1.69
N ASN E 165 -22.23 -39.14 2.12
CA ASN E 165 -21.47 -38.19 1.33
C ASN E 165 -20.40 -38.84 0.44
N CYS E 166 -20.29 -40.17 0.46
CA CYS E 166 -19.19 -40.82 -0.24
C CYS E 166 -19.25 -40.62 -1.75
N ASN E 167 -20.42 -40.38 -2.32
CA ASN E 167 -20.56 -40.17 -3.76
C ASN E 167 -20.54 -38.69 -4.14
N THR E 168 -20.31 -37.78 -3.19
CA THR E 168 -20.22 -36.35 -3.46
C THR E 168 -18.85 -35.78 -3.15
N SER E 169 -18.33 -35.98 -1.94
CA SER E 169 -17.03 -35.46 -1.54
C SER E 169 -16.64 -36.14 -0.23
N ALA E 170 -15.44 -35.79 0.25
CA ALA E 170 -14.92 -36.30 1.52
C ALA E 170 -15.04 -35.21 2.58
N CYS E 171 -15.60 -35.56 3.73
CA CYS E 171 -15.82 -34.62 4.80
C CYS E 171 -14.55 -34.39 5.61
N THR E 172 -14.34 -33.13 6.00
CA THR E 172 -13.25 -32.78 6.92
C THR E 172 -13.78 -32.84 8.34
N GLN E 173 -13.15 -33.65 9.18
CA GLN E 173 -13.60 -33.82 10.55
C GLN E 173 -13.51 -32.50 11.31
N ALA E 174 -14.52 -32.23 12.13
CA ALA E 174 -14.47 -31.06 13.00
C ALA E 174 -13.32 -31.23 13.97
N CYS E 175 -12.78 -30.10 14.42
CA CYS E 175 -11.48 -30.09 15.07
C CYS E 175 -11.72 -30.02 16.58
N PRO E 176 -11.37 -31.06 17.37
CA PRO E 176 -11.85 -31.10 18.77
C PRO E 176 -11.52 -29.88 19.62
N LYS E 177 -10.33 -29.30 19.45
CA LYS E 177 -9.88 -28.28 20.41
C LYS E 177 -10.70 -26.99 20.31
N VAL E 178 -11.26 -26.68 19.14
CA VAL E 178 -12.03 -25.46 18.99
C VAL E 178 -13.45 -25.68 19.49
N SER E 179 -14.14 -24.57 19.78
CA SER E 179 -15.50 -24.58 20.29
C SER E 179 -16.40 -23.74 19.41
N PHE E 180 -17.65 -24.17 19.27
CA PHE E 180 -18.62 -23.53 18.38
C PHE E 180 -19.40 -22.41 19.06
N GLU E 181 -19.08 -22.06 20.30
CA GLU E 181 -19.85 -21.05 21.01
C GLU E 181 -19.68 -19.69 20.34
N PRO E 182 -20.76 -18.97 20.00
CA PRO E 182 -20.58 -17.63 19.44
C PRO E 182 -19.98 -16.67 20.45
N ILE E 183 -19.27 -15.67 19.93
CA ILE E 183 -18.70 -14.60 20.74
C ILE E 183 -19.09 -13.26 20.12
N PRO E 184 -19.26 -12.19 20.88
CA PRO E 184 -19.60 -10.90 20.27
C PRO E 184 -18.46 -10.38 19.41
N ILE E 185 -18.84 -9.65 18.36
CA ILE E 185 -17.89 -8.97 17.48
C ILE E 185 -18.45 -7.60 17.14
N HIS E 186 -17.60 -6.57 17.20
CA HIS E 186 -17.98 -5.21 16.88
C HIS E 186 -17.30 -4.80 15.57
N TYR E 187 -18.01 -4.03 14.77
CA TYR E 187 -17.51 -3.53 13.48
C TYR E 187 -17.25 -2.03 13.60
N CYS E 188 -16.06 -1.60 13.17
CA CYS E 188 -15.64 -0.21 13.25
C CYS E 188 -15.28 0.30 11.87
N ALA E 189 -15.57 1.59 11.64
CA ALA E 189 -15.33 2.21 10.35
C ALA E 189 -13.88 2.71 10.25
N PRO E 190 -13.35 2.87 9.04
CA PRO E 190 -12.00 3.42 8.89
C PRO E 190 -12.02 4.95 8.97
N ALA E 191 -10.86 5.55 8.76
CA ALA E 191 -10.75 7.00 8.74
C ALA E 191 -11.50 7.56 7.54
N GLY E 192 -12.10 8.73 7.73
CA GLY E 192 -12.90 9.36 6.70
C GLY E 192 -14.31 8.84 6.58
N PHE E 193 -14.72 7.90 7.44
CA PHE E 193 -16.05 7.32 7.43
C PHE E 193 -16.63 7.37 8.84
N ALA E 194 -17.96 7.36 8.91
CA ALA E 194 -18.67 7.41 10.18
C ALA E 194 -19.83 6.43 10.14
N ILE E 195 -20.22 5.98 11.33
CA ILE E 195 -21.34 5.05 11.51
C ILE E 195 -22.44 5.80 12.25
N LEU E 196 -23.62 5.85 11.65
CA LEU E 196 -24.78 6.52 12.22
C LEU E 196 -25.77 5.49 12.75
N LYS E 197 -26.24 5.72 13.96
CA LYS E 197 -27.18 4.85 14.66
C LYS E 197 -28.49 5.59 14.89
N CYS E 198 -29.60 4.92 14.58
CA CYS E 198 -30.93 5.47 14.78
C CYS E 198 -31.45 5.02 16.15
N LYS E 199 -31.72 6.00 17.03
CA LYS E 199 -32.18 5.73 18.38
C LYS E 199 -33.68 5.92 18.54
N ASP E 200 -34.43 5.88 17.44
CA ASP E 200 -35.87 6.08 17.47
C ASP E 200 -36.58 4.75 17.66
N LYS E 201 -37.35 4.63 18.73
CA LYS E 201 -38.15 3.44 18.94
C LYS E 201 -39.31 3.40 17.95
N LYS E 202 -39.90 2.21 17.80
CA LYS E 202 -40.96 1.91 16.85
C LYS E 202 -40.50 2.02 15.39
N PHE E 203 -39.19 2.15 15.15
CA PHE E 203 -38.68 2.28 13.80
C PHE E 203 -38.72 0.92 13.12
N ASN E 204 -39.49 0.83 12.02
CA ASN E 204 -39.74 -0.45 11.36
C ASN E 204 -38.74 -0.76 10.25
N GLY E 205 -37.51 -0.23 10.34
CA GLY E 205 -36.44 -0.62 9.46
C GLY E 205 -36.34 0.17 8.18
N THR E 206 -37.32 1.03 7.86
CA THR E 206 -37.30 1.81 6.64
C THR E 206 -38.00 3.12 6.87
N GLY E 207 -37.39 4.21 6.38
CA GLY E 207 -37.99 5.53 6.44
C GLY E 207 -37.10 6.56 7.09
N PRO E 208 -37.68 7.70 7.52
CA PRO E 208 -36.88 8.73 8.19
C PRO E 208 -36.77 8.52 9.70
N CYS E 209 -35.56 8.63 10.22
CA CYS E 209 -35.28 8.55 11.65
C CYS E 209 -34.92 9.94 12.16
N PRO E 210 -35.66 10.55 13.11
CA PRO E 210 -35.31 11.90 13.55
C PRO E 210 -34.19 11.93 14.59
N SER E 211 -34.11 10.88 15.41
CA SER E 211 -33.10 10.79 16.48
C SER E 211 -31.92 9.99 15.96
N VAL E 212 -30.77 10.65 15.83
CA VAL E 212 -29.58 10.07 15.21
C VAL E 212 -28.38 10.31 16.12
N SER E 213 -27.42 9.39 16.06
CA SER E 213 -26.17 9.52 16.78
C SER E 213 -25.04 8.97 15.92
N THR E 214 -23.82 9.38 16.25
CA THR E 214 -22.60 8.89 15.62
C THR E 214 -21.86 8.01 16.61
N VAL E 215 -21.46 6.81 16.16
CA VAL E 215 -20.75 5.86 16.99
C VAL E 215 -19.53 5.36 16.25
N GLN E 216 -18.46 5.09 17.01
CA GLN E 216 -17.24 4.57 16.40
C GLN E 216 -17.39 3.11 16.00
N CYS E 217 -18.04 2.30 16.84
CA CYS E 217 -18.21 0.88 16.58
C CYS E 217 -19.60 0.46 17.03
N THR E 218 -20.08 -0.63 16.42
CA THR E 218 -21.39 -1.17 16.75
C THR E 218 -21.32 -1.99 18.04
N HIS E 219 -22.50 -2.30 18.58
CA HIS E 219 -22.58 -3.13 19.77
C HIS E 219 -22.22 -4.57 19.43
N GLY E 220 -21.84 -5.31 20.47
CA GLY E 220 -21.48 -6.71 20.30
C GLY E 220 -22.61 -7.54 19.72
N ILE E 221 -22.32 -8.26 18.63
CA ILE E 221 -23.31 -9.08 17.94
C ILE E 221 -22.81 -10.52 17.95
N LYS E 222 -23.66 -11.42 18.44
CA LYS E 222 -23.31 -12.84 18.51
C LYS E 222 -23.72 -13.53 17.21
N PRO E 223 -22.79 -14.14 16.45
CA PRO E 223 -23.23 -14.82 15.21
C PRO E 223 -23.85 -16.18 15.48
N VAL E 224 -25.12 -16.15 15.89
CA VAL E 224 -25.86 -17.37 16.21
C VAL E 224 -26.46 -17.92 14.91
N VAL E 225 -26.26 -19.21 14.68
CA VAL E 225 -26.76 -19.90 13.49
C VAL E 225 -27.98 -20.72 13.90
N SER E 226 -29.13 -20.38 13.35
CA SER E 226 -30.37 -21.10 13.65
C SER E 226 -31.38 -20.82 12.55
N THR E 227 -32.42 -21.64 12.51
CA THR E 227 -33.50 -21.51 11.53
C THR E 227 -34.84 -21.59 12.23
N GLN E 228 -35.80 -20.81 11.73
CA GLN E 228 -37.19 -20.78 12.18
C GLN E 228 -37.35 -20.12 13.55
N LEU E 229 -36.25 -19.75 14.21
CA LEU E 229 -36.30 -19.13 15.52
C LEU E 229 -35.00 -18.38 15.74
N LEU E 230 -35.10 -17.14 16.22
CA LEU E 230 -33.93 -16.34 16.54
C LEU E 230 -33.60 -16.51 18.03
N LEU E 231 -32.40 -17.00 18.32
CA LEU E 231 -32.00 -17.35 19.67
C LEU E 231 -30.88 -16.45 20.15
N ASN E 232 -30.91 -16.09 21.44
CA ASN E 232 -29.90 -15.27 22.07
C ASN E 232 -29.71 -13.94 21.32
N GLY E 233 -30.82 -13.33 20.92
CA GLY E 233 -30.81 -12.07 20.21
C GLY E 233 -31.14 -10.91 21.12
N SER E 234 -31.62 -9.82 20.50
CA SER E 234 -32.01 -8.61 21.19
C SER E 234 -33.52 -8.48 21.22
N LEU E 235 -34.02 -7.75 22.21
CA LEU E 235 -35.44 -7.58 22.44
C LEU E 235 -35.86 -6.13 22.19
N ALA E 236 -37.06 -5.97 21.66
CA ALA E 236 -37.60 -4.64 21.42
C ALA E 236 -37.86 -3.91 22.74
N GLU E 237 -37.66 -2.60 22.72
CA GLU E 237 -37.81 -1.78 23.92
C GLU E 237 -39.23 -1.31 24.18
N GLU E 238 -40.12 -1.38 23.18
CA GLU E 238 -41.48 -0.88 23.30
C GLU E 238 -42.52 -2.00 23.24
N GLU E 239 -42.50 -2.81 22.18
CA GLU E 239 -43.49 -3.86 22.00
C GLU E 239 -43.02 -4.75 20.85
N VAL E 240 -43.87 -5.72 20.50
CA VAL E 240 -43.54 -6.64 19.42
C VAL E 240 -43.53 -5.87 18.10
N MET E 241 -42.46 -6.06 17.33
CA MET E 241 -42.26 -5.37 16.06
C MET E 241 -42.35 -6.35 14.91
N ILE E 242 -42.98 -5.92 13.81
CA ILE E 242 -43.10 -6.71 12.59
C ILE E 242 -42.49 -5.90 11.45
N ARG E 243 -41.60 -6.55 10.68
CA ARG E 243 -40.88 -5.90 9.60
C ARG E 243 -40.94 -6.75 8.35
N SER E 244 -41.03 -6.10 7.20
CA SER E 244 -41.06 -6.78 5.91
C SER E 244 -40.76 -5.76 4.82
N GLU E 245 -40.04 -6.22 3.79
CA GLU E 245 -39.69 -5.33 2.68
C GLU E 245 -40.95 -4.86 1.96
N ASN E 246 -41.90 -5.76 1.73
CA ASN E 246 -43.18 -5.42 1.09
C ASN E 246 -44.23 -6.37 1.68
N ILE E 247 -44.92 -5.89 2.71
CA ILE E 247 -45.85 -6.74 3.46
C ILE E 247 -46.98 -7.22 2.56
N THR E 248 -47.38 -6.41 1.57
CA THR E 248 -48.42 -6.85 0.64
C THR E 248 -47.96 -8.07 -0.15
N ASN E 249 -46.72 -8.08 -0.61
CA ASN E 249 -46.20 -9.23 -1.34
C ASN E 249 -46.06 -10.42 -0.41
N ASN E 250 -46.48 -11.59 -0.90
CA ASN E 250 -46.40 -12.82 -0.12
C ASN E 250 -45.08 -13.58 -0.32
N ALA E 251 -44.20 -13.09 -1.20
CA ALA E 251 -42.92 -13.73 -1.45
C ALA E 251 -41.80 -13.21 -0.57
N LYS E 252 -42.08 -12.29 0.34
CA LYS E 252 -41.08 -11.70 1.21
C LYS E 252 -41.29 -12.17 2.64
N ASN E 253 -40.22 -12.59 3.29
CA ASN E 253 -40.29 -13.07 4.66
C ASN E 253 -40.63 -11.93 5.62
N ILE E 254 -41.28 -12.28 6.72
CA ILE E 254 -41.67 -11.34 7.77
C ILE E 254 -40.83 -11.62 9.00
N LEU E 255 -40.17 -10.58 9.51
CA LEU E 255 -39.35 -10.68 10.71
C LEU E 255 -40.14 -10.15 11.89
N VAL E 256 -40.31 -10.98 12.92
CA VAL E 256 -41.03 -10.61 14.14
C VAL E 256 -40.02 -10.56 15.28
N GLN E 257 -39.99 -9.43 15.98
CA GLN E 257 -39.10 -9.22 17.13
C GLN E 257 -39.95 -9.07 18.37
N PHE E 258 -39.65 -9.88 19.39
CA PHE E 258 -40.40 -9.83 20.64
C PHE E 258 -39.91 -8.69 21.52
N ASN E 259 -40.64 -8.45 22.60
CA ASN E 259 -40.24 -7.52 23.65
C ASN E 259 -39.77 -8.23 24.91
N THR E 260 -40.13 -9.49 25.09
CA THR E 260 -39.64 -10.33 26.17
C THR E 260 -39.23 -11.69 25.60
N PRO E 261 -38.30 -12.39 26.24
CA PRO E 261 -37.86 -13.68 25.73
C PRO E 261 -38.75 -14.82 26.19
N VAL E 262 -38.59 -15.97 25.53
CA VAL E 262 -39.28 -17.21 25.90
C VAL E 262 -38.21 -18.26 26.14
N GLN E 263 -38.19 -18.81 27.35
CA GLN E 263 -37.15 -19.78 27.71
C GLN E 263 -37.43 -21.13 27.06
N ILE E 264 -36.39 -21.74 26.51
CA ILE E 264 -36.46 -23.07 25.90
C ILE E 264 -35.32 -23.92 26.45
N ASN E 265 -35.64 -25.15 26.83
CA ASN E 265 -34.66 -26.07 27.43
C ASN E 265 -34.52 -27.29 26.53
N CYS E 266 -33.36 -27.44 25.89
CA CYS E 266 -33.09 -28.56 25.00
C CYS E 266 -32.11 -29.52 25.67
N THR E 267 -32.20 -30.81 25.32
CA THR E 267 -31.35 -31.79 25.97
C THR E 267 -31.23 -33.05 25.12
N ARG E 268 -30.02 -33.62 25.11
CA ARG E 268 -29.77 -34.99 24.69
C ARG E 268 -29.36 -35.79 25.92
N PRO E 269 -30.14 -36.77 26.38
CA PRO E 269 -29.84 -37.45 27.65
C PRO E 269 -29.03 -38.73 27.54
N ASN E 270 -28.60 -39.13 26.35
CA ASN E 270 -27.82 -40.35 26.22
C ASN E 270 -26.41 -40.15 26.77
N ASN E 271 -25.93 -41.16 27.49
CA ASN E 271 -24.58 -41.13 28.07
C ASN E 271 -23.61 -41.71 27.03
N ASN E 272 -23.16 -40.85 26.13
CA ASN E 272 -22.29 -41.28 25.05
C ASN E 272 -20.88 -41.56 25.55
N THR E 273 -20.17 -42.40 24.80
CA THR E 273 -18.78 -42.74 25.07
C THR E 273 -17.97 -42.54 23.80
N ARG E 274 -16.76 -42.01 23.96
CA ARG E 274 -15.88 -41.66 22.84
C ARG E 274 -14.62 -42.50 22.88
N LYS E 275 -14.18 -42.96 21.71
CA LYS E 275 -12.92 -43.68 21.57
C LYS E 275 -12.18 -43.15 20.36
N SER E 276 -10.86 -43.33 20.37
CA SER E 276 -9.98 -42.85 19.31
C SER E 276 -9.37 -44.02 18.56
N ILE E 277 -9.34 -43.91 17.23
CA ILE E 277 -8.74 -44.91 16.36
C ILE E 277 -7.66 -44.21 15.53
N ARG E 278 -6.45 -44.74 15.58
CA ARG E 278 -5.33 -44.14 14.86
C ARG E 278 -5.37 -44.63 13.41
N ILE E 279 -5.71 -43.72 12.49
CA ILE E 279 -5.88 -44.08 11.09
C ILE E 279 -4.66 -43.74 10.25
N GLY E 280 -3.60 -43.20 10.85
CA GLY E 280 -2.41 -42.83 10.12
C GLY E 280 -1.41 -42.11 11.00
N PRO E 281 -0.32 -41.62 10.41
CA PRO E 281 0.66 -40.87 11.20
C PRO E 281 0.09 -39.57 11.72
N GLY E 282 -0.11 -39.48 13.03
CA GLY E 282 -0.69 -38.29 13.62
C GLY E 282 -2.09 -37.97 13.12
N GLN E 283 -2.91 -39.00 12.93
CA GLN E 283 -4.29 -38.82 12.48
C GLN E 283 -5.18 -39.77 13.27
N ALA E 284 -6.14 -39.21 14.00
CA ALA E 284 -7.04 -39.97 14.84
C ALA E 284 -8.49 -39.66 14.46
N PHE E 285 -9.30 -40.72 14.39
CA PHE E 285 -10.73 -40.62 14.14
C PHE E 285 -11.48 -40.97 15.41
N TYR E 286 -12.46 -40.14 15.77
CA TYR E 286 -13.21 -40.28 17.01
C TYR E 286 -14.52 -40.99 16.72
N ALA E 287 -14.77 -42.09 17.44
CA ALA E 287 -15.94 -42.94 17.22
C ALA E 287 -16.72 -43.08 18.52
N THR E 288 -18.00 -43.44 18.37
CA THR E 288 -18.88 -43.65 19.50
C THR E 288 -18.78 -45.11 19.94
N GLY E 289 -18.26 -45.33 21.15
CA GLY E 289 -18.08 -46.68 21.65
C GLY E 289 -19.38 -47.37 21.97
N ASP E 290 -20.09 -46.89 23.00
CA ASP E 290 -21.35 -47.47 23.42
C ASP E 290 -22.07 -46.46 24.30
N ILE E 291 -23.37 -46.70 24.49
CA ILE E 291 -24.22 -45.86 25.33
C ILE E 291 -24.41 -46.57 26.66
N ILE E 292 -24.11 -45.87 27.76
CA ILE E 292 -24.23 -46.42 29.10
C ILE E 292 -25.66 -46.16 29.59
N GLY E 293 -26.39 -47.23 29.86
CA GLY E 293 -27.75 -47.11 30.36
C GLY E 293 -28.79 -47.15 29.26
N ASP E 294 -29.96 -46.57 29.52
CA ASP E 294 -31.05 -46.58 28.56
C ASP E 294 -30.78 -45.58 27.44
N ILE E 295 -31.53 -45.75 26.34
CA ILE E 295 -31.44 -44.88 25.18
C ILE E 295 -32.78 -44.17 25.01
N ARG E 296 -32.73 -42.84 24.93
CA ARG E 296 -33.93 -42.02 24.83
C ARG E 296 -33.70 -40.94 23.78
N GLN E 297 -34.80 -40.26 23.41
CA GLN E 297 -34.77 -39.26 22.37
C GLN E 297 -34.47 -37.89 22.94
N ALA E 298 -33.54 -37.17 22.28
CA ALA E 298 -33.29 -35.79 22.63
C ALA E 298 -34.53 -34.95 22.32
N HIS E 299 -34.78 -33.95 23.16
CA HIS E 299 -36.02 -33.18 23.04
C HIS E 299 -35.83 -31.81 23.65
N CYS E 300 -36.76 -30.91 23.33
CA CYS E 300 -36.78 -29.55 23.86
C CYS E 300 -38.13 -29.28 24.52
N ASN E 301 -38.12 -28.38 25.50
CA ASN E 301 -39.30 -27.98 26.24
C ASN E 301 -39.45 -26.47 26.16
N VAL E 302 -40.69 -26.01 25.99
CA VAL E 302 -41.01 -24.58 26.00
C VAL E 302 -42.31 -24.37 26.76
N SER E 303 -42.38 -23.29 27.53
CA SER E 303 -43.55 -23.02 28.35
C SER E 303 -44.78 -22.78 27.46
N LYS E 304 -45.94 -23.23 27.95
CA LYS E 304 -47.17 -23.13 27.17
C LYS E 304 -47.82 -21.76 27.32
N ALA E 305 -47.99 -21.29 28.55
CA ALA E 305 -48.67 -20.01 28.76
C ALA E 305 -47.87 -18.86 28.15
N THR E 306 -46.54 -18.88 28.31
CA THR E 306 -45.71 -17.83 27.73
C THR E 306 -45.83 -17.83 26.21
N TRP E 307 -45.81 -19.01 25.59
CA TRP E 307 -45.96 -19.08 24.14
C TRP E 307 -47.33 -18.58 23.70
N ASN E 308 -48.37 -18.92 24.46
CA ASN E 308 -49.71 -18.44 24.10
C ASN E 308 -49.79 -16.92 24.19
N GLU E 309 -49.21 -16.34 25.24
CA GLU E 309 -49.21 -14.89 25.37
C GLU E 309 -48.42 -14.23 24.25
N THR E 310 -47.27 -14.82 23.90
CA THR E 310 -46.47 -14.26 22.81
C THR E 310 -47.23 -14.32 21.49
N LEU E 311 -47.91 -15.45 21.23
CA LEU E 311 -48.70 -15.55 20.01
C LEU E 311 -49.86 -14.56 20.02
N GLY E 312 -50.46 -14.32 21.18
CA GLY E 312 -51.49 -13.31 21.28
C GLY E 312 -50.98 -11.93 20.92
N LYS E 313 -49.81 -11.57 21.44
CA LYS E 313 -49.20 -10.29 21.09
C LYS E 313 -48.90 -10.22 19.60
N VAL E 314 -48.37 -11.32 19.04
CA VAL E 314 -48.00 -11.33 17.62
C VAL E 314 -49.23 -11.15 16.74
N VAL E 315 -50.31 -11.86 17.04
CA VAL E 315 -51.52 -11.75 16.23
C VAL E 315 -52.15 -10.37 16.42
N LYS E 316 -52.08 -9.81 17.63
CA LYS E 316 -52.57 -8.46 17.86
C LYS E 316 -51.83 -7.46 16.97
N GLN E 317 -50.51 -7.59 16.90
CA GLN E 317 -49.74 -6.69 16.04
C GLN E 317 -50.03 -6.94 14.56
N LEU E 318 -50.20 -8.21 14.19
CA LEU E 318 -50.47 -8.55 12.79
C LEU E 318 -51.82 -8.00 12.33
N ARG E 319 -52.80 -7.95 13.22
CA ARG E 319 -54.10 -7.40 12.87
C ARG E 319 -54.01 -5.93 12.44
N LYS E 320 -52.96 -5.21 12.87
CA LYS E 320 -52.79 -3.84 12.44
C LYS E 320 -52.59 -3.75 10.94
N HIS E 321 -51.81 -4.67 10.37
CA HIS E 321 -51.50 -4.66 8.95
C HIS E 321 -52.47 -5.49 8.12
N PHE E 322 -53.08 -6.52 8.71
CA PHE E 322 -53.93 -7.47 7.99
C PHE E 322 -55.36 -7.41 8.47
N GLY E 323 -55.89 -6.21 8.68
CA GLY E 323 -57.27 -6.03 9.03
C GLY E 323 -57.56 -6.35 10.48
N ASN E 324 -58.59 -5.70 11.02
CA ASN E 324 -59.01 -5.86 12.40
C ASN E 324 -60.02 -6.99 12.59
N ASN E 325 -60.60 -7.52 11.52
CA ASN E 325 -61.61 -8.57 11.60
C ASN E 325 -61.23 -9.76 10.72
N THR E 326 -59.95 -10.13 10.73
CA THR E 326 -59.46 -11.26 9.94
C THR E 326 -59.04 -12.40 10.86
N ILE E 327 -59.24 -13.63 10.37
CA ILE E 327 -58.87 -14.83 11.11
C ILE E 327 -57.42 -15.16 10.77
N ILE E 328 -56.60 -15.32 11.81
CA ILE E 328 -55.15 -15.50 11.66
C ILE E 328 -54.82 -16.93 12.06
N ARG E 329 -54.22 -17.67 11.13
CA ARG E 329 -53.92 -19.08 11.29
C ARG E 329 -52.42 -19.31 11.34
N PHE E 330 -51.98 -20.14 12.28
CA PHE E 330 -50.60 -20.59 12.37
C PHE E 330 -50.59 -22.09 12.09
N ALA E 331 -49.81 -22.50 11.08
CA ALA E 331 -49.82 -23.88 10.59
C ALA E 331 -48.40 -24.42 10.46
N ASN E 332 -48.27 -25.64 9.94
CA ASN E 332 -46.98 -26.31 9.86
C ASN E 332 -46.21 -25.84 8.62
N SER E 333 -44.93 -26.21 8.59
CA SER E 333 -44.08 -25.85 7.45
C SER E 333 -44.52 -26.62 6.21
N SER E 334 -44.24 -26.03 5.04
CA SER E 334 -44.65 -26.64 3.79
C SER E 334 -43.87 -27.92 3.52
N GLY E 335 -42.56 -27.83 3.41
CA GLY E 335 -41.74 -28.99 3.16
C GLY E 335 -40.41 -28.58 2.56
N GLY E 336 -39.61 -29.61 2.26
CA GLY E 336 -38.29 -29.42 1.67
C GLY E 336 -37.21 -30.17 2.41
N ASP E 337 -36.02 -29.59 2.48
CA ASP E 337 -34.91 -30.22 3.17
C ASP E 337 -35.17 -30.22 4.68
N LEU E 338 -34.44 -31.09 5.38
CA LEU E 338 -34.60 -31.20 6.82
C LEU E 338 -34.24 -29.91 7.54
N GLU E 339 -33.18 -29.23 7.08
CA GLU E 339 -32.75 -28.01 7.75
C GLU E 339 -33.81 -26.91 7.64
N VAL E 340 -34.32 -26.68 6.44
CA VAL E 340 -35.34 -25.65 6.27
C VAL E 340 -36.65 -26.05 6.93
N THR E 341 -37.00 -27.33 6.88
CA THR E 341 -38.29 -27.81 7.39
C THR E 341 -38.32 -27.97 8.90
N THR E 342 -37.16 -27.91 9.57
CA THR E 342 -37.08 -28.14 11.01
C THR E 342 -36.20 -27.06 11.64
N HIS E 343 -36.44 -26.80 12.92
CA HIS E 343 -35.64 -25.84 13.67
C HIS E 343 -34.27 -26.44 13.91
N SER E 344 -33.27 -25.99 13.14
CA SER E 344 -31.92 -26.52 13.22
C SER E 344 -31.03 -25.58 14.03
N PHE E 345 -30.22 -26.15 14.91
CA PHE E 345 -29.31 -25.35 15.73
C PHE E 345 -28.22 -26.27 16.28
N ASN E 346 -27.36 -25.69 17.11
CA ASN E 346 -26.25 -26.40 17.74
C ASN E 346 -26.34 -26.21 19.25
N CYS E 347 -26.24 -27.30 19.99
CA CYS E 347 -26.26 -27.29 21.46
C CYS E 347 -25.15 -28.19 21.97
N GLY E 348 -24.25 -27.63 22.77
CA GLY E 348 -23.16 -28.40 23.34
C GLY E 348 -22.28 -29.07 22.31
N GLY E 349 -22.16 -28.48 21.12
CA GLY E 349 -21.38 -29.06 20.06
C GLY E 349 -22.09 -30.13 19.24
N GLU E 350 -23.36 -30.40 19.52
CA GLU E 350 -24.14 -31.38 18.78
C GLU E 350 -25.22 -30.68 17.97
N PHE E 351 -25.45 -31.17 16.75
CA PHE E 351 -26.34 -30.51 15.80
C PHE E 351 -27.74 -31.09 15.93
N PHE E 352 -28.66 -30.26 16.43
CA PHE E 352 -30.05 -30.64 16.68
C PHE E 352 -30.93 -30.14 15.55
N TYR E 353 -31.93 -30.96 15.19
CA TYR E 353 -33.00 -30.57 14.27
C TYR E 353 -34.32 -30.95 14.94
N CYS E 354 -35.08 -29.95 15.35
CA CYS E 354 -36.30 -30.15 16.14
C CYS E 354 -37.52 -29.93 15.28
N ASN E 355 -38.55 -30.74 15.52
CA ASN E 355 -39.81 -30.70 14.78
C ASN E 355 -40.74 -29.72 15.50
N THR E 356 -40.81 -28.48 15.00
CA THR E 356 -41.62 -27.44 15.60
C THR E 356 -43.04 -27.48 15.02
N SER E 357 -43.78 -28.49 15.46
CA SER E 357 -45.16 -28.69 15.03
C SER E 357 -46.20 -28.33 16.07
N GLY E 358 -45.86 -28.44 17.36
CA GLY E 358 -46.79 -28.08 18.41
C GLY E 358 -46.90 -26.60 18.71
N LEU E 359 -46.05 -25.78 18.08
CA LEU E 359 -46.04 -24.34 18.32
C LEU E 359 -46.93 -23.59 17.33
N PHE E 360 -46.63 -23.73 16.03
CA PHE E 360 -47.37 -23.04 14.99
C PHE E 360 -48.54 -23.91 14.52
N ASN E 361 -49.50 -24.09 15.42
CA ASN E 361 -50.69 -24.89 15.13
C ASN E 361 -51.83 -24.30 15.96
N SER E 362 -52.56 -23.36 15.36
CA SER E 362 -53.64 -22.67 16.06
C SER E 362 -54.36 -21.75 15.09
N THR E 363 -55.51 -21.24 15.53
CA THR E 363 -56.29 -20.27 14.79
C THR E 363 -56.85 -19.24 15.77
N TRP E 364 -56.79 -17.97 15.39
CA TRP E 364 -57.24 -16.86 16.21
C TRP E 364 -58.32 -16.09 15.46
N ILE E 365 -59.44 -15.87 16.13
CA ILE E 365 -60.61 -15.20 15.56
C ILE E 365 -60.78 -13.86 16.25
N SER E 366 -61.09 -12.82 15.46
CA SER E 366 -61.29 -11.49 16.02
C SER E 366 -62.46 -11.50 17.00
N ASN E 367 -62.29 -10.79 18.11
CA ASN E 367 -63.33 -10.71 19.13
C ASN E 367 -63.14 -9.46 20.00
N SER E 378 -51.00 -24.08 33.56
CA SER E 378 -50.43 -23.99 34.91
C SER E 378 -48.91 -24.16 34.87
N ASN E 379 -48.46 -25.40 34.68
CA ASN E 379 -47.03 -25.68 34.60
C ASN E 379 -46.67 -26.63 33.46
N ASP E 380 -47.65 -27.17 32.73
CA ASP E 380 -47.35 -28.04 31.60
C ASP E 380 -46.62 -27.26 30.51
N SER E 381 -45.75 -27.97 29.79
CA SER E 381 -44.92 -27.36 28.75
C SER E 381 -45.01 -28.19 27.47
N ILE E 382 -44.87 -27.51 26.34
CA ILE E 382 -44.87 -28.18 25.05
C ILE E 382 -43.52 -28.81 24.81
N THR E 383 -43.52 -30.08 24.41
CA THR E 383 -42.31 -30.86 24.15
C THR E 383 -42.15 -31.08 22.67
N LEU E 384 -40.99 -30.70 22.13
CA LEU E 384 -40.65 -30.86 20.72
C LEU E 384 -39.59 -31.95 20.59
N PRO E 385 -39.86 -33.07 19.91
CA PRO E 385 -38.79 -34.05 19.69
C PRO E 385 -37.77 -33.52 18.68
N CYS E 386 -36.53 -34.00 18.81
CA CYS E 386 -35.43 -33.55 17.97
C CYS E 386 -34.57 -34.73 17.57
N ARG E 387 -33.88 -34.58 16.44
CA ARG E 387 -32.94 -35.55 15.92
C ARG E 387 -31.54 -34.95 15.90
N ILE E 388 -30.55 -35.82 16.09
CA ILE E 388 -29.14 -35.42 16.12
C ILE E 388 -28.51 -35.78 14.79
N LYS E 389 -27.64 -34.90 14.29
CA LYS E 389 -26.91 -35.15 13.05
C LYS E 389 -25.43 -34.87 13.24
N GLN E 390 -24.61 -35.59 12.47
CA GLN E 390 -23.15 -35.48 12.55
C GLN E 390 -22.51 -34.96 11.27
N ILE E 391 -22.98 -35.38 10.10
CA ILE E 391 -22.50 -34.86 8.82
C ILE E 391 -23.28 -33.59 8.53
N ILE E 392 -22.58 -32.46 8.41
CA ILE E 392 -23.18 -31.14 8.38
C ILE E 392 -22.73 -30.38 7.14
N ASN E 393 -23.68 -29.70 6.51
CA ASN E 393 -23.42 -28.68 5.49
C ASN E 393 -24.05 -27.41 6.02
N MET E 394 -23.28 -26.65 6.81
CA MET E 394 -23.85 -25.52 7.54
C MET E 394 -24.41 -24.47 6.60
N TRP E 395 -23.62 -24.06 5.62
CA TRP E 395 -24.07 -23.09 4.62
C TRP E 395 -24.69 -23.81 3.42
N GLN E 396 -25.44 -23.04 2.63
CA GLN E 396 -26.12 -23.61 1.47
C GLN E 396 -25.11 -23.87 0.35
N ARG E 397 -24.25 -24.87 0.53
CA ARG E 397 -23.23 -25.24 -0.43
C ARG E 397 -23.24 -26.75 -0.63
N ILE E 398 -22.81 -27.18 -1.80
CA ILE E 398 -22.75 -28.58 -2.18
C ILE E 398 -21.30 -28.94 -2.47
N GLY E 399 -20.85 -30.06 -1.91
CA GLY E 399 -19.48 -30.52 -2.09
C GLY E 399 -18.53 -30.17 -0.96
N GLN E 400 -19.03 -29.67 0.16
CA GLN E 400 -18.20 -29.33 1.32
C GLN E 400 -18.98 -29.70 2.58
N CYS E 401 -18.71 -30.88 3.11
CA CYS E 401 -19.35 -31.39 4.32
C CYS E 401 -18.37 -31.40 5.47
N MET E 402 -18.90 -31.62 6.67
CA MET E 402 -18.11 -31.62 7.90
C MET E 402 -18.67 -32.67 8.86
N TYR E 403 -17.77 -33.35 9.57
CA TYR E 403 -18.13 -34.40 10.51
C TYR E 403 -17.88 -33.92 11.92
N ALA E 404 -18.90 -34.04 12.78
CA ALA E 404 -18.81 -33.60 14.17
C ALA E 404 -18.48 -34.79 15.05
N PRO E 405 -17.36 -34.81 15.76
CA PRO E 405 -17.11 -35.91 16.68
C PRO E 405 -18.13 -35.93 17.79
N PRO E 406 -18.41 -37.10 18.37
CA PRO E 406 -19.43 -37.18 19.42
C PRO E 406 -18.98 -36.48 20.69
N ILE E 407 -19.97 -36.05 21.48
CA ILE E 407 -19.75 -35.39 22.76
C ILE E 407 -20.02 -36.40 23.86
N GLN E 408 -19.09 -36.52 24.80
CA GLN E 408 -19.20 -37.51 25.87
C GLN E 408 -20.18 -37.02 26.94
N GLY E 409 -21.14 -37.89 27.29
CA GLY E 409 -22.04 -37.62 28.39
C GLY E 409 -23.30 -36.88 27.98
N VAL E 410 -24.20 -36.78 28.96
CA VAL E 410 -25.46 -36.05 28.77
C VAL E 410 -25.16 -34.58 28.50
N ILE E 411 -26.00 -33.95 27.68
CA ILE E 411 -25.86 -32.53 27.37
C ILE E 411 -27.23 -31.87 27.47
N ARG E 412 -27.25 -30.65 28.01
CA ARG E 412 -28.47 -29.85 28.05
C ARG E 412 -28.08 -28.39 27.91
N CYS E 413 -29.03 -27.59 27.44
CA CYS E 413 -28.81 -26.16 27.24
C CYS E 413 -30.13 -25.42 27.40
N VAL E 414 -30.01 -24.13 27.74
CA VAL E 414 -31.14 -23.24 27.93
C VAL E 414 -30.91 -22.00 27.08
N SER E 415 -31.95 -21.57 26.37
CA SER E 415 -31.84 -20.46 25.44
C SER E 415 -33.08 -19.58 25.52
N ASN E 416 -32.92 -18.36 24.99
CA ASN E 416 -34.02 -17.40 24.87
C ASN E 416 -34.48 -17.34 23.43
N ILE E 417 -35.79 -17.41 23.23
CA ILE E 417 -36.40 -17.12 21.94
C ILE E 417 -36.86 -15.67 21.96
N THR E 418 -36.38 -14.90 20.97
CA THR E 418 -36.63 -13.46 20.93
C THR E 418 -37.15 -12.99 19.58
N GLY E 419 -37.44 -13.90 18.65
CA GLY E 419 -37.92 -13.48 17.34
C GLY E 419 -38.29 -14.68 16.50
N LEU E 420 -38.97 -14.39 15.39
CA LEU E 420 -39.46 -15.39 14.46
C LEU E 420 -39.30 -14.90 13.03
N ILE E 421 -39.23 -15.86 12.11
CA ILE E 421 -39.21 -15.61 10.68
C ILE E 421 -40.41 -16.33 10.10
N LEU E 422 -41.43 -15.58 9.67
CA LEU E 422 -42.67 -16.13 9.17
C LEU E 422 -42.82 -15.86 7.68
N THR E 423 -43.71 -16.63 7.05
CA THR E 423 -44.04 -16.45 5.64
C THR E 423 -45.54 -16.65 5.46
N ARG E 424 -46.13 -15.81 4.63
CA ARG E 424 -47.58 -15.85 4.39
C ARG E 424 -47.88 -16.84 3.28
N ASP E 425 -48.76 -17.79 3.57
CA ASP E 425 -49.14 -18.80 2.58
C ASP E 425 -50.23 -18.25 1.66
N GLY E 426 -50.02 -18.37 0.36
CA GLY E 426 -50.97 -17.87 -0.61
C GLY E 426 -51.15 -16.38 -0.53
N GLY E 427 -52.32 -15.93 -0.07
CA GLY E 427 -52.60 -14.52 0.07
C GLY E 427 -53.52 -13.98 -1.00
N SER E 428 -54.45 -14.81 -1.46
CA SER E 428 -55.41 -14.40 -2.48
C SER E 428 -56.62 -13.73 -1.84
N THR E 429 -57.40 -13.03 -2.67
CA THR E 429 -58.59 -12.34 -2.21
C THR E 429 -59.81 -13.23 -2.12
N ASN E 430 -59.71 -14.50 -2.53
CA ASN E 430 -60.86 -15.39 -2.48
C ASN E 430 -61.32 -15.62 -1.04
N SER E 431 -60.38 -15.79 -0.12
CA SER E 431 -60.67 -16.06 1.27
C SER E 431 -60.19 -14.91 2.15
N THR E 432 -60.86 -14.75 3.29
CA THR E 432 -60.53 -13.72 4.27
C THR E 432 -59.57 -14.22 5.36
N THR E 433 -59.06 -15.43 5.22
CA THR E 433 -58.17 -16.03 6.22
C THR E 433 -56.72 -15.91 5.78
N GLU E 434 -55.86 -15.53 6.72
CA GLU E 434 -54.44 -15.40 6.49
C GLU E 434 -53.70 -16.48 7.28
N THR E 435 -52.85 -17.25 6.60
CA THR E 435 -52.10 -18.34 7.19
C THR E 435 -50.62 -18.01 7.14
N PHE E 436 -49.95 -18.16 8.28
CA PHE E 436 -48.52 -17.92 8.41
C PHE E 436 -47.81 -19.21 8.80
N ARG E 437 -46.66 -19.46 8.20
CA ARG E 437 -45.87 -20.66 8.44
C ARG E 437 -44.43 -20.27 8.76
N PRO E 438 -43.70 -21.10 9.50
CA PRO E 438 -42.30 -20.76 9.79
C PRO E 438 -41.43 -20.86 8.55
N GLY E 439 -40.37 -20.06 8.54
CA GLY E 439 -39.44 -20.03 7.43
C GLY E 439 -37.99 -19.92 7.87
N GLY E 440 -37.10 -19.68 6.94
CA GLY E 440 -35.69 -19.56 7.24
C GLY E 440 -34.85 -19.93 6.02
N GLY E 441 -33.76 -20.64 6.27
CA GLY E 441 -32.86 -21.07 5.22
C GLY E 441 -31.73 -20.08 4.99
N ASP E 442 -32.06 -18.87 4.56
CA ASP E 442 -31.05 -17.84 4.33
C ASP E 442 -30.61 -17.25 5.65
N MET E 443 -29.30 -17.26 5.91
CA MET E 443 -28.76 -16.77 7.16
C MET E 443 -28.59 -15.26 7.20
N ARG E 444 -28.64 -14.59 6.04
CA ARG E 444 -28.49 -13.14 6.02
C ARG E 444 -29.55 -12.47 6.87
N ASP E 445 -30.77 -13.01 6.87
CA ASP E 445 -31.83 -12.46 7.71
C ASP E 445 -31.43 -12.47 9.18
N ASN E 446 -30.74 -13.52 9.63
CA ASN E 446 -30.30 -13.54 11.03
C ASN E 446 -29.37 -12.37 11.32
N TRP E 447 -28.55 -11.97 10.35
CA TRP E 447 -27.73 -10.78 10.51
C TRP E 447 -28.53 -9.50 10.35
N ARG E 448 -29.60 -9.55 9.56
CA ARG E 448 -30.38 -8.34 9.30
C ARG E 448 -31.14 -7.89 10.55
N SER E 449 -31.47 -8.81 11.44
CA SER E 449 -32.23 -8.46 12.65
C SER E 449 -31.41 -7.69 13.66
N GLU E 450 -30.08 -7.61 13.50
CA GLU E 450 -29.21 -6.93 14.44
C GLU E 450 -28.61 -5.63 13.92
N LEU E 451 -28.32 -5.56 12.61
CA LEU E 451 -27.72 -4.39 11.99
C LEU E 451 -28.77 -3.49 11.32
N TYR E 452 -30.01 -3.52 11.80
CA TYR E 452 -31.07 -2.75 11.17
C TYR E 452 -30.99 -1.26 11.48
N LYS E 453 -30.41 -0.88 12.63
CA LYS E 453 -30.39 0.49 13.08
C LYS E 453 -29.07 1.20 12.83
N TYR E 454 -28.20 0.63 11.99
CA TYR E 454 -26.89 1.18 11.71
C TYR E 454 -26.73 1.45 10.23
N LYS E 455 -25.98 2.51 9.90
CA LYS E 455 -25.64 2.81 8.52
C LYS E 455 -24.27 3.47 8.49
N VAL E 456 -23.67 3.49 7.30
CA VAL E 456 -22.32 4.00 7.09
C VAL E 456 -22.37 5.18 6.13
N VAL E 457 -21.62 6.24 6.45
CA VAL E 457 -21.54 7.42 5.62
C VAL E 457 -20.08 7.85 5.51
N LYS E 458 -19.80 8.65 4.48
CA LYS E 458 -18.47 9.21 4.25
C LYS E 458 -18.57 10.73 4.16
N ILE E 459 -17.51 11.39 4.62
CA ILE E 459 -17.52 12.83 4.85
C ILE E 459 -17.11 13.57 3.59
N GLU E 460 -17.60 14.80 3.45
CA GLU E 460 -17.18 15.73 2.40
C GLU E 460 -16.71 17.03 3.05
N PRO E 461 -15.40 17.20 3.30
CA PRO E 461 -14.96 18.36 4.08
C PRO E 461 -14.96 19.69 3.32
N LEU E 462 -15.10 19.67 2.00
CA LEU E 462 -14.99 20.89 1.20
C LEU E 462 -16.35 21.54 1.04
N GLY E 463 -16.40 22.85 1.27
CA GLY E 463 -17.63 23.60 1.10
C GLY E 463 -17.35 25.03 0.69
N VAL E 464 -18.37 25.69 0.14
CA VAL E 464 -18.28 27.07 -0.32
C VAL E 464 -19.44 27.86 0.26
N ALA E 465 -19.14 29.05 0.75
CA ALA E 465 -20.12 29.90 1.43
C ALA E 465 -19.87 31.36 1.05
N PRO E 466 -20.83 32.25 1.33
CA PRO E 466 -20.60 33.68 1.06
C PRO E 466 -19.99 34.43 2.24
N THR E 467 -19.01 35.28 1.97
CA THR E 467 -18.37 36.10 2.99
C THR E 467 -17.83 37.35 2.30
N ARG E 468 -17.47 38.35 3.11
CA ARG E 468 -17.20 39.70 2.62
C ARG E 468 -15.71 40.06 2.62
N CYS E 469 -14.85 39.10 2.26
CA CYS E 469 -13.44 39.41 1.99
C CYS E 469 -13.28 39.81 0.53
N LYS E 470 -12.03 39.95 0.10
CA LYS E 470 -11.66 39.89 -1.31
C LYS E 470 -10.15 39.75 -1.43
N ARG E 471 -9.69 38.76 -2.19
CA ARG E 471 -8.26 38.50 -2.32
C ARG E 471 -7.54 39.67 -2.97
N ALA F 1 -13.74 29.34 40.22
CA ALA F 1 -12.90 28.53 39.35
C ALA F 1 -12.91 27.05 39.75
N VAL F 2 -13.76 26.69 40.71
CA VAL F 2 -13.90 25.33 41.19
C VAL F 2 -15.37 24.95 41.10
N GLY F 3 -15.64 23.76 40.56
CA GLY F 3 -17.00 23.23 40.49
C GLY F 3 -17.47 22.90 39.09
N ILE F 4 -16.64 23.10 38.08
CA ILE F 4 -16.99 22.86 36.68
C ILE F 4 -15.91 22.02 36.04
N GLY F 5 -16.32 21.00 35.29
CA GLY F 5 -15.41 20.16 34.55
C GLY F 5 -15.23 20.63 33.12
N ALA F 6 -14.44 19.87 32.37
CA ALA F 6 -14.12 20.20 30.97
C ALA F 6 -14.15 18.93 30.14
N VAL F 7 -14.72 19.03 28.93
CA VAL F 7 -14.77 17.94 27.97
C VAL F 7 -14.34 18.47 26.62
N PHE F 8 -14.02 17.55 25.72
CA PHE F 8 -13.53 17.87 24.39
C PHE F 8 -14.56 17.47 23.34
N LEU F 9 -14.81 18.35 22.38
CA LEU F 9 -15.76 18.05 21.32
C LEU F 9 -15.27 16.88 20.48
N GLY F 10 -16.18 15.96 20.17
CA GLY F 10 -15.84 14.78 19.41
C GLY F 10 -16.00 14.98 17.91
N PHE F 11 -15.75 13.90 17.17
CA PHE F 11 -15.88 13.93 15.73
C PHE F 11 -17.33 14.15 15.32
N LEU F 12 -17.54 15.06 14.38
CA LEU F 12 -18.89 15.43 13.91
C LEU F 12 -19.77 15.90 15.06
N GLY F 13 -19.17 16.58 16.04
CA GLY F 13 -19.93 17.07 17.18
C GLY F 13 -20.78 18.29 16.89
N ALA F 14 -20.44 19.06 15.86
CA ALA F 14 -21.14 20.27 15.49
C ALA F 14 -21.98 20.09 14.23
N ALA F 15 -22.40 18.85 13.95
CA ALA F 15 -23.21 18.61 12.76
C ALA F 15 -24.55 19.34 12.83
N GLY F 16 -25.19 19.34 14.00
CA GLY F 16 -26.46 20.01 14.18
C GLY F 16 -26.37 21.49 14.46
N SER F 17 -25.18 22.02 14.71
CA SER F 17 -25.01 23.43 15.01
C SER F 17 -25.09 24.26 13.74
N THR F 18 -25.26 25.57 13.92
CA THR F 18 -25.35 26.48 12.79
C THR F 18 -24.02 26.57 12.06
N MET F 19 -24.05 27.15 10.86
CA MET F 19 -22.83 27.27 10.06
C MET F 19 -21.80 28.14 10.76
N GLY F 20 -22.23 29.24 11.37
CA GLY F 20 -21.28 30.11 12.05
C GLY F 20 -20.57 29.41 13.20
N ALA F 21 -21.31 28.65 14.00
CA ALA F 21 -20.70 27.91 15.10
C ALA F 21 -19.94 26.68 14.60
N ALA F 22 -20.43 26.04 13.54
CA ALA F 22 -19.77 24.84 13.01
C ALA F 22 -18.47 25.16 12.30
N SER F 23 -18.30 26.39 11.80
CA SER F 23 -17.07 26.78 11.12
C SER F 23 -15.89 26.93 12.07
N MET F 24 -16.11 26.90 13.38
CA MET F 24 -15.05 27.04 14.37
C MET F 24 -14.46 25.70 14.78
N THR F 25 -14.89 24.58 14.18
CA THR F 25 -14.43 23.24 14.52
C THR F 25 -14.00 22.50 13.25
N LEU F 26 -13.22 23.17 12.40
CA LEU F 26 -12.73 22.55 11.18
C LEU F 26 -11.58 21.58 11.45
N THR F 27 -10.75 21.87 12.46
CA THR F 27 -9.57 21.04 12.70
C THR F 27 -9.94 19.64 13.15
N VAL F 28 -11.02 19.49 13.93
CA VAL F 28 -11.39 18.17 14.42
C VAL F 28 -11.80 17.27 13.27
N GLN F 29 -12.47 17.82 12.25
CA GLN F 29 -12.81 17.03 11.08
C GLN F 29 -11.61 16.82 10.17
N ALA F 30 -10.77 17.83 10.02
CA ALA F 30 -9.61 17.71 9.14
C ALA F 30 -8.63 16.67 9.65
N ARG F 31 -8.39 16.63 10.96
CA ARG F 31 -7.42 15.69 11.51
C ARG F 31 -7.87 14.24 11.34
N ASN F 32 -9.19 14.00 11.37
CA ASN F 32 -9.70 12.64 11.29
C ASN F 32 -9.49 12.02 9.91
N LEU F 33 -9.43 12.85 8.86
CA LEU F 33 -9.32 12.32 7.51
C LEU F 33 -8.03 11.52 7.32
N LEU F 34 -6.90 12.01 7.84
CA LEU F 34 -5.65 11.29 7.69
C LEU F 34 -5.63 10.01 8.52
N SER F 35 -6.07 10.10 9.77
CA SER F 35 -6.09 8.94 10.66
C SER F 35 -6.99 9.19 11.85
N THR F 58 -4.59 -12.92 4.99
CA THR F 58 -3.81 -12.37 3.89
C THR F 58 -4.64 -11.36 3.09
N VAL F 59 -5.80 -11.80 2.62
CA VAL F 59 -6.65 -10.94 1.80
C VAL F 59 -7.15 -9.75 2.61
N TRP F 60 -7.39 -9.94 3.90
CA TRP F 60 -7.84 -8.83 4.74
C TRP F 60 -6.76 -7.75 4.81
N GLY F 61 -5.50 -8.15 4.87
CA GLY F 61 -4.43 -7.18 4.79
C GLY F 61 -4.45 -6.40 3.49
N ILE F 62 -4.74 -7.09 2.39
CA ILE F 62 -4.85 -6.41 1.10
C ILE F 62 -5.97 -5.38 1.14
N LYS F 63 -7.12 -5.76 1.70
CA LYS F 63 -8.25 -4.84 1.77
C LYS F 63 -7.91 -3.62 2.62
N GLN F 64 -7.29 -3.83 3.78
CA GLN F 64 -6.95 -2.72 4.65
C GLN F 64 -5.93 -1.79 3.99
N LEU F 65 -4.91 -2.37 3.33
CA LEU F 65 -3.92 -1.54 2.65
C LEU F 65 -4.56 -0.76 1.50
N GLN F 66 -5.48 -1.39 0.78
CA GLN F 66 -6.17 -0.70 -0.30
C GLN F 66 -6.99 0.47 0.25
N ALA F 67 -7.67 0.26 1.37
CA ALA F 67 -8.45 1.35 1.97
C ALA F 67 -7.55 2.49 2.41
N ARG F 68 -6.40 2.17 3.03
CA ARG F 68 -5.48 3.22 3.46
C ARG F 68 -4.93 3.99 2.27
N VAL F 69 -4.56 3.28 1.20
CA VAL F 69 -4.02 3.94 0.01
C VAL F 69 -5.10 4.82 -0.63
N LEU F 70 -6.34 4.34 -0.68
CA LEU F 70 -7.41 5.14 -1.24
C LEU F 70 -7.65 6.40 -0.41
N ALA F 71 -7.60 6.28 0.92
CA ALA F 71 -7.75 7.46 1.76
C ALA F 71 -6.64 8.47 1.52
N VAL F 72 -5.40 7.98 1.41
CA VAL F 72 -4.26 8.87 1.16
C VAL F 72 -4.43 9.55 -0.20
N GLU F 73 -4.86 8.80 -1.22
CA GLU F 73 -5.05 9.38 -2.53
C GLU F 73 -6.15 10.45 -2.52
N ARG F 74 -7.24 10.18 -1.80
CA ARG F 74 -8.31 11.17 -1.69
C ARG F 74 -7.82 12.44 -1.00
N TYR F 75 -7.04 12.28 0.08
CA TYR F 75 -6.51 13.45 0.76
C TYR F 75 -5.58 14.25 -0.15
N LEU F 76 -4.72 13.56 -0.90
CA LEU F 76 -3.81 14.26 -1.80
C LEU F 76 -4.58 14.97 -2.91
N ARG F 77 -5.63 14.33 -3.43
CA ARG F 77 -6.45 14.97 -4.45
C ARG F 77 -7.13 16.22 -3.92
N ASP F 78 -7.65 16.15 -2.69
CA ASP F 78 -8.28 17.32 -2.09
C ASP F 78 -7.27 18.45 -1.89
N GLN F 79 -6.07 18.11 -1.43
CA GLN F 79 -5.03 19.12 -1.25
C GLN F 79 -4.63 19.75 -2.57
N GLN F 80 -4.51 18.94 -3.62
CA GLN F 80 -4.19 19.48 -4.95
C GLN F 80 -5.29 20.41 -5.45
N LEU F 81 -6.55 20.02 -5.24
CA LEU F 81 -7.65 20.87 -5.66
C LEU F 81 -7.63 22.20 -4.90
N LEU F 82 -7.34 22.15 -3.60
CA LEU F 82 -7.24 23.39 -2.83
C LEU F 82 -6.09 24.25 -3.34
N GLY F 83 -4.94 23.63 -3.63
CA GLY F 83 -3.81 24.39 -4.13
C GLY F 83 -4.05 25.01 -5.49
N ILE F 84 -4.84 24.34 -6.34
CA ILE F 84 -5.13 24.88 -7.67
C ILE F 84 -5.82 26.22 -7.58
N TRP F 85 -6.63 26.44 -6.54
CA TRP F 85 -7.34 27.69 -6.34
C TRP F 85 -6.51 28.75 -5.62
N GLY F 86 -5.28 28.44 -5.24
CA GLY F 86 -4.44 29.37 -4.51
C GLY F 86 -4.66 29.41 -3.02
N CYS F 87 -5.45 28.48 -2.47
CA CYS F 87 -5.71 28.41 -1.03
C CYS F 87 -4.90 27.28 -0.39
N SER F 88 -3.67 27.06 -0.84
CA SER F 88 -2.85 25.98 -0.33
C SER F 88 -2.51 26.23 1.14
N GLY F 89 -2.56 25.16 1.93
CA GLY F 89 -2.21 25.26 3.35
C GLY F 89 -3.12 26.18 4.13
N LYS F 90 -4.42 26.10 3.90
CA LYS F 90 -5.39 26.95 4.57
C LYS F 90 -6.69 26.19 4.78
N LEU F 91 -7.29 26.39 5.95
CA LEU F 91 -8.62 25.85 6.24
C LEU F 91 -9.73 26.82 5.85
N ILE F 92 -9.50 28.12 6.02
CA ILE F 92 -10.42 29.16 5.58
C ILE F 92 -9.63 30.08 4.64
N CYS F 93 -10.15 30.27 3.43
CA CYS F 93 -9.49 31.10 2.43
C CYS F 93 -10.57 31.76 1.58
N CYS F 94 -10.92 32.99 1.92
CA CYS F 94 -11.92 33.74 1.19
C CYS F 94 -11.29 34.42 -0.02
N THR F 95 -12.00 34.38 -1.15
CA THR F 95 -11.43 34.64 -2.47
C THR F 95 -12.05 35.89 -3.09
N ASN F 96 -11.69 36.13 -4.35
CA ASN F 96 -12.09 37.33 -5.09
C ASN F 96 -13.33 37.13 -5.95
N VAL F 97 -13.88 35.92 -6.00
CA VAL F 97 -15.02 35.63 -6.89
C VAL F 97 -16.28 36.20 -6.28
N PRO F 98 -17.01 37.10 -6.94
CA PRO F 98 -18.26 37.60 -6.36
C PRO F 98 -19.33 36.52 -6.32
N TRP F 99 -20.27 36.70 -5.40
CA TRP F 99 -21.36 35.75 -5.20
C TRP F 99 -22.55 36.17 -6.05
N ASN F 100 -22.96 35.29 -6.96
CA ASN F 100 -24.13 35.56 -7.80
C ASN F 100 -25.40 35.37 -6.99
N SER F 101 -26.36 36.28 -7.20
CA SER F 101 -27.64 36.19 -6.50
C SER F 101 -28.48 35.01 -6.97
N SER F 102 -28.24 34.52 -8.20
CA SER F 102 -29.01 33.38 -8.69
C SER F 102 -28.73 32.13 -7.88
N TRP F 103 -27.50 31.95 -7.39
CA TRP F 103 -27.17 30.77 -6.61
C TRP F 103 -27.99 30.72 -5.32
N SER F 104 -28.12 31.86 -4.64
CA SER F 104 -28.90 31.92 -3.41
C SER F 104 -29.21 33.38 -3.10
N ASN F 105 -30.49 33.68 -2.86
CA ASN F 105 -30.93 35.03 -2.56
C ASN F 105 -30.98 35.31 -1.06
N ARG F 106 -30.64 34.34 -0.21
CA ARG F 106 -30.70 34.55 1.22
C ARG F 106 -29.56 35.43 1.69
N ASN F 107 -29.84 36.29 2.68
CA ASN F 107 -28.83 37.17 3.24
C ASN F 107 -27.97 36.41 4.26
N LEU F 108 -26.93 37.09 4.75
CA LEU F 108 -26.02 36.46 5.70
C LEU F 108 -26.72 36.08 6.99
N SER F 109 -27.61 36.94 7.49
CA SER F 109 -28.26 36.69 8.77
C SER F 109 -29.07 35.40 8.75
N GLU F 110 -29.64 35.05 7.60
CA GLU F 110 -30.42 33.82 7.45
C GLU F 110 -29.56 32.62 7.08
N ILE F 111 -28.24 32.80 6.90
CA ILE F 111 -27.34 31.73 6.48
C ILE F 111 -26.46 31.28 7.65
N TRP F 112 -25.68 32.21 8.22
CA TRP F 112 -24.70 31.87 9.24
C TRP F 112 -25.29 31.75 10.64
N ASP F 113 -26.58 32.05 10.82
CA ASP F 113 -27.20 32.05 12.14
C ASP F 113 -28.53 31.29 12.19
N ASN F 114 -29.01 30.77 11.05
CA ASN F 114 -30.29 30.07 11.04
C ASN F 114 -30.26 28.83 10.14
N MET F 115 -29.07 28.36 9.75
CA MET F 115 -28.96 27.21 8.86
C MET F 115 -27.71 26.42 9.23
N THR F 116 -27.72 25.14 8.88
CA THR F 116 -26.61 24.22 9.11
C THR F 116 -25.90 23.94 7.79
N TRP F 117 -24.73 23.30 7.91
CA TRP F 117 -23.92 23.02 6.72
C TRP F 117 -24.60 22.00 5.82
N LEU F 118 -25.26 21.00 6.39
CA LEU F 118 -25.92 19.98 5.57
C LEU F 118 -27.02 20.60 4.72
N GLN F 119 -27.85 21.46 5.33
CA GLN F 119 -28.92 22.10 4.58
C GLN F 119 -28.36 23.02 3.50
N TRP F 120 -27.29 23.75 3.82
CA TRP F 120 -26.67 24.62 2.82
C TRP F 120 -26.13 23.82 1.64
N ASP F 121 -25.47 22.69 1.93
CA ASP F 121 -24.97 21.84 0.85
C ASP F 121 -26.12 21.28 0.02
N LYS F 122 -27.22 20.91 0.67
CA LYS F 122 -28.38 20.42 -0.07
C LYS F 122 -28.96 21.50 -0.98
N GLU F 123 -28.98 22.75 -0.50
CA GLU F 123 -29.63 23.81 -1.25
C GLU F 123 -28.87 24.14 -2.53
N ILE F 124 -27.53 24.22 -2.45
CA ILE F 124 -26.71 24.70 -3.55
C ILE F 124 -25.93 23.53 -4.18
N SER F 125 -26.51 22.32 -4.10
CA SER F 125 -25.83 21.16 -4.64
C SER F 125 -25.64 21.25 -6.14
N ASN F 126 -26.51 21.98 -6.84
CA ASN F 126 -26.49 22.06 -8.30
C ASN F 126 -25.91 23.39 -8.80
N TYR F 127 -24.97 23.98 -8.05
CA TYR F 127 -24.29 25.19 -8.48
C TYR F 127 -22.80 25.16 -8.13
N THR F 128 -22.23 23.97 -7.92
CA THR F 128 -20.87 23.84 -7.41
C THR F 128 -19.82 23.83 -8.50
N GLN F 129 -20.07 23.12 -9.60
CA GLN F 129 -19.06 22.99 -10.65
C GLN F 129 -18.76 24.34 -11.30
N ILE F 130 -19.80 25.15 -11.52
CA ILE F 130 -19.57 26.47 -12.10
C ILE F 130 -18.76 27.34 -11.15
N ILE F 131 -19.00 27.22 -9.85
CA ILE F 131 -18.22 27.97 -8.87
C ILE F 131 -16.77 27.54 -8.90
N TYR F 132 -16.53 26.23 -9.00
CA TYR F 132 -15.16 25.72 -9.08
C TYR F 132 -14.45 26.24 -10.32
N GLY F 133 -15.15 26.22 -11.47
CA GLY F 133 -14.56 26.74 -12.68
C GLY F 133 -14.26 28.23 -12.60
N LEU F 134 -15.17 28.99 -12.01
CA LEU F 134 -14.93 30.42 -11.82
C LEU F 134 -13.73 30.65 -10.92
N LEU F 135 -13.60 29.87 -9.84
CA LEU F 135 -12.46 29.99 -8.96
C LEU F 135 -11.15 29.70 -9.70
N GLU F 136 -11.14 28.63 -10.51
CA GLU F 136 -9.94 28.29 -11.26
C GLU F 136 -9.57 29.40 -12.23
N GLU F 137 -10.57 29.94 -12.95
CA GLU F 137 -10.28 31.00 -13.91
C GLU F 137 -9.79 32.26 -13.20
N SER F 138 -10.39 32.59 -12.06
CA SER F 138 -9.95 33.76 -11.30
C SER F 138 -8.52 33.60 -10.82
N GLN F 139 -8.17 32.40 -10.33
CA GLN F 139 -6.81 32.17 -9.88
C GLN F 139 -5.83 32.27 -11.05
N ASN F 140 -6.20 31.72 -12.21
CA ASN F 140 -5.33 31.83 -13.38
C ASN F 140 -5.12 33.28 -13.78
N GLN F 141 -6.20 34.06 -13.79
CA GLN F 141 -6.09 35.47 -14.16
C GLN F 141 -5.22 36.23 -13.16
N GLN F 142 -5.40 35.95 -11.86
CA GLN F 142 -4.59 36.61 -10.85
C GLN F 142 -3.11 36.26 -11.01
N GLU F 143 -2.81 34.98 -11.27
CA GLU F 143 -1.43 34.58 -11.47
C GLU F 143 -0.83 35.26 -12.69
N LYS F 144 -1.60 35.33 -13.79
CA LYS F 144 -1.10 36.00 -14.99
C LYS F 144 -0.85 37.48 -14.73
N ASN F 145 -1.76 38.14 -14.02
CA ASN F 145 -1.58 39.56 -13.71
C ASN F 145 -0.36 39.77 -12.82
N GLU F 146 -0.15 38.90 -11.84
CA GLU F 146 1.02 39.03 -10.98
C GLU F 146 2.30 38.82 -11.77
N GLN F 147 2.31 37.84 -12.68
CA GLN F 147 3.49 37.61 -13.51
C GLN F 147 3.77 38.82 -14.39
N ASP F 148 2.72 39.41 -14.97
CA ASP F 148 2.92 40.60 -15.79
C ASP F 148 3.46 41.76 -14.95
N LEU F 149 2.94 41.92 -13.74
CA LEU F 149 3.41 43.00 -12.87
C LEU F 149 4.88 42.81 -12.51
N LEU F 150 5.28 41.58 -12.19
CA LEU F 150 6.66 41.32 -11.81
C LEU F 150 7.63 41.50 -12.96
N ALA F 151 7.15 41.48 -14.20
CA ALA F 151 8.02 41.65 -15.36
C ALA F 151 8.66 43.04 -15.41
N LEU F 152 8.02 44.04 -14.81
CA LEU F 152 8.55 45.40 -14.81
C LEU F 152 9.76 45.50 -13.88
N GLN G 1 -4.04 14.82 -38.86
CA GLN G 1 -4.90 15.91 -39.38
C GLN G 1 -6.26 15.36 -39.84
N VAL G 2 -7.33 16.06 -39.47
CA VAL G 2 -8.67 15.64 -39.85
C VAL G 2 -8.87 15.92 -41.33
N GLN G 3 -9.36 14.92 -42.06
CA GLN G 3 -9.59 15.02 -43.50
C GLN G 3 -11.00 14.59 -43.83
N LEU G 4 -11.65 15.31 -44.74
CA LEU G 4 -12.99 15.03 -45.19
C LEU G 4 -12.97 14.80 -46.70
N HIS G 5 -13.56 13.69 -47.14
CA HIS G 5 -13.58 13.31 -48.55
C HIS G 5 -15.02 13.07 -48.98
N GLU G 6 -15.41 13.68 -50.10
CA GLU G 6 -16.76 13.56 -50.64
C GLU G 6 -16.80 12.54 -51.77
N SER G 7 -17.94 11.86 -51.88
CA SER G 7 -18.15 10.86 -52.92
C SER G 7 -19.61 10.80 -53.28
N GLY G 8 -19.89 10.41 -54.53
CA GLY G 8 -21.23 10.28 -55.02
C GLY G 8 -21.29 10.30 -56.54
N PRO G 9 -22.48 10.11 -57.10
CA PRO G 9 -22.60 10.11 -58.56
C PRO G 9 -22.26 11.47 -59.17
N GLY G 10 -21.66 11.43 -60.35
CA GLY G 10 -21.30 12.65 -61.05
C GLY G 10 -22.42 13.21 -61.91
N LEU G 11 -23.38 12.36 -62.28
CA LEU G 11 -24.52 12.76 -63.09
C LEU G 11 -25.80 12.18 -62.50
N VAL G 12 -26.90 12.91 -62.66
CA VAL G 12 -28.19 12.48 -62.12
C VAL G 12 -29.28 13.14 -62.96
N LYS G 13 -30.36 12.40 -63.22
CA LYS G 13 -31.44 12.89 -64.04
C LYS G 13 -32.39 13.78 -63.23
N PRO G 14 -33.18 14.62 -63.89
CA PRO G 14 -34.16 15.42 -63.14
C PRO G 14 -35.18 14.54 -62.43
N SER G 15 -35.61 15.01 -61.26
CA SER G 15 -36.60 14.37 -60.39
C SER G 15 -36.03 13.17 -59.65
N GLU G 16 -34.76 12.80 -59.86
CA GLU G 16 -34.15 11.68 -59.16
C GLU G 16 -33.53 12.17 -57.85
N THR G 17 -33.01 11.22 -57.07
CA THR G 17 -32.46 11.50 -55.74
C THR G 17 -30.94 11.36 -55.78
N LEU G 18 -30.26 12.37 -55.26
CA LEU G 18 -28.81 12.36 -55.10
C LEU G 18 -28.46 11.96 -53.67
N SER G 19 -27.58 10.96 -53.55
CA SER G 19 -27.06 10.49 -52.27
C SER G 19 -25.56 10.76 -52.24
N LEU G 20 -25.15 11.69 -51.37
CA LEU G 20 -23.76 12.10 -51.25
C LEU G 20 -23.20 11.62 -49.91
N THR G 21 -21.97 11.08 -49.94
CA THR G 21 -21.30 10.58 -48.76
C THR G 21 -20.08 11.42 -48.46
N CYS G 22 -19.86 11.70 -47.18
CA CYS G 22 -18.70 12.43 -46.70
C CYS G 22 -18.02 11.59 -45.63
N ALA G 23 -16.80 11.11 -45.93
CA ALA G 23 -16.03 10.29 -45.02
C ALA G 23 -15.02 11.16 -44.28
N VAL G 24 -14.97 11.01 -42.96
CA VAL G 24 -14.10 11.78 -42.09
C VAL G 24 -13.05 10.84 -41.53
N SER G 25 -11.78 11.22 -41.65
CA SER G 25 -10.66 10.45 -41.14
C SER G 25 -9.81 11.32 -40.22
N GLY G 26 -9.23 10.70 -39.20
CA GLY G 26 -8.41 11.39 -38.24
C GLY G 26 -9.15 11.86 -37.00
N ALA G 27 -10.47 11.75 -36.96
CA ALA G 27 -11.24 12.16 -35.80
C ALA G 27 -12.56 11.41 -35.80
N SER G 28 -13.20 11.39 -34.63
CA SER G 28 -14.45 10.69 -34.44
C SER G 28 -15.64 11.62 -34.67
N ILE G 29 -16.78 11.00 -35.01
CA ILE G 29 -18.02 11.74 -35.24
C ILE G 29 -18.90 11.78 -34.00
N SER G 30 -18.70 10.87 -33.04
CA SER G 30 -19.54 10.78 -31.85
C SER G 30 -19.43 11.99 -30.94
N GLY G 31 -18.43 12.86 -31.12
CA GLY G 31 -18.24 14.00 -30.26
C GLY G 31 -19.21 15.12 -30.57
N ASN G 32 -19.06 16.22 -29.83
CA ASN G 32 -19.91 17.41 -30.00
C ASN G 32 -19.40 18.20 -31.20
N TYR G 33 -19.74 17.70 -32.39
CA TYR G 33 -19.38 18.31 -33.65
C TYR G 33 -20.63 18.63 -34.47
N TYR G 34 -20.52 19.67 -35.30
CA TYR G 34 -21.55 20.05 -36.25
C TYR G 34 -21.02 19.84 -37.66
N TRP G 35 -21.73 19.03 -38.45
CA TRP G 35 -21.33 18.68 -39.81
C TRP G 35 -22.30 19.35 -40.78
N ASN G 36 -21.76 20.19 -41.66
CA ASN G 36 -22.55 21.06 -42.52
C ASN G 36 -22.33 20.69 -43.98
N TRP G 37 -23.37 20.86 -44.79
CA TRP G 37 -23.32 20.62 -46.23
C TRP G 37 -23.50 21.95 -46.95
N ILE G 38 -22.58 22.25 -47.87
CA ILE G 38 -22.58 23.51 -48.60
C ILE G 38 -22.48 23.19 -50.09
N ARG G 39 -23.01 24.07 -50.93
CA ARG G 39 -22.90 23.94 -52.38
C ARG G 39 -22.53 25.29 -52.98
N GLN G 40 -21.65 25.25 -53.98
CA GLN G 40 -21.20 26.44 -54.69
C GLN G 40 -21.54 26.28 -56.17
N SER G 41 -22.19 27.30 -56.74
CA SER G 41 -22.55 27.32 -58.14
C SER G 41 -22.22 28.69 -58.73
N PRO G 42 -22.01 28.77 -60.05
CA PRO G 42 -21.73 30.09 -60.64
C PRO G 42 -22.86 31.08 -60.47
N GLY G 43 -24.11 30.64 -60.51
CA GLY G 43 -25.24 31.54 -60.45
C GLY G 43 -25.65 31.95 -59.06
N ARG G 44 -25.31 31.15 -58.04
CA ARG G 44 -25.67 31.43 -56.66
C ARG G 44 -24.49 31.51 -55.71
N GLY G 45 -23.31 31.01 -56.10
CA GLY G 45 -22.19 31.03 -55.19
C GLY G 45 -22.40 30.05 -54.05
N LEU G 46 -21.64 30.27 -52.98
CA LEU G 46 -21.74 29.41 -51.80
C LEU G 46 -23.14 29.52 -51.20
N GLU G 47 -23.74 28.36 -50.91
CA GLU G 47 -25.08 28.31 -50.36
C GLU G 47 -25.14 27.19 -49.32
N TRP G 48 -25.64 27.52 -48.13
CA TRP G 48 -25.72 26.56 -47.04
C TRP G 48 -26.98 25.72 -47.18
N ILE G 49 -26.80 24.40 -47.16
CA ILE G 49 -27.93 23.48 -47.32
C ILE G 49 -28.50 23.09 -45.96
N GLY G 50 -27.64 22.61 -45.05
CA GLY G 50 -28.10 22.16 -43.75
C GLY G 50 -26.92 21.68 -42.94
N ASN G 51 -27.23 21.22 -41.72
CA ASN G 51 -26.21 20.63 -40.87
C ASN G 51 -26.85 19.67 -39.88
N ILE G 52 -26.00 18.84 -39.28
CA ILE G 52 -26.41 17.82 -38.32
C ILE G 52 -25.46 17.83 -37.13
N HIS G 53 -25.98 17.56 -35.94
CA HIS G 53 -25.19 17.48 -34.72
C HIS G 53 -24.92 16.00 -34.42
N GLY G 54 -23.64 15.65 -34.32
CA GLY G 54 -23.28 14.25 -34.16
C GLY G 54 -23.78 13.65 -32.86
N ASN G 55 -23.57 14.35 -31.75
CA ASN G 55 -23.89 13.80 -30.44
C ASN G 55 -25.40 13.74 -30.22
N GLY G 56 -26.10 14.83 -30.52
CA GLY G 56 -27.52 14.92 -30.24
C GLY G 56 -28.43 14.50 -31.37
N ALA G 57 -27.90 14.38 -32.57
CA ALA G 57 -28.62 14.01 -33.78
C ALA G 57 -29.58 15.10 -34.24
N THR G 58 -29.56 16.28 -33.62
CA THR G 58 -30.44 17.37 -34.05
C THR G 58 -29.97 17.89 -35.40
N THR G 59 -30.89 18.00 -36.36
CA THR G 59 -30.59 18.39 -37.72
C THR G 59 -31.37 19.64 -38.08
N GLN G 60 -30.68 20.59 -38.72
CA GLN G 60 -31.29 21.82 -39.21
C GLN G 60 -31.09 21.91 -40.71
N TYR G 61 -32.08 22.51 -41.39
CA TYR G 61 -32.08 22.60 -42.84
C TYR G 61 -32.39 24.03 -43.26
N ASN G 62 -31.91 24.41 -44.44
CA ASN G 62 -32.30 25.67 -45.04
C ASN G 62 -33.80 25.63 -45.33
N PRO G 63 -34.57 26.67 -44.95
CA PRO G 63 -36.03 26.60 -45.22
C PRO G 63 -36.36 26.37 -46.68
N SER G 64 -35.71 27.08 -47.60
CA SER G 64 -36.03 26.96 -49.02
C SER G 64 -35.82 25.53 -49.52
N LEU G 65 -34.86 24.81 -48.94
CA LEU G 65 -34.58 23.42 -49.29
C LEU G 65 -35.15 22.44 -48.27
N LYS G 66 -35.82 22.93 -47.21
CA LYS G 66 -36.17 22.07 -46.09
C LYS G 66 -37.06 20.91 -46.52
N SER G 67 -37.99 21.16 -47.44
CA SER G 67 -38.91 20.12 -47.87
C SER G 67 -38.27 19.06 -48.74
N ARG G 68 -37.02 19.26 -49.19
CA ARG G 68 -36.39 18.38 -50.17
C ARG G 68 -35.10 17.73 -49.70
N VAL G 69 -34.61 18.06 -48.50
CA VAL G 69 -33.28 17.65 -48.05
C VAL G 69 -33.41 16.76 -46.83
N THR G 70 -32.47 15.82 -46.70
CA THR G 70 -32.34 14.98 -45.52
C THR G 70 -30.86 14.76 -45.23
N ILE G 71 -30.49 14.74 -43.96
CA ILE G 71 -29.11 14.53 -43.54
C ILE G 71 -29.11 13.46 -42.46
N SER G 72 -28.21 12.48 -42.60
CA SER G 72 -28.03 11.42 -41.61
C SER G 72 -26.54 11.16 -41.45
N GLN G 73 -26.20 10.22 -40.58
CA GLN G 73 -24.80 9.89 -40.35
C GLN G 73 -24.68 8.48 -39.81
N ASP G 74 -23.46 7.93 -39.94
CA ASP G 74 -23.11 6.60 -39.43
C ASP G 74 -21.82 6.77 -38.64
N THR G 75 -21.92 6.68 -37.31
CA THR G 75 -20.74 6.83 -36.46
C THR G 75 -19.79 5.64 -36.63
N SER G 76 -20.35 4.43 -36.77
CA SER G 76 -19.51 3.25 -36.91
C SER G 76 -18.66 3.32 -38.18
N LYS G 77 -19.26 3.75 -39.29
CA LYS G 77 -18.53 3.93 -40.54
C LYS G 77 -17.88 5.30 -40.67
N ASN G 78 -18.12 6.21 -39.71
CA ASN G 78 -17.54 7.55 -39.73
C ASN G 78 -17.89 8.27 -41.04
N GLN G 79 -19.19 8.33 -41.33
CA GLN G 79 -19.68 8.92 -42.57
C GLN G 79 -20.88 9.81 -42.29
N VAL G 80 -21.09 10.77 -43.19
CA VAL G 80 -22.25 11.65 -43.16
C VAL G 80 -22.92 11.59 -44.53
N PHE G 81 -24.22 11.34 -44.55
CA PHE G 81 -24.98 11.13 -45.77
C PHE G 81 -25.96 12.27 -45.99
N LEU G 82 -26.00 12.77 -47.22
CA LEU G 82 -26.94 13.80 -47.65
C LEU G 82 -27.82 13.22 -48.75
N ASN G 83 -29.13 13.42 -48.62
CA ASN G 83 -30.10 12.95 -49.61
C ASN G 83 -30.92 14.14 -50.09
N LEU G 84 -30.91 14.36 -51.40
CA LEU G 84 -31.64 15.47 -52.01
C LEU G 84 -32.51 14.92 -53.13
N ASN G 85 -33.82 15.18 -53.04
CA ASN G 85 -34.80 14.65 -53.98
C ASN G 85 -35.44 15.79 -54.77
N SER G 86 -36.14 15.40 -55.85
CA SER G 86 -36.86 16.33 -56.71
C SER G 86 -35.93 17.43 -57.24
N MET G 87 -34.73 17.05 -57.66
CA MET G 87 -33.75 18.03 -58.10
C MET G 87 -34.03 18.47 -59.54
N THR G 88 -33.48 19.62 -59.89
CA THR G 88 -33.66 20.24 -61.20
C THR G 88 -32.30 20.68 -61.73
N ALA G 89 -32.34 21.40 -62.87
CA ALA G 89 -31.11 21.86 -63.50
C ALA G 89 -30.37 22.88 -62.62
N ALA G 90 -31.11 23.63 -61.80
CA ALA G 90 -30.49 24.65 -60.96
C ALA G 90 -29.62 24.07 -59.85
N ASP G 91 -29.72 22.76 -59.58
CA ASP G 91 -28.97 22.13 -58.50
C ASP G 91 -27.55 21.73 -58.91
N THR G 92 -27.17 21.92 -60.17
CA THR G 92 -25.81 21.62 -60.59
C THR G 92 -24.83 22.51 -59.84
N ALA G 93 -23.88 21.91 -59.13
CA ALA G 93 -23.01 22.67 -58.26
C ALA G 93 -21.92 21.76 -57.72
N ILE G 94 -20.96 22.36 -57.02
CA ILE G 94 -19.90 21.63 -56.32
C ILE G 94 -20.28 21.58 -54.85
N TYR G 95 -20.41 20.36 -54.32
CA TYR G 95 -20.83 20.14 -52.94
C TYR G 95 -19.62 19.88 -52.05
N TYR G 96 -19.64 20.49 -50.87
CA TYR G 96 -18.62 20.31 -49.85
C TYR G 96 -19.28 19.92 -48.53
N CYS G 97 -18.56 19.13 -47.74
CA CYS G 97 -18.92 18.82 -46.37
C CYS G 97 -17.88 19.42 -45.44
N ALA G 98 -18.34 20.17 -44.44
CA ALA G 98 -17.45 20.96 -43.58
C ALA G 98 -17.74 20.68 -42.12
N THR G 99 -16.71 20.90 -41.29
CA THR G 99 -16.84 20.79 -39.85
C THR G 99 -16.12 21.97 -39.21
N GLN G 100 -16.58 22.36 -38.01
CA GLN G 100 -16.04 23.51 -37.32
C GLN G 100 -16.28 23.33 -35.83
N PHE G 101 -15.26 23.59 -35.02
CA PHE G 101 -15.37 23.42 -33.57
C PHE G 101 -14.19 24.13 -32.90
N ARG G 102 -14.13 23.99 -31.58
CA ARG G 102 -13.10 24.63 -30.78
C ARG G 102 -12.77 23.73 -29.60
N THR G 103 -11.59 23.95 -29.03
CA THR G 103 -11.09 23.17 -27.90
C THR G 103 -11.00 24.05 -26.66
N TYR G 104 -11.28 23.45 -25.51
CA TYR G 104 -11.28 24.14 -24.22
C TYR G 104 -10.39 23.39 -23.23
N VAL G 105 -9.78 24.16 -22.34
CA VAL G 105 -9.06 23.62 -21.18
C VAL G 105 -9.72 24.23 -19.96
N GLY G 106 -10.70 23.52 -19.40
CA GLY G 106 -11.52 24.08 -18.34
C GLY G 106 -12.52 25.07 -18.90
N SER G 107 -12.31 26.36 -18.64
CA SER G 107 -13.11 27.43 -19.21
C SER G 107 -12.26 28.41 -20.02
N HIS G 108 -11.09 27.98 -20.48
CA HIS G 108 -10.18 28.80 -21.26
C HIS G 108 -10.07 28.25 -22.67
N LEU G 109 -10.29 29.12 -23.66
CA LEU G 109 -10.17 28.70 -25.05
C LEU G 109 -8.72 28.38 -25.39
N PHE G 110 -8.51 27.29 -26.11
CA PHE G 110 -7.19 26.83 -26.51
C PHE G 110 -6.95 26.94 -28.00
N SER G 111 -7.88 26.43 -28.82
CA SER G 111 -7.72 26.45 -30.27
C SER G 111 -9.09 26.45 -30.92
N TYR G 112 -9.11 26.91 -32.18
CA TYR G 112 -10.31 26.96 -33.00
C TYR G 112 -9.98 26.31 -34.35
N SER G 113 -10.77 25.32 -34.75
CA SER G 113 -10.45 24.52 -35.92
C SER G 113 -11.66 24.38 -36.83
N ASP G 114 -11.39 24.29 -38.13
CA ASP G 114 -12.39 23.90 -39.12
C ASP G 114 -11.70 23.07 -40.20
N PHE G 115 -12.50 22.26 -40.88
CA PHE G 115 -12.01 21.40 -41.95
C PHE G 115 -13.04 21.32 -43.07
N TRP G 116 -12.56 21.46 -44.30
CA TRP G 116 -13.39 21.39 -45.49
C TRP G 116 -12.83 20.32 -46.43
N GLY G 117 -13.73 19.65 -47.15
CA GLY G 117 -13.32 18.65 -48.11
C GLY G 117 -12.90 19.25 -49.43
N GLN G 118 -12.40 18.38 -50.32
CA GLN G 118 -11.98 18.82 -51.63
C GLN G 118 -13.15 19.17 -52.54
N GLY G 119 -14.33 18.65 -52.26
CA GLY G 119 -15.52 18.96 -53.03
C GLY G 119 -15.79 17.93 -54.11
N VAL G 120 -17.06 17.82 -54.49
CA VAL G 120 -17.49 16.90 -55.53
C VAL G 120 -18.47 17.63 -56.45
N LEU G 121 -18.23 17.54 -57.76
CA LEU G 121 -19.08 18.21 -58.74
C LEU G 121 -20.27 17.32 -59.09
N VAL G 122 -21.46 17.92 -59.10
CA VAL G 122 -22.69 17.24 -59.45
C VAL G 122 -23.39 18.05 -60.53
N THR G 123 -23.77 17.39 -61.63
CA THR G 123 -24.45 18.01 -62.75
C THR G 123 -25.79 17.32 -62.97
N VAL G 124 -26.82 18.10 -63.24
CA VAL G 124 -28.18 17.60 -63.46
C VAL G 124 -28.52 17.79 -64.93
N SER G 125 -28.86 16.70 -65.59
CA SER G 125 -29.25 16.72 -67.00
C SER G 125 -29.78 15.36 -67.39
N SER G 126 -30.72 15.36 -68.33
CA SER G 126 -31.33 14.11 -68.80
C SER G 126 -30.46 13.46 -69.87
N ASP H 1 -34.39 34.63 -43.29
CA ASP H 1 -32.92 34.48 -43.43
C ASP H 1 -32.22 35.83 -43.33
N ILE H 2 -31.06 35.86 -42.67
CA ILE H 2 -30.31 37.09 -42.51
C ILE H 2 -29.59 37.41 -43.80
N GLN H 3 -29.91 38.55 -44.40
CA GLN H 3 -29.29 38.97 -45.65
C GLN H 3 -27.95 39.63 -45.35
N MET H 4 -26.90 39.18 -46.03
CA MET H 4 -25.53 39.66 -45.84
C MET H 4 -25.02 40.24 -47.15
N THR H 5 -24.56 41.49 -47.11
CA THR H 5 -24.14 42.22 -48.30
C THR H 5 -22.69 42.63 -48.17
N GLN H 6 -21.92 42.43 -49.23
CA GLN H 6 -20.50 42.78 -49.28
C GLN H 6 -20.28 44.02 -50.12
N SER H 7 -19.18 44.71 -49.84
CA SER H 7 -18.78 45.87 -50.63
C SER H 7 -17.28 46.05 -50.51
N PRO H 8 -16.57 46.42 -51.60
CA PRO H 8 -17.03 46.59 -52.99
C PRO H 8 -17.16 45.24 -53.69
N SER H 9 -17.87 45.17 -54.81
CA SER H 9 -18.00 43.91 -55.53
C SER H 9 -16.64 43.42 -56.03
N SER H 10 -15.81 44.33 -56.52
CA SER H 10 -14.46 43.99 -56.96
C SER H 10 -13.57 45.21 -56.77
N LEU H 11 -12.27 44.96 -56.68
CA LEU H 11 -11.30 46.03 -56.48
C LEU H 11 -9.93 45.54 -56.89
N SER H 12 -9.24 46.30 -57.73
CA SER H 12 -7.89 46.00 -58.17
C SER H 12 -6.88 46.77 -57.32
N ALA H 13 -5.83 46.08 -56.89
CA ALA H 13 -4.81 46.69 -56.06
C ALA H 13 -3.46 46.07 -56.39
N SER H 14 -2.40 46.80 -56.05
CA SER H 14 -1.03 46.37 -56.28
C SER H 14 -0.46 45.72 -55.03
N VAL H 15 0.73 45.14 -55.18
CA VAL H 15 1.39 44.48 -54.06
C VAL H 15 1.81 45.53 -53.04
N GLY H 16 1.55 45.24 -51.76
CA GLY H 16 1.91 46.13 -50.69
C GLY H 16 0.88 47.20 -50.36
N ASP H 17 -0.18 47.32 -51.16
CA ASP H 17 -1.21 48.31 -50.91
C ASP H 17 -2.15 47.84 -49.81
N ARG H 18 -2.84 48.81 -49.20
CA ARG H 18 -3.81 48.54 -48.15
C ARG H 18 -5.20 48.38 -48.77
N VAL H 19 -5.87 47.28 -48.42
CA VAL H 19 -7.19 46.97 -48.96
C VAL H 19 -8.17 46.85 -47.80
N THR H 20 -9.38 47.39 -48.00
CA THR H 20 -10.44 47.35 -47.00
C THR H 20 -11.74 46.91 -47.64
N MET H 21 -12.47 46.03 -46.95
CA MET H 21 -13.74 45.51 -47.44
C MET H 21 -14.75 45.53 -46.30
N THR H 22 -15.99 45.87 -46.62
CA THR H 22 -17.06 45.98 -45.65
C THR H 22 -18.11 44.90 -45.90
N CYS H 23 -18.68 44.37 -44.82
CA CYS H 23 -19.74 43.36 -44.89
C CYS H 23 -20.81 43.73 -43.88
N ARG H 24 -22.05 43.83 -44.35
CA ARG H 24 -23.17 44.32 -43.55
C ARG H 24 -24.22 43.24 -43.42
N ALA H 25 -24.83 43.18 -42.24
CA ALA H 25 -25.87 42.20 -41.91
C ALA H 25 -27.21 42.90 -41.78
N SER H 26 -28.27 42.22 -42.25
CA SER H 26 -29.61 42.79 -42.11
C SER H 26 -30.02 42.92 -40.65
N GLN H 27 -29.67 41.93 -39.83
CA GLN H 27 -30.01 41.91 -38.42
C GLN H 27 -28.73 41.74 -37.60
N ASP H 28 -28.79 42.21 -36.35
CA ASP H 28 -27.64 42.13 -35.46
C ASP H 28 -27.25 40.68 -35.23
N ILE H 29 -25.94 40.41 -35.35
CA ILE H 29 -25.40 39.06 -35.17
C ILE H 29 -24.25 39.08 -34.17
N THR H 30 -24.16 40.14 -33.37
CA THR H 30 -23.09 40.32 -32.38
C THR H 30 -21.76 40.25 -33.10
N THR H 31 -20.80 39.41 -32.67
CA THR H 31 -19.52 39.24 -33.33
C THR H 31 -19.39 37.88 -33.99
N ASP H 32 -20.50 37.17 -34.17
CA ASP H 32 -20.48 35.83 -34.77
C ASP H 32 -20.34 35.97 -36.27
N LEU H 33 -19.09 36.10 -36.73
CA LEU H 33 -18.82 36.22 -38.15
C LEU H 33 -17.43 35.69 -38.44
N ASN H 34 -17.25 35.13 -39.63
CA ASN H 34 -15.99 34.57 -40.08
C ASN H 34 -15.66 35.09 -41.47
N TRP H 35 -14.39 35.46 -41.67
CA TRP H 35 -13.89 35.87 -42.97
C TRP H 35 -13.05 34.75 -43.55
N TYR H 36 -13.45 34.27 -44.74
CA TYR H 36 -12.79 33.18 -45.44
C TYR H 36 -12.18 33.69 -46.74
N GLN H 37 -11.11 33.02 -47.17
CA GLN H 37 -10.43 33.29 -48.42
C GLN H 37 -10.51 32.05 -49.31
N GLN H 38 -10.82 32.24 -50.58
CA GLN H 38 -10.95 31.14 -51.53
C GLN H 38 -10.28 31.54 -52.84
N LYS H 39 -9.23 30.80 -53.21
CA LYS H 39 -8.57 30.98 -54.49
C LYS H 39 -9.29 30.18 -55.57
N PRO H 40 -9.05 30.48 -56.85
CA PRO H 40 -9.66 29.66 -57.91
C PRO H 40 -9.22 28.20 -57.81
N GLY H 41 -10.18 27.30 -57.98
CA GLY H 41 -9.88 25.88 -57.92
C GLY H 41 -9.44 25.38 -56.57
N GLN H 42 -9.73 26.11 -55.50
CA GLN H 42 -9.37 25.75 -54.14
C GLN H 42 -10.54 25.99 -53.22
N PRO H 43 -10.59 25.32 -52.06
CA PRO H 43 -11.73 25.49 -51.16
C PRO H 43 -11.53 26.72 -50.28
N PRO H 44 -12.58 27.16 -49.59
CA PRO H 44 -12.42 28.32 -48.68
C PRO H 44 -11.44 28.02 -47.56
N LYS H 45 -10.70 29.05 -47.16
CA LYS H 45 -9.76 28.98 -46.05
C LYS H 45 -10.10 30.09 -45.06
N LEU H 46 -10.28 29.72 -43.79
CA LEU H 46 -10.61 30.71 -42.77
C LEU H 46 -9.45 31.69 -42.61
N LEU H 47 -9.78 32.98 -42.64
CA LEU H 47 -8.84 34.06 -42.41
C LEU H 47 -9.02 34.72 -41.05
N ILE H 48 -10.25 35.06 -40.69
CA ILE H 48 -10.56 35.63 -39.39
C ILE H 48 -11.76 34.90 -38.81
N TYR H 49 -11.74 34.66 -37.50
CA TYR H 49 -12.88 34.10 -36.78
C TYR H 49 -13.30 35.05 -35.67
N VAL H 50 -14.58 34.95 -35.31
CA VAL H 50 -15.28 35.83 -34.37
C VAL H 50 -15.03 37.30 -34.69
N ALA H 51 -14.79 37.62 -35.97
CA ALA H 51 -14.80 38.99 -36.47
C ALA H 51 -13.62 39.82 -36.00
N SER H 52 -12.73 39.25 -35.16
CA SER H 52 -11.62 40.02 -34.64
C SER H 52 -10.40 39.17 -34.24
N SER H 53 -10.42 37.85 -34.45
CA SER H 53 -9.36 36.97 -33.99
C SER H 53 -8.70 36.29 -35.19
N LEU H 54 -7.37 36.36 -35.24
CA LEU H 54 -6.62 35.77 -36.35
C LEU H 54 -6.43 34.28 -36.12
N GLN H 55 -6.72 33.49 -37.15
CA GLN H 55 -6.55 32.05 -37.06
C GLN H 55 -5.07 31.71 -36.98
N ASN H 56 -4.78 30.59 -36.32
CA ASN H 56 -3.40 30.13 -36.18
C ASN H 56 -2.80 29.87 -37.55
N GLY H 57 -1.57 30.36 -37.77
CA GLY H 57 -0.88 30.20 -39.02
C GLY H 57 -1.18 31.27 -40.06
N VAL H 58 -2.22 32.06 -39.87
CA VAL H 58 -2.54 33.13 -40.83
C VAL H 58 -1.51 34.24 -40.69
N PRO H 59 -1.02 34.84 -41.78
CA PRO H 59 -0.11 35.98 -41.63
C PRO H 59 -0.77 37.16 -40.91
N SER H 60 0.04 37.90 -40.17
CA SER H 60 -0.47 38.99 -39.34
C SER H 60 -0.96 40.19 -40.14
N ARG H 61 -0.70 40.24 -41.45
CA ARG H 61 -1.13 41.39 -42.25
C ARG H 61 -2.65 41.52 -42.25
N PHE H 62 -3.36 40.40 -42.23
CA PHE H 62 -4.82 40.43 -42.22
C PHE H 62 -5.34 40.86 -40.85
N SER H 63 -6.47 41.56 -40.85
CA SER H 63 -7.11 41.97 -39.62
C SER H 63 -8.59 42.14 -39.85
N GLY H 64 -9.36 42.03 -38.77
CA GLY H 64 -10.80 42.20 -38.84
C GLY H 64 -11.30 43.02 -37.68
N SER H 65 -12.42 43.70 -37.89
CA SER H 65 -12.99 44.57 -36.87
C SER H 65 -14.48 44.73 -37.14
N GLY H 66 -15.15 45.41 -36.21
CA GLY H 66 -16.56 45.70 -36.32
C GLY H 66 -17.39 44.84 -35.38
N SER H 67 -18.69 45.06 -35.44
CA SER H 67 -19.65 44.37 -34.57
C SER H 67 -21.05 44.70 -35.07
N GLY H 68 -22.04 44.23 -34.32
CA GLY H 68 -23.43 44.51 -34.62
C GLY H 68 -23.84 44.06 -36.00
N THR H 69 -24.07 45.03 -36.88
CA THR H 69 -24.47 44.77 -38.26
C THR H 69 -23.44 45.24 -39.28
N GLU H 70 -22.23 45.61 -38.83
CA GLU H 70 -21.19 46.11 -39.74
C GLU H 70 -19.85 45.54 -39.34
N PHE H 71 -19.16 44.93 -40.31
CA PHE H 71 -17.86 44.33 -40.08
C PHE H 71 -16.93 44.72 -41.21
N THR H 72 -15.63 44.74 -40.92
CA THR H 72 -14.61 45.18 -41.87
C THR H 72 -13.42 44.25 -41.84
N LEU H 73 -12.89 43.95 -43.03
CA LEU H 73 -11.67 43.18 -43.19
C LEU H 73 -10.63 44.07 -43.84
N THR H 74 -9.41 44.07 -43.29
CA THR H 74 -8.32 44.91 -43.78
C THR H 74 -7.10 44.07 -44.04
N ILE H 75 -6.50 44.25 -45.22
CA ILE H 75 -5.21 43.69 -45.58
C ILE H 75 -4.23 44.86 -45.60
N ARG H 76 -3.30 44.88 -44.65
CA ARG H 76 -2.39 46.01 -44.52
C ARG H 76 -1.35 46.03 -45.64
N SER H 77 -0.77 44.88 -45.95
CA SER H 77 0.27 44.75 -46.97
C SER H 77 -0.14 43.62 -47.92
N LEU H 78 -0.78 43.98 -49.03
CA LEU H 78 -1.22 42.98 -49.99
C LEU H 78 -0.03 42.25 -50.59
N GLN H 79 -0.21 40.96 -50.83
CA GLN H 79 0.82 40.07 -51.33
C GLN H 79 0.30 39.32 -52.54
N PRO H 80 1.19 38.73 -53.35
CA PRO H 80 0.71 37.99 -54.53
C PRO H 80 -0.23 36.86 -54.19
N GLU H 81 -0.06 36.22 -53.03
CA GLU H 81 -0.94 35.14 -52.62
C GLU H 81 -2.26 35.63 -52.03
N ASP H 82 -2.41 36.93 -51.80
CA ASP H 82 -3.63 37.49 -51.20
C ASP H 82 -4.71 37.80 -52.23
N PHE H 83 -4.42 37.67 -53.52
CA PHE H 83 -5.40 37.97 -54.55
C PHE H 83 -6.32 36.77 -54.72
N ALA H 84 -7.52 36.84 -54.14
CA ALA H 84 -8.47 35.74 -54.17
C ALA H 84 -9.85 36.31 -53.85
N THR H 85 -10.82 35.42 -53.62
CA THR H 85 -12.18 35.81 -53.31
C THR H 85 -12.41 35.74 -51.81
N TYR H 86 -12.87 36.85 -51.23
CA TYR H 86 -13.08 36.97 -49.80
C TYR H 86 -14.58 36.90 -49.49
N TYR H 87 -14.94 36.07 -48.52
CA TYR H 87 -16.33 35.87 -48.13
C TYR H 87 -16.51 36.12 -46.64
N CYS H 88 -17.66 36.66 -46.28
CA CYS H 88 -18.06 36.84 -44.89
C CYS H 88 -19.26 35.95 -44.60
N LEU H 89 -19.14 35.11 -43.58
CA LEU H 89 -20.16 34.14 -43.20
C LEU H 89 -20.64 34.46 -41.79
N GLN H 90 -21.96 34.43 -41.61
CA GLN H 90 -22.59 34.66 -40.31
C GLN H 90 -23.22 33.37 -39.81
N TYR H 91 -23.11 33.13 -38.50
CA TYR H 91 -23.66 31.94 -37.87
C TYR H 91 -24.33 32.26 -36.54
N ASP H 92 -24.82 33.50 -36.38
CA ASP H 92 -25.52 33.86 -35.16
C ASP H 92 -26.87 33.16 -35.06
N SER H 93 -27.59 33.08 -36.17
CA SER H 93 -28.89 32.44 -36.22
C SER H 93 -29.06 31.72 -37.55
N TYR H 94 -29.73 30.58 -37.52
CA TYR H 94 -29.93 29.81 -38.74
C TYR H 94 -30.93 30.52 -39.66
N PRO H 95 -30.84 30.31 -40.98
CA PRO H 95 -29.85 29.50 -41.71
C PRO H 95 -28.55 30.28 -41.95
N TRP H 96 -27.42 29.60 -42.10
CA TRP H 96 -26.18 30.28 -42.41
C TRP H 96 -26.26 30.89 -43.81
N THR H 97 -25.72 32.09 -43.95
CA THR H 97 -25.77 32.83 -45.21
C THR H 97 -24.37 33.32 -45.55
N PHE H 98 -23.96 33.09 -46.79
CA PHE H 98 -22.67 33.56 -47.32
C PHE H 98 -22.88 34.81 -48.14
N GLY H 99 -21.88 35.69 -48.12
CA GLY H 99 -21.91 36.88 -48.93
C GLY H 99 -21.64 36.60 -50.39
N GLN H 100 -21.97 37.58 -51.23
CA GLN H 100 -21.75 37.44 -52.66
C GLN H 100 -20.28 37.30 -53.01
N GLY H 101 -19.39 37.81 -52.17
CA GLY H 101 -17.96 37.70 -52.39
C GLY H 101 -17.36 38.95 -53.00
N THR H 102 -16.12 39.24 -52.61
CA THR H 102 -15.36 40.36 -53.15
C THR H 102 -14.11 39.81 -53.83
N THR H 103 -13.90 40.19 -55.08
CA THR H 103 -12.78 39.71 -55.87
C THR H 103 -11.66 40.73 -55.84
N VAL H 104 -10.45 40.25 -55.53
CA VAL H 104 -9.24 41.09 -55.50
C VAL H 104 -8.32 40.57 -56.58
N ASP H 105 -7.93 41.45 -57.50
CA ASP H 105 -7.11 41.10 -58.65
C ASP H 105 -5.90 42.03 -58.73
N PHE H 106 -4.83 41.52 -59.31
CA PHE H 106 -3.59 42.29 -59.42
C PHE H 106 -3.76 43.42 -60.43
N ARG H 107 -3.31 44.62 -60.04
CA ARG H 107 -3.27 45.77 -60.92
C ARG H 107 -1.84 45.92 -61.45
N ARG H 108 -1.68 45.80 -62.77
CA ARG H 108 -0.38 45.85 -63.41
C ARG H 108 -0.45 46.74 -64.65
N THR H 109 0.71 47.05 -65.19
CA THR H 109 0.79 47.88 -66.39
C THR H 109 0.16 47.17 -67.57
N VAL H 110 -0.39 47.97 -68.49
CA VAL H 110 -1.04 47.43 -69.69
C VAL H 110 -0.02 46.71 -70.55
N GLN I 1 37.49 9.99 15.57
CA GLN I 1 38.52 10.96 15.08
C GLN I 1 39.50 10.25 14.15
N VAL I 2 39.81 10.90 13.03
CA VAL I 2 40.74 10.33 12.07
C VAL I 2 42.16 10.42 12.63
N GLN I 3 42.87 9.28 12.60
CA GLN I 3 44.22 9.20 13.14
C GLN I 3 45.15 8.61 12.08
N LEU I 4 46.34 9.19 11.96
CA LEU I 4 47.36 8.75 11.01
C LEU I 4 48.62 8.36 11.79
N HIS I 5 49.13 7.16 11.52
CA HIS I 5 50.30 6.63 12.20
C HIS I 5 51.35 6.22 11.18
N GLU I 6 52.58 6.66 11.38
CA GLU I 6 53.69 6.37 10.48
C GLU I 6 54.55 5.24 11.03
N SER I 7 55.09 4.43 10.12
CA SER I 7 55.93 3.30 10.48
C SER I 7 56.97 3.06 9.39
N GLY I 8 58.21 2.89 9.80
CA GLY I 8 59.29 2.61 8.87
C GLY I 8 60.61 2.38 9.58
N PRO I 9 61.64 2.01 8.82
CA PRO I 9 62.95 1.77 9.44
C PRO I 9 63.52 3.04 10.06
N GLY I 10 64.21 2.88 11.18
CA GLY I 10 64.82 4.00 11.87
C GLY I 10 66.21 4.34 11.35
N LEU I 11 66.84 3.38 10.66
CA LEU I 11 68.16 3.56 10.09
C LEU I 11 68.17 3.04 8.66
N VAL I 12 68.98 3.68 7.82
CA VAL I 12 69.08 3.31 6.42
C VAL I 12 70.47 3.71 5.91
N LYS I 13 71.07 2.84 5.10
CA LYS I 13 72.38 3.11 4.55
C LYS I 13 72.27 4.00 3.31
N PRO I 14 73.36 4.67 2.92
CA PRO I 14 73.31 5.47 1.69
C PRO I 14 73.04 4.60 0.48
N SER I 15 72.32 5.17 -0.48
CA SER I 15 71.94 4.56 -1.76
C SER I 15 70.87 3.48 -1.61
N GLU I 16 70.39 3.21 -0.39
CA GLU I 16 69.34 2.22 -0.18
C GLU I 16 67.97 2.86 -0.34
N THR I 17 66.92 2.06 -0.26
CA THR I 17 65.54 2.50 -0.46
C THR I 17 64.81 2.50 0.87
N LEU I 18 64.17 3.62 1.17
CA LEU I 18 63.31 3.77 2.33
C LEU I 18 61.87 3.54 1.92
N SER I 19 61.18 2.66 2.65
CA SER I 19 59.78 2.34 2.43
C SER I 19 59.01 2.68 3.70
N LEU I 20 58.25 3.77 3.65
CA LEU I 20 57.49 4.26 4.78
C LEU I 20 56.01 3.98 4.58
N THR I 21 55.33 3.58 5.66
CA THR I 21 53.90 3.28 5.63
C THR I 21 53.16 4.26 6.54
N CYS I 22 51.98 4.68 6.10
CA CYS I 22 51.10 5.56 6.87
C CYS I 22 49.73 4.89 6.93
N ALA I 23 49.33 4.49 8.12
CA ALA I 23 48.05 3.83 8.36
C ALA I 23 47.05 4.86 8.85
N VAL I 24 45.86 4.86 8.25
CA VAL I 24 44.79 5.80 8.57
C VAL I 24 43.64 5.02 9.20
N SER I 25 43.18 5.48 10.35
CA SER I 25 42.08 4.87 11.07
C SER I 25 41.00 5.91 11.33
N GLY I 26 39.74 5.45 11.36
CA GLY I 26 38.61 6.32 11.58
C GLY I 26 37.97 6.86 10.32
N ALA I 27 38.56 6.64 9.14
CA ALA I 27 37.99 7.11 7.89
C ALA I 27 38.52 6.25 6.75
N SER I 28 37.83 6.31 5.62
CA SER I 28 38.19 5.53 4.46
C SER I 28 39.11 6.32 3.52
N ILE I 29 39.87 5.57 2.71
CA ILE I 29 40.78 6.18 1.75
C ILE I 29 40.18 6.25 0.35
N SER I 30 39.15 5.46 0.05
CA SER I 30 38.56 5.40 -1.28
C SER I 30 37.88 6.69 -1.70
N GLY I 31 37.63 7.63 -0.77
CA GLY I 31 36.95 8.86 -1.08
C GLY I 31 37.85 9.88 -1.74
N ASN I 32 37.30 11.07 -1.95
CA ASN I 32 38.01 12.17 -2.59
C ASN I 32 38.87 12.88 -1.54
N TYR I 33 40.04 12.28 -1.29
CA TYR I 33 41.02 12.80 -0.35
C TYR I 33 42.38 12.93 -1.02
N TYR I 34 43.17 13.87 -0.53
CA TYR I 34 44.56 14.05 -0.95
C TYR I 34 45.45 13.68 0.23
N TRP I 35 46.39 12.76 0.00
CA TRP I 35 47.31 12.29 1.03
C TRP I 35 48.70 12.79 0.66
N ASN I 36 49.30 13.59 1.56
CA ASN I 36 50.56 14.27 1.29
C ASN I 36 51.64 13.75 2.22
N TRP I 37 52.87 13.72 1.72
CA TRP I 37 54.05 13.34 2.49
C TRP I 37 54.94 14.56 2.68
N ILE I 38 55.31 14.82 3.93
CA ILE I 38 56.12 15.99 4.28
C ILE I 38 57.30 15.51 5.11
N ARG I 39 58.41 16.25 5.04
CA ARG I 39 59.59 15.98 5.84
C ARG I 39 60.13 17.28 6.43
N GLN I 40 60.60 17.20 7.67
CA GLN I 40 61.17 18.34 8.37
C GLN I 40 62.58 17.98 8.86
N SER I 41 63.54 18.84 8.57
CA SER I 41 64.92 18.68 8.97
C SER I 41 65.43 20.00 9.54
N PRO I 42 66.45 19.96 10.40
CA PRO I 42 66.99 21.23 10.94
C PRO I 42 67.54 22.15 9.86
N GLY I 43 68.14 21.61 8.80
CA GLY I 43 68.78 22.44 7.79
C GLY I 43 67.84 22.96 6.73
N ARG I 44 66.69 22.32 6.52
CA ARG I 44 65.74 22.71 5.50
C ARG I 44 64.34 23.01 6.03
N GLY I 45 64.01 22.57 7.25
CA GLY I 45 62.67 22.79 7.75
C GLY I 45 61.67 21.92 7.01
N LEU I 46 60.40 22.30 7.15
CA LEU I 46 59.32 21.57 6.50
C LEU I 46 59.50 21.60 4.98
N GLU I 47 59.40 20.44 4.35
CA GLU I 47 59.55 20.31 2.91
C GLU I 47 58.54 19.32 2.38
N TRP I 48 57.87 19.68 1.30
CA TRP I 48 56.82 18.87 0.71
C TRP I 48 57.43 17.91 -0.31
N ILE I 49 57.16 16.62 -0.15
CA ILE I 49 57.69 15.60 -1.04
C ILE I 49 56.73 15.33 -2.21
N GLY I 50 55.48 15.05 -1.89
CA GLY I 50 54.51 14.73 -2.93
C GLY I 50 53.16 14.43 -2.30
N ASN I 51 52.21 14.10 -3.16
CA ASN I 51 50.89 13.70 -2.68
C ASN I 51 50.21 12.82 -3.72
N ILE I 52 49.15 12.15 -3.28
CA ILE I 52 48.40 11.21 -4.10
C ILE I 52 46.91 11.41 -3.85
N HIS I 53 46.10 11.22 -4.90
CA HIS I 53 44.65 11.30 -4.77
C HIS I 53 44.06 9.91 -4.56
N GLY I 54 43.22 9.78 -3.53
CA GLY I 54 42.70 8.47 -3.19
C GLY I 54 41.82 7.87 -4.27
N ASN I 55 40.88 8.65 -4.80
CA ASN I 55 39.89 8.10 -5.71
C ASN I 55 40.47 7.84 -7.09
N GLY I 56 41.29 8.76 -7.60
CA GLY I 56 41.77 8.66 -8.96
C GLY I 56 43.19 8.15 -9.11
N ALA I 57 43.94 8.11 -8.02
CA ALA I 57 45.32 7.64 -7.95
C ALA I 57 46.29 8.60 -8.62
N THR I 58 45.84 9.77 -9.07
CA THR I 58 46.76 10.75 -9.65
C THR I 58 47.75 11.21 -8.59
N THR I 59 49.03 11.20 -8.94
CA THR I 59 50.11 11.49 -8.01
C THR I 59 50.95 12.64 -8.52
N GLN I 60 51.31 13.55 -7.61
CA GLN I 60 52.18 14.68 -7.91
C GLN I 60 53.40 14.60 -7.01
N TYR I 61 54.54 15.02 -7.55
CA TYR I 61 55.83 14.94 -6.86
C TYR I 61 56.54 16.28 -6.93
N ASN I 62 57.42 16.51 -5.97
CA ASN I 62 58.26 17.71 -6.00
C ASN I 62 59.23 17.61 -7.16
N PRO I 63 59.39 18.67 -7.98
CA PRO I 63 60.35 18.57 -9.09
C PRO I 63 61.76 18.27 -8.65
N SER I 64 62.19 18.79 -7.51
CA SER I 64 63.54 18.53 -7.01
C SER I 64 63.71 17.07 -6.61
N LEU I 65 62.63 16.36 -6.27
CA LEU I 65 62.68 14.98 -5.84
C LEU I 65 61.96 14.02 -6.78
N LYS I 66 61.36 14.53 -7.86
CA LYS I 66 60.48 13.71 -8.70
C LYS I 66 61.18 12.46 -9.24
N SER I 67 62.48 12.55 -9.52
CA SER I 67 63.19 11.42 -10.09
C SER I 67 63.46 10.31 -9.09
N ARG I 68 63.18 10.52 -7.80
CA ARG I 68 63.56 9.58 -6.75
C ARG I 68 62.41 9.15 -5.84
N VAL I 69 61.20 9.69 -6.03
CA VAL I 69 60.09 9.43 -5.12
C VAL I 69 59.03 8.58 -5.82
N THR I 70 58.29 7.82 -5.02
CA THR I 70 57.13 7.10 -5.52
C THR I 70 56.11 7.01 -4.38
N ILE I 71 54.84 7.20 -4.71
CA ILE I 71 53.75 7.16 -3.74
C ILE I 71 52.68 6.21 -4.26
N SER I 72 52.26 5.27 -3.41
CA SER I 72 51.20 4.33 -3.74
C SER I 72 50.27 4.21 -2.53
N GLN I 73 49.21 3.42 -2.66
CA GLN I 73 48.27 3.24 -1.57
C GLN I 73 47.57 1.91 -1.71
N ASP I 74 47.03 1.44 -0.58
CA ASP I 74 46.24 0.21 -0.51
C ASP I 74 44.94 0.56 0.22
N THR I 75 43.84 0.61 -0.54
CA THR I 75 42.55 0.93 0.06
C THR I 75 42.07 -0.19 0.98
N SER I 76 42.31 -1.44 0.58
CA SER I 76 41.86 -2.57 1.40
C SER I 76 42.55 -2.56 2.77
N LYS I 77 43.85 -2.29 2.79
CA LYS I 77 44.59 -2.18 4.04
C LYS I 77 44.55 -0.78 4.63
N ASN I 78 44.01 0.20 3.91
CA ASN I 78 43.87 1.57 4.41
C ASN I 78 45.23 2.17 4.74
N GLN I 79 46.17 2.03 3.79
CA GLN I 79 47.56 2.44 4.00
C GLN I 79 48.04 3.25 2.81
N VAL I 80 49.04 4.10 3.07
CA VAL I 80 49.71 4.88 2.03
C VAL I 80 51.21 4.61 2.14
N PHE I 81 51.83 4.25 1.02
CA PHE I 81 53.23 3.85 0.99
C PHE I 81 54.05 4.87 0.23
N LEU I 82 55.20 5.25 0.82
CA LEU I 82 56.16 6.14 0.20
C LEU I 82 57.46 5.38 0.00
N ASN I 83 58.04 5.46 -1.20
CA ASN I 83 59.29 4.82 -1.54
C ASN I 83 60.27 5.88 -2.02
N LEU I 84 61.43 5.96 -1.37
CA LEU I 84 62.47 6.93 -1.71
C LEU I 84 63.78 6.20 -1.91
N ASN I 85 64.37 6.34 -3.09
CA ASN I 85 65.59 5.63 -3.46
C ASN I 85 66.75 6.60 -3.66
N SER I 86 67.97 6.05 -3.66
CA SER I 86 69.19 6.82 -3.86
C SER I 86 69.32 7.94 -2.83
N MET I 87 69.12 7.57 -1.56
CA MET I 87 69.16 8.55 -0.49
C MET I 87 70.60 8.90 -0.14
N THR I 88 70.75 10.04 0.55
CA THR I 88 72.04 10.53 1.02
C THR I 88 71.89 10.99 2.47
N ALA I 89 72.97 11.57 3.01
CA ALA I 89 72.93 12.04 4.39
C ALA I 89 71.95 13.19 4.57
N ALA I 90 71.69 13.95 3.51
CA ALA I 90 70.79 15.09 3.61
C ALA I 90 69.33 14.68 3.82
N ASP I 91 69.00 13.41 3.61
CA ASP I 91 67.61 12.95 3.74
C ASP I 91 67.23 12.63 5.18
N THR I 92 68.15 12.73 6.13
CA THR I 92 67.82 12.52 7.54
C THR I 92 66.81 13.58 7.98
N ALA I 93 65.64 13.13 8.43
CA ALA I 93 64.57 14.06 8.75
C ALA I 93 63.43 13.30 9.44
N ILE I 94 62.45 14.06 9.90
CA ILE I 94 61.23 13.51 10.48
C ILE I 94 60.13 13.61 9.43
N TYR I 95 59.55 12.46 9.09
CA TYR I 95 58.55 12.36 8.03
C TYR I 95 57.15 12.28 8.64
N TYR I 96 56.22 13.00 8.03
CA TYR I 96 54.81 13.02 8.40
C TYR I 96 53.96 12.72 7.17
N CYS I 97 52.81 12.09 7.41
CA CYS I 97 51.77 11.91 6.41
C CYS I 97 50.55 12.70 6.84
N ALA I 98 49.99 13.50 5.93
CA ALA I 98 48.95 14.45 6.26
C ALA I 98 47.80 14.32 5.27
N THR I 99 46.61 14.72 5.73
CA THR I 99 45.41 14.75 4.89
C THR I 99 44.66 16.04 5.17
N GLN I 100 43.91 16.49 4.17
CA GLN I 100 43.20 17.77 4.24
C GLN I 100 42.00 17.71 3.31
N PHE I 101 40.84 18.18 3.79
CA PHE I 101 39.62 18.15 2.98
C PHE I 101 38.58 19.04 3.66
N ARG I 102 37.38 19.04 3.07
CA ARG I 102 36.28 19.84 3.56
C ARG I 102 34.97 19.12 3.29
N THR I 103 33.93 19.49 4.03
CA THR I 103 32.62 18.89 3.92
C THR I 103 31.64 19.92 3.35
N TYR I 104 30.68 19.42 2.56
CA TYR I 104 29.69 20.25 1.89
C TYR I 104 28.30 19.70 2.15
N VAL I 105 27.33 20.61 2.19
CA VAL I 105 25.91 20.27 2.24
C VAL I 105 25.27 20.97 1.04
N GLY I 106 25.19 20.26 -0.08
CA GLY I 106 24.77 20.87 -1.32
C GLY I 106 25.89 21.70 -1.92
N SER I 107 25.75 23.02 -1.87
CA SER I 107 26.80 23.95 -2.29
C SER I 107 27.22 24.87 -1.16
N HIS I 108 26.98 24.47 0.10
CA HIS I 108 27.31 25.27 1.27
C HIS I 108 28.40 24.57 2.07
N LEU I 109 29.46 25.32 2.39
CA LEU I 109 30.55 24.76 3.18
C LEU I 109 30.09 24.54 4.61
N PHE I 110 30.37 23.34 5.15
CA PHE I 110 30.00 22.98 6.50
C PHE I 110 31.18 22.97 7.46
N SER I 111 32.27 22.29 7.09
CA SER I 111 33.44 22.20 7.95
C SER I 111 34.68 22.00 7.09
N TYR I 112 35.83 22.33 7.67
CA TYR I 112 37.13 22.16 7.03
C TYR I 112 38.03 21.40 7.99
N SER I 113 38.61 20.29 7.52
CA SER I 113 39.35 19.37 8.38
C SER I 113 40.71 19.06 7.80
N ASP I 114 41.68 18.85 8.69
CA ASP I 114 42.98 18.34 8.31
C ASP I 114 43.53 17.51 9.47
N PHE I 115 44.37 16.54 9.13
CA PHE I 115 44.94 15.63 10.13
C PHE I 115 46.40 15.35 9.78
N TRP I 116 47.22 15.31 10.82
CA TRP I 116 48.66 15.04 10.70
C TRP I 116 49.02 13.92 11.66
N GLY I 117 50.02 13.13 11.25
CA GLY I 117 50.50 12.05 12.10
C GLY I 117 51.51 12.51 13.13
N GLN I 118 51.88 11.58 14.01
CA GLN I 118 52.86 11.91 15.05
C GLN I 118 54.26 12.10 14.46
N GLY I 119 54.55 11.46 13.35
CA GLY I 119 55.83 11.58 12.69
C GLY I 119 56.76 10.43 13.02
N VAL I 120 57.72 10.19 12.11
CA VAL I 120 58.71 9.13 12.27
C VAL I 120 60.08 9.67 11.88
N LEU I 121 61.07 9.45 12.73
CA LEU I 121 62.42 9.93 12.48
C LEU I 121 63.18 8.92 11.63
N VAL I 122 63.87 9.40 10.61
CA VAL I 122 64.69 8.57 9.73
C VAL I 122 66.07 9.21 9.64
N THR I 123 67.11 8.41 9.86
CA THR I 123 68.50 8.85 9.80
C THR I 123 69.23 8.03 8.76
N VAL I 124 70.00 8.71 7.91
CA VAL I 124 70.76 8.09 6.83
C VAL I 124 72.23 8.11 7.21
N SER I 125 72.83 6.93 7.31
CA SER I 125 74.25 6.81 7.66
C SER I 125 74.67 5.36 7.46
N SER I 126 75.94 5.16 7.15
CA SER I 126 76.48 3.83 6.94
C SER I 126 76.81 3.16 8.26
N ASP J 1 58.85 26.67 -8.82
CA ASP J 1 58.20 26.63 -7.48
C ASP J 1 57.92 28.03 -6.97
N ILE J 2 56.76 28.21 -6.34
CA ILE J 2 56.37 29.52 -5.81
C ILE J 2 57.13 29.74 -4.50
N GLN J 3 58.08 30.67 -4.52
CA GLN J 3 58.88 30.96 -3.33
C GLN J 3 58.03 31.70 -2.30
N MET J 4 58.26 31.38 -1.04
CA MET J 4 57.57 31.99 0.09
C MET J 4 58.57 32.61 1.04
N THR J 5 58.26 33.81 1.53
CA THR J 5 59.11 34.53 2.48
C THR J 5 58.27 34.93 3.68
N GLN J 6 58.70 34.50 4.87
CA GLN J 6 58.05 34.84 6.12
C GLN J 6 58.93 35.82 6.88
N SER J 7 58.32 36.90 7.39
CA SER J 7 59.03 37.90 8.15
C SER J 7 58.23 38.27 9.39
N PRO J 8 58.90 38.65 10.49
CA PRO J 8 60.35 38.66 10.74
C PRO J 8 60.86 37.25 11.04
N SER J 9 62.17 37.03 10.98
CA SER J 9 62.70 35.69 11.28
C SER J 9 62.39 35.28 12.70
N SER J 10 62.54 36.21 13.65
CA SER J 10 62.21 35.95 15.04
C SER J 10 61.77 37.26 15.69
N LEU J 11 61.02 37.14 16.79
CA LEU J 11 60.52 38.31 17.49
C LEU J 11 60.11 37.89 18.89
N SER J 12 60.63 38.60 19.89
CA SER J 12 60.30 38.36 21.29
C SER J 12 59.18 39.31 21.73
N ALA J 13 58.21 38.78 22.46
CA ALA J 13 57.08 39.56 22.92
C ALA J 13 56.60 39.02 24.26
N SER J 14 55.90 39.87 25.00
CA SER J 14 55.37 39.54 26.31
C SER J 14 53.92 39.09 26.20
N VAL J 15 53.38 38.58 27.31
CA VAL J 15 52.00 38.12 27.34
C VAL J 15 51.07 39.30 27.17
N GLY J 16 50.06 39.14 26.32
CA GLY J 16 49.08 40.17 26.07
C GLY J 16 49.46 41.18 25.00
N ASP J 17 50.68 41.11 24.48
CA ASP J 17 51.10 42.04 23.44
C ASP J 17 50.53 41.63 22.09
N ARG J 18 50.52 42.58 21.16
CA ARG J 18 50.04 42.34 19.80
C ARG J 18 51.23 41.99 18.91
N VAL J 19 51.10 40.89 18.18
CA VAL J 19 52.16 40.39 17.31
C VAL J 19 51.63 40.32 15.88
N THR J 20 52.49 40.69 14.93
CA THR J 20 52.14 40.66 13.51
C THR J 20 53.26 40.01 12.72
N MET J 21 52.89 39.14 11.78
CA MET J 21 53.83 38.48 10.89
C MET J 21 53.33 38.58 9.46
N THR J 22 54.28 38.72 8.52
CA THR J 22 53.97 38.89 7.10
C THR J 22 54.48 37.70 6.31
N CYS J 23 53.72 37.34 5.27
CA CYS J 23 54.04 36.21 4.41
C CYS J 23 53.83 36.64 2.97
N ARG J 24 54.91 36.61 2.18
CA ARG J 24 54.90 37.08 0.81
C ARG J 24 55.18 35.91 -0.13
N ALA J 25 54.48 35.90 -1.26
CA ALA J 25 54.63 34.87 -2.28
C ALA J 25 55.20 35.48 -3.56
N SER J 26 56.04 34.70 -4.25
CA SER J 26 56.64 35.20 -5.49
C SER J 26 55.58 35.46 -6.55
N GLN J 27 54.60 34.57 -6.66
CA GLN J 27 53.53 34.68 -7.64
C GLN J 27 52.18 34.72 -6.92
N ASP J 28 51.20 35.33 -7.60
CA ASP J 28 49.86 35.43 -7.03
C ASP J 28 49.28 34.05 -6.77
N ILE J 29 48.70 33.87 -5.59
CA ILE J 29 48.12 32.60 -5.19
C ILE J 29 46.68 32.79 -4.71
N THR J 30 46.09 33.95 -5.03
CA THR J 30 44.72 34.29 -4.61
C THR J 30 44.67 34.20 -3.09
N THR J 31 43.63 33.62 -2.49
CA THR J 31 43.52 33.45 -1.04
C THR J 31 43.89 32.04 -0.59
N ASP J 32 44.43 31.21 -1.48
CA ASP J 32 44.80 29.86 -1.12
C ASP J 32 46.07 29.87 -0.29
N LEU J 33 45.91 29.97 1.03
CA LEU J 33 47.05 30.06 1.93
C LEU J 33 46.61 29.64 3.33
N ASN J 34 47.55 29.05 4.07
CA ASN J 34 47.30 28.53 5.40
C ASN J 34 48.39 28.97 6.35
N TRP J 35 48.01 29.26 7.59
CA TRP J 35 48.92 29.55 8.69
C TRP J 35 48.81 28.42 9.70
N TYR J 36 49.94 27.78 9.99
CA TYR J 36 50.03 26.67 10.92
C TYR J 36 50.89 27.06 12.12
N GLN J 37 50.65 26.39 13.25
CA GLN J 37 51.41 26.58 14.47
C GLN J 37 52.02 25.25 14.89
N GLN J 38 53.31 25.28 15.22
CA GLN J 38 54.03 24.08 15.65
C GLN J 38 54.85 24.44 16.89
N LYS J 39 54.56 23.76 17.99
CA LYS J 39 55.36 23.86 19.21
C LYS J 39 56.54 22.89 19.15
N PRO J 40 57.56 23.09 19.98
CA PRO J 40 58.68 22.14 19.99
C PRO J 40 58.21 20.73 20.34
N GLY J 41 58.63 19.76 19.54
CA GLY J 41 58.28 18.38 19.80
C GLY J 41 56.82 18.04 19.54
N GLN J 42 56.13 18.84 18.74
CA GLN J 42 54.73 18.63 18.41
C GLN J 42 54.54 18.85 16.92
N PRO J 43 53.48 18.28 16.33
CA PRO J 43 53.27 18.45 14.88
C PRO J 43 52.62 19.79 14.59
N PRO J 44 52.61 20.22 13.32
CA PRO J 44 51.92 21.48 12.99
C PRO J 44 50.43 21.40 13.30
N LYS J 45 49.88 22.52 13.76
CA LYS J 45 48.46 22.67 14.02
C LYS J 45 47.93 23.83 13.18
N LEU J 46 46.86 23.58 12.44
CA LEU J 46 46.28 24.61 11.59
C LEU J 46 45.72 25.74 12.45
N LEU J 47 46.11 26.96 12.15
CA LEU J 47 45.61 28.16 12.81
C LEU J 47 44.62 28.93 11.94
N ILE J 48 44.98 29.20 10.68
CA ILE J 48 44.13 29.94 9.77
C ILE J 48 44.12 29.22 8.43
N TYR J 49 42.94 29.09 7.83
CA TYR J 49 42.78 28.52 6.49
C TYR J 49 42.14 29.56 5.59
N VAL J 50 42.42 29.42 4.29
CA VAL J 50 42.04 30.34 3.23
C VAL J 50 42.36 31.80 3.59
N ALA J 51 43.40 31.99 4.41
CA ALA J 51 44.02 33.30 4.61
C ALA J 51 43.14 34.27 5.40
N SER J 52 41.93 33.87 5.77
CA SER J 52 41.02 34.77 6.48
C SER J 52 39.98 34.06 7.35
N SER J 53 40.02 32.74 7.47
CA SER J 53 39.00 31.99 8.19
C SER J 53 39.63 31.27 9.37
N LEU J 54 39.02 31.40 10.54
CA LEU J 54 39.53 30.76 11.75
C LEU J 54 39.05 29.32 11.82
N GLN J 55 39.99 28.41 12.09
CA GLN J 55 39.63 27.00 12.22
C GLN J 55 38.78 26.80 13.47
N ASN J 56 37.91 25.79 13.41
CA ASN J 56 37.04 25.49 14.54
C ASN J 56 37.86 25.12 15.76
N GLY J 57 37.51 25.70 16.91
CA GLY J 57 38.21 25.47 18.14
C GLY J 57 39.39 26.40 18.39
N VAL J 58 39.86 27.11 17.38
CA VAL J 58 40.99 28.04 17.57
C VAL J 58 40.50 29.24 18.37
N PRO J 59 41.27 29.77 19.32
CA PRO J 59 40.84 30.98 20.01
C PRO J 59 40.72 32.17 19.05
N SER J 60 39.78 33.06 19.38
CA SER J 60 39.46 34.17 18.50
C SER J 60 40.55 35.24 18.44
N ARG J 61 41.56 35.17 19.31
CA ARG J 61 42.62 36.18 19.30
C ARG J 61 43.38 36.19 17.98
N PHE J 62 43.59 35.01 17.39
CA PHE J 62 44.29 34.93 16.12
C PHE J 62 43.41 35.45 14.98
N SER J 63 44.06 36.07 14.00
CA SER J 63 43.36 36.56 12.82
C SER J 63 44.30 36.57 11.63
N GLY J 64 43.72 36.49 10.44
CA GLY J 64 44.49 36.52 9.21
C GLY J 64 43.84 37.43 8.19
N SER J 65 44.68 38.01 7.34
CA SER J 65 44.21 38.95 6.33
C SER J 65 45.17 38.96 5.15
N GLY J 66 44.75 39.62 4.08
CA GLY J 66 45.58 39.80 2.89
C GLY J 66 45.08 38.95 1.74
N SER J 67 45.82 39.04 0.64
CA SER J 67 45.49 38.33 -0.59
C SER J 67 46.68 38.46 -1.54
N GLY J 68 46.50 37.92 -2.75
CA GLY J 68 47.51 38.00 -3.78
C GLY J 68 48.87 37.47 -3.35
N THR J 69 49.85 38.37 -3.22
CA THR J 69 51.21 38.03 -2.82
C THR J 69 51.58 38.63 -1.47
N GLU J 70 50.59 39.06 -0.68
CA GLU J 70 50.85 39.67 0.62
C GLU J 70 49.79 39.20 1.60
N PHE J 71 50.23 38.55 2.68
CA PHE J 71 49.34 38.03 3.71
C PHE J 71 49.90 38.38 5.07
N THR J 72 49.02 38.48 6.06
CA THR J 72 49.39 38.89 7.41
C THR J 72 48.64 38.06 8.44
N LEU J 73 49.37 37.64 9.46
CA LEU J 73 48.80 36.95 10.63
C LEU J 73 48.99 37.84 11.84
N THR J 74 47.93 38.02 12.62
CA THR J 74 47.94 38.91 13.78
C THR J 74 47.45 38.15 15.00
N ILE J 75 48.21 38.24 16.09
CA ILE J 75 47.81 37.75 17.40
C ILE J 75 47.52 38.98 18.25
N ARG J 76 46.24 39.18 18.58
CA ARG J 76 45.83 40.39 19.29
C ARG J 76 46.30 40.38 20.74
N SER J 77 46.11 39.24 21.42
CA SER J 77 46.47 39.09 22.83
C SER J 77 47.32 37.83 22.96
N LEU J 78 48.64 38.01 22.96
CA LEU J 78 49.55 36.88 23.07
C LEU J 78 49.38 36.19 24.42
N GLN J 79 49.50 34.87 24.41
CA GLN J 79 49.30 34.02 25.58
C GLN J 79 50.49 33.09 25.73
N PRO J 80 50.68 32.50 26.92
CA PRO J 80 51.82 31.59 27.10
C PRO J 80 51.81 30.41 26.13
N GLU J 81 50.64 29.94 25.72
CA GLU J 81 50.57 28.83 24.76
C GLU J 81 50.76 29.27 23.32
N ASP J 82 50.83 30.58 23.05
CA ASP J 82 50.98 31.09 21.71
C ASP J 82 52.44 31.22 21.27
N PHE J 83 53.39 30.94 22.16
CA PHE J 83 54.81 31.05 21.83
C PHE J 83 55.24 29.75 21.14
N ALA J 84 55.33 29.79 19.82
CA ALA J 84 55.68 28.62 19.02
C ALA J 84 56.15 29.09 17.65
N THR J 85 56.32 28.15 16.73
CA THR J 85 56.77 28.45 15.38
C THR J 85 55.56 28.55 14.45
N TYR J 86 55.45 29.68 13.75
CA TYR J 86 54.35 29.93 12.83
C TYR J 86 54.82 29.74 11.40
N TYR J 87 54.11 28.91 10.64
CA TYR J 87 54.49 28.52 9.30
C TYR J 87 53.43 28.94 8.29
N CYS J 88 53.90 29.36 7.12
CA CYS J 88 53.05 29.80 6.01
C CYS J 88 53.11 28.75 4.90
N LEU J 89 51.95 28.35 4.41
CA LEU J 89 51.84 27.33 3.36
C LEU J 89 50.91 27.83 2.26
N GLN J 90 51.21 27.43 1.02
CA GLN J 90 50.39 27.74 -0.13
C GLN J 90 50.06 26.47 -0.89
N TYR J 91 48.87 26.42 -1.48
CA TYR J 91 48.42 25.29 -2.28
C TYR J 91 47.69 25.76 -3.54
N ASP J 92 48.05 26.95 -4.05
CA ASP J 92 47.42 27.43 -5.27
C ASP J 92 47.94 26.70 -6.50
N SER J 93 49.20 26.26 -6.48
CA SER J 93 49.78 25.52 -7.58
C SER J 93 50.91 24.67 -7.05
N TYR J 94 51.06 23.47 -7.60
CA TYR J 94 52.11 22.57 -7.15
C TYR J 94 53.46 23.09 -7.59
N PRO J 95 54.54 22.78 -6.84
CA PRO J 95 54.60 22.03 -5.58
C PRO J 95 54.27 22.91 -4.38
N TRP J 96 53.78 22.32 -3.28
CA TRP J 96 53.56 23.10 -2.07
C TRP J 96 54.90 23.55 -1.50
N THR J 97 54.94 24.80 -1.03
CA THR J 97 56.15 25.41 -0.49
C THR J 97 55.85 25.95 0.89
N PHE J 98 56.61 25.50 1.89
CA PHE J 98 56.50 25.98 3.25
C PHE J 98 57.50 27.12 3.49
N GLY J 99 57.06 28.14 4.21
CA GLY J 99 57.94 29.24 4.55
C GLY J 99 58.98 28.84 5.57
N GLN J 100 60.00 29.69 5.70
CA GLN J 100 61.07 29.43 6.66
C GLN J 100 60.54 29.40 8.09
N GLY J 101 59.46 30.11 8.36
CA GLY J 101 58.85 30.11 9.68
C GLY J 101 59.35 31.25 10.54
N THR J 102 58.49 31.69 11.46
CA THR J 102 58.80 32.76 12.40
C THR J 102 58.70 32.20 13.81
N THR J 103 59.71 32.48 14.64
CA THR J 103 59.78 31.99 16.00
C THR J 103 59.36 33.11 16.95
N VAL J 104 58.37 32.82 17.80
CA VAL J 104 57.89 33.76 18.82
C VAL J 104 58.29 33.19 20.18
N ASP J 105 59.03 33.99 20.95
CA ASP J 105 59.57 33.56 22.23
C ASP J 105 59.18 34.56 23.31
N PHE J 106 59.12 34.09 24.55
CA PHE J 106 58.73 34.93 25.67
C PHE J 106 59.84 35.93 26.01
N ARG J 107 59.46 37.18 26.20
CA ARG J 107 60.36 38.22 26.66
C ARG J 107 60.14 38.42 28.15
N ARG J 108 61.17 38.18 28.94
CA ARG J 108 61.10 38.27 30.39
C ARG J 108 62.32 39.00 30.93
N THR J 109 62.27 39.35 32.20
CA THR J 109 63.37 40.05 32.84
C THR J 109 64.61 39.15 32.90
N VAL J 110 65.78 39.79 32.87
CA VAL J 110 67.04 39.07 32.91
C VAL J 110 67.18 38.35 34.24
N GLN K 1 -30.42 14.89 24.51
CA GLN K 1 -30.38 15.86 25.64
C GLN K 1 -30.16 15.15 26.97
N VAL K 2 -29.24 15.68 27.77
CA VAL K 2 -28.95 15.09 29.08
C VAL K 2 -30.12 15.35 30.01
N GLN K 3 -30.59 14.29 30.68
CA GLN K 3 -31.72 14.38 31.59
C GLN K 3 -31.36 13.74 32.92
N LEU K 4 -31.77 14.40 34.00
CA LEU K 4 -31.53 13.93 35.36
C LEU K 4 -32.87 13.72 36.05
N HIS K 5 -33.05 12.54 36.66
CA HIS K 5 -34.29 12.19 37.34
C HIS K 5 -33.99 11.75 38.76
N GLU K 6 -34.71 12.30 39.72
CA GLU K 6 -34.53 11.99 41.14
C GLU K 6 -35.56 10.97 41.61
N SER K 7 -35.15 10.14 42.56
CA SER K 7 -36.03 9.11 43.11
C SER K 7 -35.62 8.83 44.55
N GLY K 8 -36.60 8.79 45.44
CA GLY K 8 -36.36 8.49 46.83
C GLY K 8 -37.63 8.43 47.64
N PRO K 9 -37.53 8.04 48.91
CA PRO K 9 -38.72 7.96 49.76
C PRO K 9 -39.35 9.34 49.97
N GLY K 10 -40.68 9.35 50.05
CA GLY K 10 -41.39 10.60 50.27
C GLY K 10 -41.50 11.01 51.71
N LEU K 11 -41.34 10.06 52.65
CA LEU K 11 -41.41 10.35 54.08
C LEU K 11 -40.28 9.63 54.79
N VAL K 12 -39.61 10.33 55.69
CA VAL K 12 -38.53 9.78 56.51
C VAL K 12 -38.77 10.19 57.95
N LYS K 13 -38.72 9.22 58.86
CA LYS K 13 -38.94 9.51 60.26
C LYS K 13 -37.74 10.23 60.85
N PRO K 14 -37.90 10.93 61.97
CA PRO K 14 -36.74 11.57 62.61
C PRO K 14 -35.70 10.54 63.02
N SER K 15 -34.43 10.94 62.90
CA SER K 15 -33.25 10.15 63.24
C SER K 15 -32.96 9.04 62.23
N GLU K 16 -33.77 8.89 61.18
CA GLU K 16 -33.54 7.88 60.17
C GLU K 16 -32.64 8.46 59.07
N THR K 17 -32.31 7.62 58.08
CA THR K 17 -31.42 7.99 56.99
C THR K 17 -32.20 8.10 55.70
N LEU K 18 -32.04 9.22 55.01
CA LEU K 18 -32.62 9.42 53.68
C LEU K 18 -31.62 9.00 52.62
N SER K 19 -32.07 8.14 51.70
CA SER K 19 -31.26 7.65 50.60
C SER K 19 -31.93 8.09 49.30
N LEU K 20 -31.27 8.97 48.56
CA LEU K 20 -31.79 9.53 47.32
C LEU K 20 -30.91 9.10 46.15
N THR K 21 -31.54 8.85 45.01
CA THR K 21 -30.85 8.43 43.79
C THR K 21 -31.15 9.43 42.68
N CYS K 22 -30.13 9.69 41.86
CA CYS K 22 -30.26 10.58 40.70
C CYS K 22 -29.73 9.83 39.50
N ALA K 23 -30.62 9.51 38.55
CA ALA K 23 -30.28 8.79 37.34
C ALA K 23 -30.07 9.78 36.21
N VAL K 24 -28.98 9.61 35.47
CA VAL K 24 -28.60 10.50 34.37
C VAL K 24 -28.68 9.71 33.07
N SER K 25 -29.37 10.28 32.09
CA SER K 25 -29.53 9.67 30.77
C SER K 25 -29.07 10.65 29.70
N GLY K 26 -28.51 10.09 28.63
CA GLY K 26 -27.99 10.88 27.53
C GLY K 26 -26.52 11.26 27.63
N ALA K 27 -25.86 10.94 28.74
CA ALA K 27 -24.44 11.24 28.90
C ALA K 27 -23.87 10.30 29.95
N SER K 28 -22.53 10.23 29.98
CA SER K 28 -21.79 9.35 30.87
C SER K 28 -21.20 10.13 32.04
N ILE K 29 -20.97 9.41 33.14
CA ILE K 29 -20.38 9.99 34.35
C ILE K 29 -18.89 9.74 34.46
N SER K 30 -18.34 8.81 33.69
CA SER K 30 -16.91 8.51 33.76
C SER K 30 -16.04 9.69 33.34
N GLY K 31 -16.59 10.68 32.63
CA GLY K 31 -15.83 11.83 32.20
C GLY K 31 -15.69 12.88 33.28
N ASN K 32 -15.16 14.03 32.89
CA ASN K 32 -14.93 15.15 33.79
C ASN K 32 -16.21 15.97 33.88
N TYR K 33 -17.01 15.68 34.91
CA TYR K 33 -18.25 16.38 35.19
C TYR K 33 -18.32 16.68 36.67
N TYR K 34 -19.09 17.71 37.05
CA TYR K 34 -19.30 18.04 38.45
C TYR K 34 -20.78 17.87 38.78
N TRP K 35 -21.07 17.02 39.77
CA TRP K 35 -22.44 16.67 40.13
C TRP K 35 -22.74 17.18 41.53
N ASN K 36 -23.75 18.03 41.65
CA ASN K 36 -24.07 18.72 42.89
C ASN K 36 -25.46 18.34 43.37
N TRP K 37 -25.62 18.29 44.70
CA TRP K 37 -26.91 18.06 45.33
C TRP K 37 -27.36 19.35 46.02
N ILE K 38 -28.59 19.78 45.74
CA ILE K 38 -29.12 21.03 46.26
C ILE K 38 -30.49 20.74 46.86
N ARG K 39 -30.88 21.56 47.84
CA ARG K 39 -32.21 21.47 48.45
C ARG K 39 -32.81 22.86 48.57
N GLN K 40 -34.12 22.94 48.36
CA GLN K 40 -34.87 24.19 48.45
C GLN K 40 -36.01 24.01 49.45
N SER K 41 -36.12 24.92 50.40
CA SER K 41 -37.17 24.91 51.41
C SER K 41 -37.72 26.32 51.55
N PRO K 42 -38.97 26.46 52.01
CA PRO K 42 -39.52 27.82 52.20
C PRO K 42 -38.73 28.65 53.20
N GLY K 43 -38.20 28.02 54.25
CA GLY K 43 -37.54 28.77 55.31
C GLY K 43 -36.09 29.08 55.05
N ARG K 44 -35.44 28.33 54.15
CA ARG K 44 -34.03 28.52 53.83
C ARG K 44 -33.77 28.77 52.35
N GLY K 45 -34.71 28.47 51.47
CA GLY K 45 -34.46 28.63 50.05
C GLY K 45 -33.44 27.62 49.56
N LEU K 46 -32.87 27.92 48.40
CA LEU K 46 -31.87 27.04 47.81
C LEU K 46 -30.65 26.94 48.73
N GLU K 47 -30.21 25.72 48.98
CA GLU K 47 -29.07 25.46 49.85
C GLU K 47 -28.23 24.34 49.25
N TRP K 48 -26.92 24.56 49.18
CA TRP K 48 -26.00 23.61 48.58
C TRP K 48 -25.56 22.60 49.64
N ILE K 49 -25.79 21.32 49.36
CA ILE K 49 -25.40 20.25 50.28
C ILE K 49 -23.96 19.80 50.03
N GLY K 50 -23.66 19.46 48.79
CA GLY K 50 -22.34 18.97 48.44
C GLY K 50 -22.25 18.68 46.97
N ASN K 51 -21.08 18.21 46.55
CA ASN K 51 -20.88 17.80 45.17
C ASN K 51 -19.76 16.76 45.08
N ILE K 52 -19.72 16.10 43.93
CA ILE K 52 -18.75 15.04 43.67
C ILE K 52 -18.21 15.20 42.25
N HIS K 53 -16.98 14.70 42.06
CA HIS K 53 -16.30 14.68 40.79
C HIS K 53 -16.31 13.27 40.24
N GLY K 54 -16.83 13.10 39.02
CA GLY K 54 -17.01 11.76 38.49
C GLY K 54 -15.70 11.02 38.26
N ASN K 55 -14.73 11.70 37.64
CA ASN K 55 -13.50 11.01 37.24
C ASN K 55 -12.61 10.71 38.45
N GLY K 56 -12.43 11.68 39.33
CA GLY K 56 -11.50 11.52 40.44
C GLY K 56 -12.13 11.04 41.74
N ALA K 57 -13.46 11.07 41.81
CA ALA K 57 -14.24 10.67 42.98
C ALA K 57 -14.06 11.63 44.15
N THR K 58 -13.42 12.78 43.94
CA THR K 58 -13.26 13.75 45.02
C THR K 58 -14.62 14.36 45.36
N THR K 59 -14.93 14.41 46.65
CA THR K 59 -16.22 14.87 47.14
C THR K 59 -16.03 16.02 48.11
N GLN K 60 -16.85 17.05 47.97
CA GLN K 60 -16.88 18.17 48.89
C GLN K 60 -18.28 18.30 49.49
N TYR K 61 -18.33 18.73 50.74
CA TYR K 61 -19.57 18.81 51.49
C TYR K 61 -19.67 20.19 52.16
N ASN K 62 -20.90 20.63 52.36
CA ASN K 62 -21.13 21.85 53.13
C ASN K 62 -20.66 21.62 54.56
N PRO K 63 -19.87 22.53 55.15
CA PRO K 63 -19.39 22.29 56.53
C PRO K 63 -20.51 22.05 57.52
N SER K 64 -21.57 22.86 57.48
CA SER K 64 -22.67 22.72 58.44
C SER K 64 -23.32 21.35 58.36
N LEU K 65 -23.32 20.74 57.16
CA LEU K 65 -23.86 19.41 56.96
C LEU K 65 -22.76 18.36 56.80
N LYS K 66 -21.49 18.74 56.89
CA LYS K 66 -20.40 17.83 56.55
C LYS K 66 -20.41 16.56 57.42
N SER K 67 -20.88 16.67 58.66
CA SER K 67 -20.87 15.53 59.57
C SER K 67 -22.06 14.60 59.36
N ARG K 68 -22.98 14.91 58.44
CA ARG K 68 -24.21 14.14 58.29
C ARG K 68 -24.52 13.73 56.85
N VAL K 69 -23.60 13.98 55.89
CA VAL K 69 -23.88 13.76 54.48
C VAL K 69 -22.87 12.79 53.91
N THR K 70 -23.28 12.07 52.87
CA THR K 70 -22.39 11.21 52.10
C THR K 70 -22.88 11.17 50.67
N ILE K 71 -21.95 11.25 49.72
CA ILE K 71 -22.26 11.23 48.29
C ILE K 71 -21.39 10.17 47.63
N SER K 72 -22.03 9.30 46.84
CA SER K 72 -21.34 8.27 46.09
C SER K 72 -21.95 8.20 44.70
N GLN K 73 -21.41 7.32 43.85
CA GLN K 73 -21.92 7.19 42.50
C GLN K 73 -21.62 5.79 41.97
N ASP K 74 -22.39 5.40 40.95
CA ASP K 74 -22.23 4.13 40.25
C ASP K 74 -22.21 4.45 38.76
N THR K 75 -21.02 4.36 38.16
CA THR K 75 -20.88 4.63 36.74
C THR K 75 -21.57 3.56 35.90
N SER K 76 -21.46 2.30 36.33
CA SER K 76 -22.06 1.20 35.57
C SER K 76 -23.58 1.35 35.48
N LYS K 77 -24.22 1.66 36.62
CA LYS K 77 -25.65 1.89 36.66
C LYS K 77 -26.04 3.31 36.29
N ASN K 78 -25.06 4.20 36.09
CA ASN K 78 -25.31 5.59 35.73
C ASN K 78 -26.23 6.25 36.76
N GLN K 79 -25.74 6.33 38.00
CA GLN K 79 -26.50 6.87 39.11
C GLN K 79 -25.60 7.59 40.09
N VAL K 80 -26.18 8.54 40.83
CA VAL K 80 -25.50 9.25 41.91
C VAL K 80 -26.37 9.12 43.16
N PHE K 81 -25.76 8.69 44.27
CA PHE K 81 -26.47 8.39 45.50
C PHE K 81 -26.10 9.39 46.58
N LEU K 82 -27.11 9.88 47.29
CA LEU K 82 -26.96 10.77 48.43
C LEU K 82 -27.53 10.11 49.67
N ASN K 83 -26.78 10.17 50.77
CA ASN K 83 -27.20 9.62 52.06
C ASN K 83 -27.13 10.71 53.10
N LEU K 84 -28.24 10.93 53.81
CA LEU K 84 -28.35 11.98 54.81
C LEU K 84 -28.94 11.37 56.09
N ASN K 85 -28.10 11.21 57.11
CA ASN K 85 -28.51 10.59 58.36
C ASN K 85 -28.93 11.65 59.38
N SER K 86 -29.54 11.18 60.46
CA SER K 86 -30.02 12.05 61.55
C SER K 86 -30.98 13.11 61.02
N MET K 87 -32.00 12.65 60.30
CA MET K 87 -32.98 13.56 59.72
C MET K 87 -33.78 14.26 60.81
N THR K 88 -34.13 15.51 60.55
CA THR K 88 -34.93 16.32 61.46
C THR K 88 -36.03 17.03 60.67
N ALA K 89 -36.90 17.72 61.40
CA ALA K 89 -38.01 18.41 60.76
C ALA K 89 -37.54 19.51 59.80
N ALA K 90 -36.39 20.12 60.11
CA ALA K 90 -35.86 21.17 59.25
C ALA K 90 -35.37 20.66 57.90
N ASP K 91 -35.21 19.35 57.74
CA ASP K 91 -34.71 18.78 56.49
C ASP K 91 -35.80 18.62 55.43
N THR K 92 -37.06 18.90 55.75
CA THR K 92 -38.11 18.83 54.76
C THR K 92 -37.86 19.85 53.66
N ALA K 93 -37.77 19.39 52.42
CA ALA K 93 -37.39 20.26 51.31
C ALA K 93 -37.54 19.50 50.00
N ILE K 94 -37.35 20.23 48.90
CA ILE K 94 -37.32 19.64 47.56
C ILE K 94 -35.85 19.53 47.16
N TYR K 95 -35.42 18.30 46.86
CA TYR K 95 -34.03 18.00 46.54
C TYR K 95 -33.88 17.90 45.03
N TYR K 96 -32.83 18.55 44.50
CA TYR K 96 -32.46 18.50 43.10
C TYR K 96 -31.03 17.97 42.97
N CYS K 97 -30.78 17.27 41.88
CA CYS K 97 -29.43 16.88 41.47
C CYS K 97 -29.11 17.59 40.17
N ALA K 98 -27.96 18.25 40.13
CA ALA K 98 -27.56 19.05 38.97
C ALA K 98 -26.18 18.62 38.52
N THR K 99 -25.91 18.87 37.23
CA THR K 99 -24.61 18.59 36.63
C THR K 99 -24.10 19.83 35.91
N GLN K 100 -22.78 20.01 35.95
CA GLN K 100 -22.13 21.15 35.31
C GLN K 100 -20.85 20.69 34.63
N PHE K 101 -20.58 21.28 33.46
CA PHE K 101 -19.34 21.07 32.71
C PHE K 101 -19.32 22.06 31.55
N ARG K 102 -18.24 22.00 30.76
CA ARG K 102 -18.10 22.84 29.59
C ARG K 102 -17.27 22.10 28.55
N THR K 103 -17.41 22.52 27.29
CA THR K 103 -16.77 21.89 26.16
C THR K 103 -15.65 22.78 25.61
N TYR K 104 -14.62 22.13 25.08
CA TYR K 104 -13.48 22.81 24.50
C TYR K 104 -13.09 22.17 23.18
N VAL K 105 -12.48 22.96 22.32
CA VAL K 105 -11.87 22.50 21.07
C VAL K 105 -10.44 23.00 21.10
N GLY K 106 -9.53 22.17 21.61
CA GLY K 106 -8.17 22.62 21.83
C GLY K 106 -8.06 23.52 23.04
N SER K 107 -7.84 24.82 22.79
CA SER K 107 -7.82 25.83 23.84
C SER K 107 -8.91 26.88 23.65
N HIS K 108 -9.95 26.56 22.87
CA HIS K 108 -11.03 27.48 22.57
C HIS K 108 -12.33 26.94 23.15
N LEU K 109 -13.02 27.77 23.92
CA LEU K 109 -14.29 27.36 24.51
C LEU K 109 -15.36 27.26 23.43
N PHE K 110 -16.18 26.21 23.51
CA PHE K 110 -17.25 25.96 22.54
C PHE K 110 -18.63 26.13 23.15
N SER K 111 -18.88 25.56 24.33
CA SER K 111 -20.20 25.63 24.95
C SER K 111 -20.05 25.43 26.45
N TYR K 112 -21.07 25.87 27.18
CA TYR K 112 -21.16 25.75 28.62
C TYR K 112 -22.46 25.05 28.97
N SER K 113 -22.37 23.88 29.64
CA SER K 113 -23.50 23.01 29.85
C SER K 113 -23.78 22.84 31.33
N ASP K 114 -25.03 23.10 31.71
CA ASP K 114 -25.54 22.74 33.03
C ASP K 114 -26.93 22.15 32.86
N PHE K 115 -27.26 21.18 33.71
CA PHE K 115 -28.56 20.53 33.67
C PHE K 115 -29.07 20.29 35.08
N TRP K 116 -30.38 20.40 35.25
CA TRP K 116 -31.05 20.23 36.53
C TRP K 116 -32.18 19.22 36.39
N GLY K 117 -32.44 18.49 37.48
CA GLY K 117 -33.54 17.54 37.50
C GLY K 117 -34.87 18.19 37.85
N GLN K 118 -35.93 17.39 37.76
CA GLN K 118 -37.26 17.89 38.08
C GLN K 118 -37.46 18.08 39.58
N GLY K 119 -36.66 17.42 40.41
CA GLY K 119 -36.76 17.57 41.85
C GLY K 119 -37.66 16.53 42.49
N VAL K 120 -37.40 16.26 43.76
CA VAL K 120 -38.17 15.30 44.54
C VAL K 120 -38.45 15.90 45.91
N LEU K 121 -39.70 15.84 46.35
CA LEU K 121 -40.11 16.40 47.63
C LEU K 121 -39.89 15.37 48.73
N VAL K 122 -39.27 15.79 49.83
CA VAL K 122 -39.05 14.94 51.00
C VAL K 122 -39.55 15.67 52.22
N THR K 123 -40.37 14.99 53.02
CA THR K 123 -40.93 15.53 54.25
C THR K 123 -40.52 14.66 55.42
N VAL K 124 -40.17 15.30 56.53
CA VAL K 124 -39.72 14.62 57.74
C VAL K 124 -40.79 14.78 58.81
N SER K 125 -41.29 13.65 59.30
CA SER K 125 -42.32 13.65 60.34
C SER K 125 -42.52 12.22 60.83
N SER K 126 -42.90 12.10 62.09
CA SER K 126 -43.13 10.79 62.69
C SER K 126 -44.53 10.28 62.36
N ASP L 1 -17.65 30.28 54.95
CA ASP L 1 -18.51 30.34 53.72
C ASP L 1 -18.62 31.78 53.22
N ILE L 2 -18.56 31.95 51.91
CA ILE L 2 -18.64 33.27 51.29
C ILE L 2 -20.10 33.70 51.29
N GLN L 3 -20.41 34.75 52.04
CA GLN L 3 -21.77 35.24 52.14
C GLN L 3 -22.14 36.04 50.89
N MET L 4 -23.35 35.82 50.39
CA MET L 4 -23.86 36.46 49.20
C MET L 4 -25.15 37.19 49.53
N THR L 5 -25.23 38.47 49.15
CA THR L 5 -26.40 39.31 49.41
C THR L 5 -26.97 39.80 48.10
N GLN L 6 -28.26 39.57 47.90
CA GLN L 6 -28.98 40.05 46.72
C GLN L 6 -29.90 41.21 47.11
N SER L 7 -29.92 42.24 46.28
CA SER L 7 -30.78 43.40 46.48
C SER L 7 -31.40 43.81 45.17
N PRO L 8 -32.63 44.37 45.18
CA PRO L 8 -33.55 44.52 46.31
C PRO L 8 -34.26 43.21 46.62
N SER L 9 -34.91 43.08 47.79
CA SER L 9 -35.61 41.84 48.10
C SER L 9 -36.75 41.59 47.11
N SER L 10 -37.49 42.63 46.75
CA SER L 10 -38.56 42.51 45.77
C SER L 10 -38.71 43.85 45.06
N LEU L 11 -39.30 43.80 43.87
CA LEU L 11 -39.50 45.00 43.07
C LEU L 11 -40.57 44.72 42.02
N SER L 12 -41.58 45.57 41.98
CA SER L 12 -42.66 45.47 41.00
C SER L 12 -42.36 46.37 39.81
N ALA L 13 -42.58 45.85 38.61
CA ALA L 13 -42.32 46.59 37.39
C ALA L 13 -43.30 46.18 36.31
N SER L 14 -43.48 47.05 35.32
CA SER L 14 -44.39 46.82 34.21
C SER L 14 -43.64 46.24 33.02
N VAL L 15 -44.40 45.84 32.00
CA VAL L 15 -43.81 45.26 30.80
C VAL L 15 -43.04 46.34 30.05
N GLY L 16 -41.82 46.00 29.63
CA GLY L 16 -40.97 46.91 28.90
C GLY L 16 -40.11 47.81 29.76
N ASP L 17 -40.28 47.79 31.08
CA ASP L 17 -39.49 48.63 31.96
C ASP L 17 -38.09 48.04 32.15
N ARG L 18 -37.18 48.89 32.60
CA ARG L 18 -35.81 48.48 32.86
C ARG L 18 -35.65 48.11 34.34
N VAL L 19 -35.09 46.93 34.60
CA VAL L 19 -34.93 46.41 35.95
C VAL L 19 -33.45 46.17 36.20
N THR L 20 -33.00 46.50 37.42
CA THR L 20 -31.62 46.31 37.83
C THR L 20 -31.58 45.64 39.19
N MET L 21 -30.70 44.65 39.33
CA MET L 21 -30.52 43.92 40.58
C MET L 21 -29.04 43.76 40.85
N THR L 22 -28.67 43.77 42.14
CA THR L 22 -27.28 43.75 42.56
C THR L 22 -27.00 42.54 43.44
N CYS L 23 -25.79 41.99 43.30
CA CYS L 23 -25.32 40.87 44.09
C CYS L 23 -23.94 41.22 44.64
N ARG L 24 -23.81 41.16 45.96
CA ARG L 24 -22.57 41.50 46.65
C ARG L 24 -22.02 40.28 47.37
N ALA L 25 -20.70 40.15 47.38
CA ALA L 25 -20.00 39.03 48.01
C ALA L 25 -19.19 39.54 49.19
N SER L 26 -19.12 38.71 50.25
CA SER L 26 -18.32 39.07 51.41
C SER L 26 -16.83 39.09 51.07
N GLN L 27 -16.40 38.18 50.20
CA GLN L 27 -15.01 38.08 49.80
C GLN L 27 -14.91 38.09 48.28
N ASP L 28 -13.75 38.50 47.78
CA ASP L 28 -13.54 38.59 46.34
C ASP L 28 -13.65 37.20 45.70
N ILE L 29 -14.37 37.13 44.59
CA ILE L 29 -14.56 35.91 43.82
C ILE L 29 -14.17 36.07 42.36
N THR L 30 -13.48 37.17 42.01
CA THR L 30 -13.03 37.44 40.65
C THR L 30 -14.26 37.56 39.76
N THR L 31 -14.43 36.73 38.72
CA THR L 31 -15.60 36.76 37.85
C THR L 31 -16.36 35.44 37.85
N ASP L 32 -16.20 34.64 38.91
CA ASP L 32 -16.86 33.35 39.03
C ASP L 32 -18.23 33.56 39.65
N LEU L 33 -19.26 33.62 38.81
CA LEU L 33 -20.61 33.91 39.30
C LEU L 33 -21.61 33.60 38.19
N ASN L 34 -22.80 33.19 38.61
CA ASN L 34 -23.89 32.84 37.70
C ASN L 34 -25.19 33.50 38.17
N TRP L 35 -26.03 33.85 37.20
CA TRP L 35 -27.38 34.35 37.44
C TRP L 35 -28.37 33.35 36.86
N TYR L 36 -29.28 32.87 37.71
CA TYR L 36 -30.30 31.90 37.33
C TYR L 36 -31.69 32.52 37.48
N GLN L 37 -32.64 31.99 36.71
CA GLN L 37 -34.04 32.37 36.77
C GLN L 37 -34.87 31.16 37.13
N GLN L 38 -35.81 31.33 38.07
CA GLN L 38 -36.66 30.24 38.53
C GLN L 38 -38.08 30.76 38.66
N LYS L 39 -38.99 30.19 37.86
CA LYS L 39 -40.41 30.48 37.96
C LYS L 39 -41.05 29.60 39.03
N PRO L 40 -42.24 29.96 39.50
CA PRO L 40 -42.92 29.09 40.48
C PRO L 40 -43.18 27.71 39.91
N GLY L 41 -42.94 26.69 40.73
CA GLY L 41 -43.16 25.32 40.30
C GLY L 41 -42.26 24.85 39.18
N GLN L 42 -41.11 25.48 39.00
CA GLN L 42 -40.16 25.12 37.96
C GLN L 42 -38.74 25.16 38.52
N PRO L 43 -37.82 24.41 37.93
CA PRO L 43 -36.44 24.41 38.44
C PRO L 43 -35.69 25.64 37.96
N PRO L 44 -34.53 25.96 38.55
CA PRO L 44 -33.76 27.11 38.07
C PRO L 44 -33.29 26.93 36.64
N LYS L 45 -33.25 28.04 35.91
CA LYS L 45 -32.77 28.10 34.54
C LYS L 45 -31.60 29.08 34.48
N LEU L 46 -30.49 28.64 33.90
CA LEU L 46 -29.33 29.51 33.77
C LEU L 46 -29.67 30.69 32.87
N LEU L 47 -29.28 31.88 33.30
CA LEU L 47 -29.47 33.11 32.55
C LEU L 47 -28.15 33.74 32.13
N ILE L 48 -27.21 33.88 33.06
CA ILE L 48 -25.89 34.43 32.76
C ILE L 48 -24.83 33.56 33.43
N TYR L 49 -23.75 33.28 32.71
CA TYR L 49 -22.63 32.51 33.22
C TYR L 49 -21.36 33.33 33.12
N VAL L 50 -20.53 33.27 34.18
CA VAL L 50 -19.34 34.09 34.32
C VAL L 50 -19.72 35.56 34.40
N ALA L 51 -20.98 35.85 34.77
CA ALA L 51 -21.39 37.19 35.16
C ALA L 51 -21.41 38.17 33.99
N SER L 52 -21.08 37.72 32.78
CA SER L 52 -21.07 38.61 31.62
C SER L 52 -21.31 37.91 30.29
N SER L 53 -21.58 36.61 30.27
CA SER L 53 -21.78 35.85 29.05
C SER L 53 -23.21 35.36 28.98
N LEU L 54 -23.87 35.61 27.85
CA LEU L 54 -25.26 35.20 27.68
C LEU L 54 -25.33 33.73 27.30
N GLN L 55 -26.13 32.96 28.04
CA GLN L 55 -26.30 31.55 27.73
C GLN L 55 -27.01 31.40 26.39
N ASN L 56 -26.66 30.33 25.68
CA ASN L 56 -27.26 30.06 24.38
C ASN L 56 -28.77 29.88 24.52
N GLY L 57 -29.52 30.56 23.65
CA GLY L 57 -30.96 30.51 23.67
C GLY L 57 -31.62 31.56 24.55
N VAL L 58 -30.88 32.18 25.46
CA VAL L 58 -31.46 33.21 26.33
C VAL L 58 -31.72 34.47 25.50
N PRO L 59 -32.84 35.17 25.68
CA PRO L 59 -33.04 36.42 24.95
C PRO L 59 -31.97 37.45 25.29
N SER L 60 -31.66 38.29 24.31
CA SER L 60 -30.58 39.27 24.44
C SER L 60 -30.93 40.42 25.37
N ARG L 61 -32.19 40.54 25.79
CA ARG L 61 -32.56 41.66 26.67
C ARG L 61 -31.81 41.59 28.01
N PHE L 62 -31.60 40.39 28.54
CA PHE L 62 -30.88 40.24 29.79
C PHE L 62 -29.40 40.53 29.59
N SER L 63 -28.76 41.08 30.63
CA SER L 63 -27.34 41.35 30.58
C SER L 63 -26.78 41.30 32.00
N GLY L 64 -25.48 41.03 32.09
CA GLY L 64 -24.80 40.98 33.37
C GLY L 64 -23.48 41.71 33.30
N SER L 65 -23.07 42.26 34.45
CA SER L 65 -21.84 43.03 34.52
C SER L 65 -21.30 42.98 35.94
N GLY L 66 -20.08 43.48 36.10
CA GLY L 66 -19.44 43.59 37.40
C GLY L 66 -18.29 42.61 37.55
N SER L 67 -17.72 42.64 38.75
CA SER L 67 -16.56 41.81 39.09
C SER L 67 -16.31 41.94 40.58
N GLY L 68 -15.27 41.24 41.05
CA GLY L 68 -14.86 41.32 42.44
C GLY L 68 -15.96 40.92 43.40
N THR L 69 -16.47 41.90 44.15
CA THR L 69 -17.55 41.69 45.12
C THR L 69 -18.80 42.50 44.77
N GLU L 70 -18.95 42.90 43.51
CA GLU L 70 -20.10 43.68 43.07
C GLU L 70 -20.49 43.22 41.67
N PHE L 71 -21.72 42.72 41.54
CA PHE L 71 -22.22 42.22 40.27
C PHE L 71 -23.64 42.74 40.07
N THR L 72 -24.05 42.86 38.81
CA THR L 72 -25.34 43.45 38.48
C THR L 72 -25.96 42.70 37.32
N LEU L 73 -27.26 42.44 37.45
CA LEU L 73 -28.12 41.94 36.37
C LEU L 73 -29.02 43.08 35.92
N THR L 74 -29.13 43.26 34.61
CA THR L 74 -29.99 44.28 34.03
C THR L 74 -30.91 43.64 32.99
N ILE L 75 -32.21 43.88 33.16
CA ILE L 75 -33.22 43.51 32.17
C ILE L 75 -33.63 44.80 31.47
N ARG L 76 -33.29 44.91 30.19
CA ARG L 76 -33.53 46.16 29.46
C ARG L 76 -35.02 46.33 29.14
N SER L 77 -35.68 45.27 28.68
CA SER L 77 -37.09 45.30 28.30
C SER L 77 -37.80 44.13 28.97
N LEU L 78 -38.41 44.39 30.12
CA LEU L 78 -39.10 43.34 30.86
C LEU L 78 -40.27 42.81 30.04
N GLN L 79 -40.50 41.51 30.14
CA GLN L 79 -41.52 40.80 29.39
C GLN L 79 -42.38 39.99 30.35
N PRO L 80 -43.58 39.57 29.93
CA PRO L 80 -44.43 38.78 30.83
C PRO L 80 -43.78 37.50 31.34
N GLU L 81 -42.92 36.88 30.53
CA GLU L 81 -42.23 35.66 30.95
C GLU L 81 -41.02 35.95 31.85
N ASP L 82 -40.62 37.21 32.01
CA ASP L 82 -39.46 37.55 32.82
C ASP L 82 -39.78 37.73 34.30
N PHE L 83 -41.05 37.66 34.69
CA PHE L 83 -41.43 37.84 36.09
C PHE L 83 -41.24 36.51 36.80
N ALA L 84 -40.16 36.41 37.57
CA ALA L 84 -39.80 35.19 38.27
C ALA L 84 -38.80 35.54 39.36
N THR L 85 -38.22 34.52 39.98
CA THR L 85 -37.24 34.69 41.05
C THR L 85 -35.84 34.59 40.46
N TYR L 86 -35.04 35.63 40.65
CA TYR L 86 -33.68 35.69 40.12
C TYR L 86 -32.69 35.38 41.24
N TYR L 87 -31.81 34.40 41.00
CA TYR L 87 -30.88 33.90 42.00
C TYR L 87 -29.45 34.16 41.55
N CYS L 88 -28.61 34.51 42.52
CA CYS L 88 -27.19 34.79 42.29
C CYS L 88 -26.37 33.71 42.98
N LEU L 89 -25.50 33.05 42.21
CA LEU L 89 -24.70 31.93 42.70
C LEU L 89 -23.22 32.23 42.50
N GLN L 90 -22.42 31.87 43.50
CA GLN L 90 -20.97 31.98 43.45
C GLN L 90 -20.35 30.61 43.60
N TYR L 91 -19.27 30.35 42.84
CA TYR L 91 -18.59 29.07 42.85
C TYR L 91 -17.07 29.22 42.84
N ASP L 92 -16.57 30.37 43.30
CA ASP L 92 -15.13 30.58 43.33
C ASP L 92 -14.45 29.64 44.32
N SER L 93 -15.00 29.54 45.53
CA SER L 93 -14.45 28.68 46.57
C SER L 93 -15.60 27.97 47.29
N TYR L 94 -15.35 26.73 47.66
CA TYR L 94 -16.37 25.96 48.36
C TYR L 94 -16.59 26.52 49.77
N PRO L 95 -17.80 26.38 50.33
CA PRO L 95 -19.03 25.80 49.76
C PRO L 95 -19.77 26.80 48.87
N TRP L 96 -20.58 26.34 47.93
CA TRP L 96 -21.40 27.24 47.15
C TRP L 96 -22.45 27.91 48.03
N THR L 97 -22.75 29.16 47.73
CA THR L 97 -23.72 29.95 48.49
C THR L 97 -24.66 30.65 47.52
N PHE L 98 -25.94 30.29 47.59
CA PHE L 98 -26.97 30.94 46.79
C PHE L 98 -27.50 32.16 47.53
N GLY L 99 -27.82 33.21 46.78
CA GLY L 99 -28.41 34.39 47.37
C GLY L 99 -29.85 34.17 47.78
N GLN L 100 -30.35 35.10 48.57
CA GLN L 100 -31.74 35.01 49.03
C GLN L 100 -32.72 35.09 47.87
N GLY L 101 -32.33 35.73 46.78
CA GLY L 101 -33.16 35.83 45.59
C GLY L 101 -33.97 37.10 45.56
N THR L 102 -34.24 37.58 44.36
CA THR L 102 -35.04 38.79 44.13
C THR L 102 -36.28 38.41 43.34
N THR L 103 -37.44 38.83 43.84
CA THR L 103 -38.72 38.51 43.23
C THR L 103 -39.20 39.69 42.40
N VAL L 104 -39.49 39.44 41.13
CA VAL L 104 -40.02 40.45 40.20
C VAL L 104 -41.46 40.09 39.90
N ASP L 105 -42.37 41.02 40.17
CA ASP L 105 -43.80 40.79 40.02
C ASP L 105 -44.41 41.87 39.12
N PHE L 106 -45.50 41.51 38.44
CA PHE L 106 -46.16 42.43 37.53
C PHE L 106 -46.86 43.54 38.29
N ARG L 107 -46.66 44.78 37.85
CA ARG L 107 -47.35 45.95 38.39
C ARG L 107 -48.50 46.29 37.44
N ARG L 108 -49.73 46.22 37.95
CA ARG L 108 -50.92 46.46 37.16
C ARG L 108 -51.89 47.34 37.95
N THR L 109 -52.91 47.83 37.25
CA THR L 109 -53.91 48.69 37.88
C THR L 109 -54.69 47.91 38.93
N VAL L 110 -55.15 48.64 39.95
CA VAL L 110 -55.91 48.03 41.04
C VAL L 110 -57.23 47.48 40.50
#